data_2KHH
#
_entry.id   2KHH
#
loop_
_entity.id
_entity.type
_entity.pdbx_description
1 polymer 'mRNA export factor MEX67'
2 polymer FxFG
#
loop_
_entity_poly.entity_id
_entity_poly.type
_entity_poly.pdbx_seq_one_letter_code
_entity_poly.pdbx_strand_id
1 'polypeptide(L)' GSRLNPVQLELLNKLHLETKLNAEYTFMLAEQSNWNYEVAIKGFQSSMNGIPREAFVQF A
2 'polypeptide(L)' DSGFSFGSK B
#
# COMPACT_ATOMS: atom_id res chain seq x y z
N ARG A 3 -2.50 -17.65 -1.01
CA ARG A 3 -1.37 -17.41 -0.08
C ARG A 3 -1.73 -16.28 0.89
N LEU A 4 -0.73 -15.72 1.54
CA LEU A 4 -0.96 -14.63 2.49
C LEU A 4 -1.80 -15.11 3.67
N ASN A 5 -1.69 -14.41 4.79
CA ASN A 5 -2.46 -14.79 5.98
C ASN A 5 -3.74 -13.95 6.06
N PRO A 6 -4.88 -14.56 6.26
CA PRO A 6 -6.17 -13.83 6.34
C PRO A 6 -6.04 -12.51 7.08
N VAL A 7 -5.05 -12.41 7.96
CA VAL A 7 -4.84 -11.17 8.71
C VAL A 7 -4.23 -10.13 7.80
N GLN A 8 -3.13 -10.51 7.16
CA GLN A 8 -2.45 -9.60 6.24
C GLN A 8 -3.41 -9.26 5.09
N LEU A 9 -4.18 -10.25 4.66
CA LEU A 9 -5.14 -10.05 3.58
C LEU A 9 -6.12 -8.96 3.99
N GLU A 10 -6.76 -9.15 5.14
CA GLU A 10 -7.72 -8.17 5.64
C GLU A 10 -7.05 -6.79 5.63
N LEU A 11 -5.80 -6.76 6.05
CA LEU A 11 -5.06 -5.50 6.07
C LEU A 11 -5.06 -4.91 4.66
N LEU A 12 -4.75 -5.74 3.66
CA LEU A 12 -4.74 -5.26 2.28
C LEU A 12 -6.07 -4.59 1.98
N ASN A 13 -7.16 -5.23 2.41
CA ASN A 13 -8.49 -4.68 2.18
C ASN A 13 -8.59 -3.28 2.77
N LYS A 14 -8.24 -3.14 4.04
CA LYS A 14 -8.29 -1.84 4.68
C LYS A 14 -7.38 -0.91 3.92
N LEU A 15 -6.25 -1.45 3.49
CA LEU A 15 -5.30 -0.67 2.74
C LEU A 15 -5.88 -0.29 1.38
N HIS A 16 -6.60 -1.21 0.75
CA HIS A 16 -7.21 -0.91 -0.53
C HIS A 16 -8.51 -0.16 -0.33
N LEU A 17 -8.92 -0.01 0.93
CA LEU A 17 -10.14 0.70 1.24
C LEU A 17 -9.82 2.01 1.95
N GLU A 18 -8.55 2.21 2.28
CA GLU A 18 -8.10 3.43 2.94
C GLU A 18 -7.23 4.25 2.00
N THR A 19 -6.29 3.58 1.33
CA THR A 19 -5.44 4.28 0.36
C THR A 19 -5.97 4.00 -1.04
N LYS A 20 -6.75 2.93 -1.13
CA LYS A 20 -7.35 2.54 -2.39
C LYS A 20 -6.38 2.73 -3.55
N LEU A 21 -5.08 2.59 -3.30
CA LEU A 21 -4.12 2.76 -4.39
C LEU A 21 -3.91 1.44 -5.12
N ASN A 22 -5.01 0.81 -5.49
CA ASN A 22 -4.96 -0.44 -6.23
C ASN A 22 -4.36 -1.56 -5.37
N ALA A 23 -5.13 -2.63 -5.20
CA ALA A 23 -4.68 -3.76 -4.39
C ALA A 23 -3.23 -4.11 -4.68
N GLU A 24 -2.99 -4.81 -5.78
CA GLU A 24 -1.62 -5.20 -6.15
C GLU A 24 -0.61 -4.22 -5.57
N TYR A 25 -0.78 -2.94 -5.91
CA TYR A 25 0.10 -1.91 -5.40
C TYR A 25 -0.07 -1.80 -3.89
N THR A 26 -1.33 -1.67 -3.45
CA THR A 26 -1.59 -1.57 -2.02
C THR A 26 -0.77 -2.63 -1.29
N PHE A 27 -0.73 -3.83 -1.85
CA PHE A 27 0.06 -4.90 -1.26
C PHE A 27 1.51 -4.46 -1.27
N MET A 28 1.97 -3.91 -2.40
CA MET A 28 3.34 -3.41 -2.47
C MET A 28 3.59 -2.55 -1.25
N LEU A 29 2.53 -1.91 -0.78
CA LEU A 29 2.61 -1.05 0.39
C LEU A 29 2.51 -1.87 1.68
N ALA A 30 1.76 -2.97 1.63
CA ALA A 30 1.60 -3.82 2.78
C ALA A 30 2.94 -4.45 3.09
N GLU A 31 3.81 -4.47 2.08
CA GLU A 31 5.12 -5.04 2.27
C GLU A 31 6.16 -3.94 2.46
N GLN A 32 6.01 -2.85 1.72
CA GLN A 32 6.93 -1.72 1.83
C GLN A 32 6.65 -0.96 3.11
N SER A 33 5.57 -1.33 3.78
CA SER A 33 5.19 -0.67 5.04
C SER A 33 5.43 -1.58 6.24
N ASN A 34 6.14 -2.68 6.02
CA ASN A 34 6.44 -3.62 7.10
C ASN A 34 5.17 -4.28 7.62
N TRP A 35 4.08 -4.15 6.88
CA TRP A 35 2.81 -4.74 7.28
C TRP A 35 2.35 -4.19 8.63
N ASN A 36 2.63 -2.92 8.89
CA ASN A 36 2.23 -2.31 10.15
C ASN A 36 0.76 -1.95 10.13
N TYR A 37 0.44 -0.97 9.30
CA TYR A 37 -0.91 -0.45 9.13
C TYR A 37 -0.81 1.05 9.20
N GLU A 38 -0.80 1.58 10.42
CA GLU A 38 -0.67 3.01 10.62
C GLU A 38 0.36 3.56 9.64
N VAL A 39 1.51 2.89 9.57
CA VAL A 39 2.55 3.32 8.65
C VAL A 39 2.11 3.02 7.23
N ALA A 40 1.42 1.89 7.05
CA ALA A 40 0.92 1.55 5.73
C ALA A 40 0.15 2.74 5.20
N ILE A 41 -0.97 3.03 5.85
CA ILE A 41 -1.78 4.19 5.51
C ILE A 41 -0.85 5.35 5.20
N LYS A 42 -0.15 5.82 6.23
CA LYS A 42 0.80 6.91 6.05
C LYS A 42 1.69 6.58 4.85
N GLY A 43 1.99 5.29 4.70
CA GLY A 43 2.81 4.84 3.59
C GLY A 43 2.28 5.43 2.29
N PHE A 44 1.01 5.15 2.00
CA PHE A 44 0.40 5.71 0.82
C PHE A 44 0.58 7.21 0.87
N GLN A 45 0.06 7.77 1.94
CA GLN A 45 0.16 9.22 2.16
C GLN A 45 1.63 9.64 2.27
N SER A 46 2.54 8.67 2.22
CA SER A 46 3.97 8.96 2.34
C SER A 46 4.55 9.42 1.01
N SER A 47 5.01 8.46 0.21
CA SER A 47 5.61 8.76 -1.08
C SER A 47 4.75 9.76 -1.85
N MET A 48 3.48 9.41 -2.07
CA MET A 48 2.56 10.27 -2.80
C MET A 48 3.29 11.29 -3.66
N ASN A 49 4.03 10.80 -4.64
CA ASN A 49 4.78 11.66 -5.53
C ASN A 49 5.38 10.84 -6.67
N GLY A 50 5.21 9.52 -6.59
CA GLY A 50 5.74 8.62 -7.61
C GLY A 50 4.69 7.58 -8.00
N ILE A 51 3.74 7.33 -7.09
CA ILE A 51 2.69 6.36 -7.38
C ILE A 51 1.96 6.75 -8.68
N PRO A 52 1.83 5.84 -9.61
CA PRO A 52 1.17 6.13 -10.93
C PRO A 52 -0.35 6.21 -10.83
N ARG A 53 -0.98 6.38 -12.00
CA ARG A 53 -2.42 6.46 -12.08
C ARG A 53 -3.01 5.06 -12.02
N GLU A 54 -2.16 4.07 -12.23
CA GLU A 54 -2.59 2.69 -12.20
C GLU A 54 -2.68 2.21 -10.76
N ALA A 55 -1.72 2.63 -9.96
CA ALA A 55 -1.71 2.25 -8.55
C ALA A 55 -2.71 3.11 -7.80
N PHE A 56 -2.73 4.40 -8.12
CA PHE A 56 -3.63 5.32 -7.46
C PHE A 56 -4.93 5.42 -8.27
N VAL A 57 -5.93 4.68 -7.83
CA VAL A 57 -7.23 4.66 -8.49
C VAL A 57 -8.23 5.57 -7.78
N GLN A 58 -8.31 6.82 -8.24
CA GLN A 58 -9.22 7.80 -7.66
C GLN A 58 -8.93 8.04 -6.17
N PHE A 59 -7.77 7.59 -5.71
CA PHE A 59 -7.39 7.78 -4.31
C PHE A 59 -5.91 8.14 -4.20
N ASP B 1 4.67 -3.77 -13.14
CA ASP B 1 5.95 -3.12 -12.75
C ASP B 1 6.09 -3.14 -11.23
N SER B 2 7.24 -2.69 -10.74
CA SER B 2 7.50 -2.66 -9.31
C SER B 2 8.67 -1.74 -8.98
N GLY B 3 9.30 -1.98 -7.83
CA GLY B 3 10.43 -1.16 -7.42
C GLY B 3 9.97 0.10 -6.69
N PHE B 4 8.66 0.32 -6.68
CA PHE B 4 8.09 1.48 -6.01
C PHE B 4 8.17 1.32 -4.49
N SER B 5 8.14 2.44 -3.77
CA SER B 5 8.22 2.41 -2.31
C SER B 5 7.27 3.43 -1.70
N PHE B 6 6.82 3.16 -0.46
CA PHE B 6 5.91 4.07 0.23
C PHE B 6 6.57 4.68 1.47
N GLY B 7 6.07 4.28 2.63
CA GLY B 7 6.59 4.80 3.90
C GLY B 7 8.10 5.02 3.82
N SER B 8 8.54 6.20 4.25
CA SER B 8 9.96 6.54 4.22
C SER B 8 10.80 5.35 4.68
N LYS B 9 11.29 4.58 3.73
CA LYS B 9 12.11 3.41 4.03
C LYS B 9 13.56 3.83 4.27
N ARG A 3 -0.55 -17.65 -0.05
CA ARG A 3 0.78 -17.05 0.17
C ARG A 3 0.66 -15.87 1.13
N LEU A 4 -0.54 -15.67 1.66
CA LEU A 4 -0.80 -14.57 2.59
C LEU A 4 -1.62 -15.06 3.78
N ASN A 5 -1.53 -14.35 4.90
CA ASN A 5 -2.28 -14.74 6.09
C ASN A 5 -3.58 -13.92 6.17
N PRO A 6 -4.69 -14.55 6.45
CA PRO A 6 -5.99 -13.85 6.53
C PRO A 6 -5.87 -12.50 7.24
N VAL A 7 -4.87 -12.36 8.10
CA VAL A 7 -4.67 -11.11 8.81
C VAL A 7 -4.08 -10.08 7.87
N GLN A 8 -2.98 -10.45 7.23
CA GLN A 8 -2.34 -9.55 6.29
C GLN A 8 -3.30 -9.25 5.15
N LEU A 9 -4.08 -10.26 4.76
CA LEU A 9 -5.06 -10.09 3.69
C LEU A 9 -6.06 -9.01 4.10
N GLU A 10 -6.68 -9.19 5.26
CA GLU A 10 -7.63 -8.22 5.76
C GLU A 10 -6.99 -6.84 5.75
N LEU A 11 -5.71 -6.79 6.09
CA LEU A 11 -4.98 -5.53 6.10
C LEU A 11 -5.01 -4.94 4.70
N LEU A 12 -4.75 -5.78 3.69
CA LEU A 12 -4.79 -5.31 2.31
C LEU A 12 -6.13 -4.67 2.02
N ASN A 13 -7.20 -5.32 2.49
CA ASN A 13 -8.54 -4.81 2.27
C ASN A 13 -8.68 -3.40 2.87
N LYS A 14 -8.25 -3.24 4.11
CA LYS A 14 -8.32 -1.94 4.75
C LYS A 14 -7.44 -0.99 3.97
N LEU A 15 -6.29 -1.51 3.55
CA LEU A 15 -5.37 -0.72 2.80
C LEU A 15 -5.96 -0.40 1.42
N HIS A 16 -6.65 -1.36 0.83
CA HIS A 16 -7.26 -1.15 -0.47
C HIS A 16 -8.53 -0.34 -0.30
N LEU A 17 -8.96 -0.17 0.95
CA LEU A 17 -10.18 0.59 1.23
C LEU A 17 -9.85 1.94 1.88
N GLU A 18 -8.59 2.14 2.23
CA GLU A 18 -8.18 3.39 2.86
C GLU A 18 -7.34 4.22 1.90
N THR A 19 -6.36 3.60 1.24
CA THR A 19 -5.55 4.32 0.28
C THR A 19 -6.07 4.00 -1.11
N LYS A 20 -6.74 2.86 -1.20
CA LYS A 20 -7.33 2.42 -2.45
C LYS A 20 -6.37 2.63 -3.63
N LEU A 21 -5.05 2.70 -3.38
CA LEU A 21 -4.13 2.88 -4.49
C LEU A 21 -3.92 1.55 -5.20
N ASN A 22 -5.04 0.94 -5.58
CA ASN A 22 -5.02 -0.34 -6.28
C ASN A 22 -4.44 -1.44 -5.40
N ALA A 23 -5.20 -2.52 -5.22
CA ALA A 23 -4.74 -3.63 -4.40
C ALA A 23 -3.29 -3.98 -4.69
N GLU A 24 -3.05 -4.64 -5.82
CA GLU A 24 -1.68 -5.03 -6.20
C GLU A 24 -0.68 -4.05 -5.61
N TYR A 25 -0.84 -2.77 -5.95
CA TYR A 25 0.05 -1.76 -5.43
C TYR A 25 -0.12 -1.64 -3.93
N THR A 26 -1.38 -1.54 -3.47
CA THR A 26 -1.64 -1.46 -2.03
C THR A 26 -0.82 -2.52 -1.32
N PHE A 27 -0.81 -3.73 -1.87
CA PHE A 27 -0.02 -4.78 -1.29
C PHE A 27 1.43 -4.34 -1.29
N MET A 28 1.88 -3.78 -2.43
CA MET A 28 3.25 -3.27 -2.50
C MET A 28 3.49 -2.42 -1.26
N LEU A 29 2.42 -1.77 -0.80
CA LEU A 29 2.52 -0.93 0.38
C LEU A 29 2.45 -1.77 1.65
N ALA A 30 1.73 -2.87 1.59
CA ALA A 30 1.60 -3.75 2.73
C ALA A 30 2.94 -4.36 3.03
N GLU A 31 3.80 -4.38 2.02
CA GLU A 31 5.12 -4.93 2.18
C GLU A 31 6.14 -3.81 2.40
N GLN A 32 6.01 -2.74 1.63
CA GLN A 32 6.93 -1.60 1.76
C GLN A 32 6.66 -0.91 3.08
N SER A 33 5.54 -1.26 3.72
CA SER A 33 5.19 -0.66 5.00
C SER A 33 5.39 -1.66 6.15
N ASN A 34 6.22 -2.67 5.90
CA ASN A 34 6.50 -3.68 6.92
C ASN A 34 5.22 -4.29 7.48
N TRP A 35 4.12 -4.14 6.75
CA TRP A 35 2.83 -4.69 7.18
C TRP A 35 2.42 -4.15 8.55
N ASN A 36 2.71 -2.89 8.82
CA ASN A 36 2.35 -2.30 10.11
C ASN A 36 0.87 -1.96 10.14
N TYR A 37 0.51 -1.01 9.29
CA TYR A 37 -0.85 -0.52 9.16
C TYR A 37 -0.78 0.99 9.27
N GLU A 38 -0.78 1.49 10.49
CA GLU A 38 -0.67 2.93 10.71
C GLU A 38 0.33 3.51 9.72
N VAL A 39 1.51 2.88 9.65
CA VAL A 39 2.53 3.35 8.72
C VAL A 39 2.07 3.06 7.30
N ALA A 40 1.42 1.92 7.09
CA ALA A 40 0.93 1.59 5.78
C ALA A 40 0.11 2.77 5.27
N ILE A 41 -1.03 2.99 5.92
CA ILE A 41 -1.88 4.13 5.60
C ILE A 41 -1.01 5.33 5.29
N LYS A 42 -0.22 5.73 6.29
CA LYS A 42 0.69 6.84 6.11
C LYS A 42 1.49 6.59 4.83
N GLY A 43 2.04 5.38 4.73
CA GLY A 43 2.80 4.97 3.57
C GLY A 43 2.14 5.51 2.30
N PHE A 44 0.91 5.06 2.05
CA PHE A 44 0.18 5.54 0.89
C PHE A 44 0.31 7.03 0.85
N GLN A 45 -0.26 7.68 1.85
CA GLN A 45 -0.18 9.13 1.93
C GLN A 45 1.19 9.58 2.44
N SER A 46 2.22 8.80 2.12
CA SER A 46 3.60 9.14 2.52
C SER A 46 4.40 9.58 1.31
N SER A 47 4.80 8.60 0.50
CA SER A 47 5.58 8.87 -0.69
C SER A 47 4.89 9.92 -1.56
N MET A 48 3.73 9.56 -2.10
CA MET A 48 2.96 10.48 -2.94
C MET A 48 3.90 11.39 -3.73
N ASN A 49 4.56 10.81 -4.72
CA ASN A 49 5.49 11.55 -5.56
C ASN A 49 6.03 10.65 -6.66
N GLY A 50 5.61 9.39 -6.63
CA GLY A 50 6.05 8.42 -7.63
C GLY A 50 4.93 7.44 -7.96
N ILE A 51 4.02 7.23 -7.01
CA ILE A 51 2.90 6.30 -7.24
C ILE A 51 2.23 6.66 -8.58
N PRO A 52 1.93 5.69 -9.41
CA PRO A 52 1.32 5.93 -10.74
C PRO A 52 -0.19 6.10 -10.71
N ARG A 53 -0.76 6.35 -11.89
CA ARG A 53 -2.19 6.50 -12.03
C ARG A 53 -2.85 5.14 -12.00
N GLU A 54 -2.06 4.11 -12.30
CA GLU A 54 -2.57 2.75 -12.30
C GLU A 54 -2.84 2.32 -10.86
N ALA A 55 -1.91 2.64 -9.98
CA ALA A 55 -2.07 2.32 -8.59
C ALA A 55 -3.17 3.19 -8.01
N PHE A 56 -3.11 4.48 -8.34
CA PHE A 56 -4.10 5.44 -7.88
C PHE A 56 -5.42 5.23 -8.61
N VAL A 57 -6.26 4.38 -8.07
CA VAL A 57 -7.56 4.11 -8.66
C VAL A 57 -8.56 5.21 -8.30
N GLN A 58 -8.06 6.44 -8.24
CA GLN A 58 -8.90 7.60 -7.91
C GLN A 58 -8.98 7.81 -6.40
N PHE A 59 -7.86 7.60 -5.70
CA PHE A 59 -7.82 7.76 -4.26
C PHE A 59 -6.47 8.32 -3.83
N ASP B 1 12.98 -5.81 -4.93
CA ASP B 1 12.64 -4.95 -6.09
C ASP B 1 12.47 -3.51 -5.62
N SER B 2 13.35 -2.63 -6.06
CA SER B 2 13.29 -1.22 -5.67
C SER B 2 12.36 -0.45 -6.61
N GLY B 3 11.36 -1.14 -7.14
CA GLY B 3 10.41 -0.52 -8.05
C GLY B 3 9.86 0.78 -7.45
N PHE B 4 8.97 0.64 -6.47
CA PHE B 4 8.37 1.80 -5.82
C PHE B 4 8.37 1.60 -4.29
N SER B 5 8.26 2.71 -3.56
CA SER B 5 8.25 2.65 -2.10
C SER B 5 7.25 3.65 -1.53
N PHE B 6 6.76 3.36 -0.33
CA PHE B 6 5.79 4.25 0.32
C PHE B 6 6.39 4.89 1.57
N GLY B 7 5.87 4.49 2.74
CA GLY B 7 6.36 5.03 4.00
C GLY B 7 7.88 5.05 4.03
N SER B 8 8.43 5.70 5.05
CA SER B 8 9.88 5.79 5.18
C SER B 8 10.46 4.44 5.60
N LYS B 9 11.68 4.16 5.13
CA LYS B 9 12.34 2.91 5.46
C LYS B 9 13.86 3.04 5.31
N ARG A 3 -2.96 -17.84 -0.76
CA ARG A 3 -1.66 -17.31 -0.27
C ARG A 3 -1.92 -16.19 0.72
N LEU A 4 -0.84 -15.67 1.31
CA LEU A 4 -0.96 -14.59 2.28
C LEU A 4 -1.78 -15.05 3.50
N ASN A 5 -1.58 -14.39 4.63
CA ASN A 5 -2.31 -14.76 5.84
C ASN A 5 -3.60 -13.96 5.95
N PRO A 6 -4.71 -14.59 6.23
CA PRO A 6 -6.01 -13.90 6.35
C PRO A 6 -5.90 -12.57 7.09
N VAL A 7 -4.89 -12.45 7.95
CA VAL A 7 -4.69 -11.22 8.70
C VAL A 7 -4.13 -10.15 7.77
N GLN A 8 -3.04 -10.50 7.11
CA GLN A 8 -2.42 -9.58 6.17
C GLN A 8 -3.40 -9.25 5.05
N LEU A 9 -4.14 -10.27 4.62
CA LEU A 9 -5.14 -10.08 3.57
C LEU A 9 -6.12 -9.01 4.01
N GLU A 10 -6.70 -9.20 5.19
CA GLU A 10 -7.65 -8.22 5.71
C GLU A 10 -7.01 -6.84 5.67
N LEU A 11 -5.74 -6.78 6.07
CA LEU A 11 -5.01 -5.52 6.06
C LEU A 11 -5.06 -4.94 4.65
N LEU A 12 -4.71 -5.75 3.65
CA LEU A 12 -4.74 -5.28 2.26
C LEU A 12 -6.09 -4.64 2.00
N ASN A 13 -7.15 -5.28 2.48
CA ASN A 13 -8.50 -4.76 2.29
C ASN A 13 -8.63 -3.36 2.88
N LYS A 14 -8.29 -3.23 4.16
CA LYS A 14 -8.36 -1.94 4.82
C LYS A 14 -7.47 -0.98 4.07
N LEU A 15 -6.36 -1.51 3.58
CA LEU A 15 -5.43 -0.71 2.84
C LEU A 15 -6.02 -0.33 1.48
N HIS A 16 -6.65 -1.29 0.80
CA HIS A 16 -7.26 -1.00 -0.48
C HIS A 16 -8.55 -0.24 -0.27
N LEU A 17 -8.95 -0.08 0.99
CA LEU A 17 -10.17 0.64 1.31
C LEU A 17 -9.84 1.97 1.96
N GLU A 18 -8.57 2.15 2.34
CA GLU A 18 -8.14 3.40 2.96
C GLU A 18 -7.30 4.22 1.99
N THR A 19 -6.34 3.57 1.32
CA THR A 19 -5.51 4.28 0.35
C THR A 19 -6.04 3.96 -1.04
N LYS A 20 -6.82 2.88 -1.10
CA LYS A 20 -7.42 2.47 -2.35
C LYS A 20 -6.46 2.66 -3.52
N LEU A 21 -5.16 2.63 -3.27
CA LEU A 21 -4.21 2.80 -4.38
C LEU A 21 -4.00 1.48 -5.12
N ASN A 22 -5.10 0.85 -5.49
CA ASN A 22 -5.05 -0.41 -6.23
C ASN A 22 -4.44 -1.52 -5.38
N ALA A 23 -5.19 -2.61 -5.24
CA ALA A 23 -4.73 -3.75 -4.44
C ALA A 23 -3.27 -4.07 -4.73
N GLU A 24 -3.03 -4.75 -5.85
CA GLU A 24 -1.66 -5.11 -6.22
C GLU A 24 -0.66 -4.13 -5.61
N TYR A 25 -0.83 -2.86 -5.92
CA TYR A 25 0.04 -1.83 -5.39
C TYR A 25 -0.17 -1.72 -3.88
N THR A 26 -1.42 -1.62 -3.44
CA THR A 26 -1.69 -1.54 -2.01
C THR A 26 -0.86 -2.59 -1.30
N PHE A 27 -0.78 -3.78 -1.88
CA PHE A 27 0.02 -4.84 -1.30
C PHE A 27 1.46 -4.35 -1.30
N MET A 28 1.91 -3.82 -2.44
CA MET A 28 3.27 -3.29 -2.52
C MET A 28 3.52 -2.45 -1.28
N LEU A 29 2.45 -1.82 -0.79
CA LEU A 29 2.53 -0.98 0.38
C LEU A 29 2.44 -1.81 1.66
N ALA A 30 1.69 -2.91 1.60
CA ALA A 30 1.55 -3.77 2.76
C ALA A 30 2.89 -4.41 3.04
N GLU A 31 3.76 -4.39 2.04
CA GLU A 31 5.08 -4.96 2.21
C GLU A 31 6.12 -3.86 2.40
N GLN A 32 5.95 -2.76 1.66
CA GLN A 32 6.88 -1.64 1.78
C GLN A 32 6.61 -0.88 3.07
N SER A 33 5.51 -1.24 3.74
CA SER A 33 5.14 -0.58 4.99
C SER A 33 5.42 -1.47 6.19
N ASN A 34 6.16 -2.55 5.97
CA ASN A 34 6.50 -3.47 7.06
C ASN A 34 5.25 -4.20 7.57
N TRP A 35 4.17 -4.13 6.80
CA TRP A 35 2.92 -4.79 7.18
C TRP A 35 2.41 -4.27 8.53
N ASN A 36 2.63 -2.99 8.81
CA ASN A 36 2.16 -2.41 10.07
C ASN A 36 0.69 -2.08 9.99
N TYR A 37 0.39 -1.01 9.27
CA TYR A 37 -0.96 -0.52 9.09
C TYR A 37 -0.88 0.99 9.18
N GLU A 38 -0.87 1.50 10.41
CA GLU A 38 -0.74 2.94 10.63
C GLU A 38 0.29 3.50 9.65
N VAL A 39 1.46 2.86 9.60
CA VAL A 39 2.50 3.31 8.70
C VAL A 39 2.06 3.07 7.27
N ALA A 40 1.38 1.94 7.05
CA ALA A 40 0.89 1.64 5.72
C ALA A 40 0.12 2.86 5.22
N ILE A 41 -1.01 3.10 5.86
CA ILE A 41 -1.83 4.28 5.54
C ILE A 41 -0.90 5.44 5.24
N LYS A 42 -0.10 5.83 6.23
CA LYS A 42 0.86 6.90 6.04
C LYS A 42 1.63 6.61 4.76
N GLY A 43 2.11 5.38 4.65
CA GLY A 43 2.84 4.94 3.46
C GLY A 43 2.18 5.50 2.21
N PHE A 44 0.95 5.09 1.96
CA PHE A 44 0.23 5.60 0.81
C PHE A 44 0.41 7.10 0.75
N GLN A 45 -0.14 7.75 1.75
CA GLN A 45 -0.03 9.20 1.83
C GLN A 45 1.37 9.62 2.27
N SER A 46 2.36 8.75 2.02
CA SER A 46 3.75 9.05 2.38
C SER A 46 4.53 9.48 1.13
N SER A 47 4.91 8.49 0.33
CA SER A 47 5.65 8.76 -0.90
C SER A 47 4.90 9.78 -1.74
N MET A 48 3.66 9.46 -2.09
CA MET A 48 2.82 10.34 -2.90
C MET A 48 3.68 11.30 -3.72
N ASN A 49 4.39 10.76 -4.69
CA ASN A 49 5.25 11.55 -5.55
C ASN A 49 5.82 10.67 -6.65
N GLY A 50 5.43 9.39 -6.63
CA GLY A 50 5.88 8.44 -7.63
C GLY A 50 4.78 7.45 -7.98
N ILE A 51 3.85 7.24 -7.04
CA ILE A 51 2.75 6.31 -7.29
C ILE A 51 2.07 6.68 -8.62
N PRO A 52 1.92 5.74 -9.52
CA PRO A 52 1.30 6.00 -10.86
C PRO A 52 -0.22 6.13 -10.82
N ARG A 53 -0.78 6.35 -12.01
CA ARG A 53 -2.22 6.48 -12.14
C ARG A 53 -2.87 5.11 -12.11
N GLU A 54 -2.04 4.08 -12.20
CA GLU A 54 -2.52 2.71 -12.19
C GLU A 54 -2.66 2.22 -10.76
N ALA A 55 -1.74 2.67 -9.91
CA ALA A 55 -1.78 2.29 -8.52
C ALA A 55 -2.80 3.13 -7.80
N PHE A 56 -2.79 4.42 -8.09
CA PHE A 56 -3.74 5.34 -7.47
C PHE A 56 -5.02 5.39 -8.30
N VAL A 57 -6.00 4.60 -7.88
CA VAL A 57 -7.27 4.52 -8.58
C VAL A 57 -8.33 5.42 -7.92
N GLN A 58 -8.23 6.72 -8.19
CA GLN A 58 -9.18 7.69 -7.65
C GLN A 58 -8.92 7.97 -6.17
N PHE A 59 -7.79 7.49 -5.66
CA PHE A 59 -7.45 7.72 -4.25
C PHE A 59 -5.98 8.11 -4.13
N ASP B 1 13.37 -6.67 -6.01
CA ASP B 1 12.83 -5.63 -6.93
C ASP B 1 12.85 -4.28 -6.23
N SER B 2 12.03 -4.15 -5.20
CA SER B 2 11.96 -2.90 -4.45
C SER B 2 11.67 -1.73 -5.39
N GLY B 3 10.97 -2.01 -6.48
CA GLY B 3 10.63 -0.98 -7.44
C GLY B 3 10.13 0.29 -6.74
N PHE B 4 8.81 0.40 -6.61
CA PHE B 4 8.21 1.56 -5.96
C PHE B 4 8.32 1.43 -4.44
N SER B 5 8.08 2.53 -3.73
CA SER B 5 8.17 2.54 -2.28
C SER B 5 7.19 3.55 -1.67
N PHE B 6 6.72 3.27 -0.46
CA PHE B 6 5.79 4.15 0.23
C PHE B 6 6.42 4.77 1.47
N GLY B 7 5.91 4.39 2.64
CA GLY B 7 6.42 4.91 3.90
C GLY B 7 7.95 4.95 3.89
N SER B 8 8.56 3.91 4.43
CA SER B 8 10.02 3.84 4.48
C SER B 8 10.60 3.62 3.08
N LYS B 9 11.90 3.35 3.02
CA LYS B 9 12.55 3.12 1.74
C LYS B 9 12.25 4.27 0.77
N ARG A 3 -2.51 -18.54 0.18
CA ARG A 3 -1.56 -17.42 -0.06
C ARG A 3 -1.88 -16.28 0.90
N LEU A 4 -0.84 -15.69 1.48
CA LEU A 4 -1.01 -14.59 2.42
C LEU A 4 -1.84 -15.05 3.62
N ASN A 5 -1.67 -14.39 4.75
CA ASN A 5 -2.41 -14.75 5.96
C ASN A 5 -3.69 -13.92 6.06
N PRO A 6 -4.81 -14.54 6.31
CA PRO A 6 -6.10 -13.82 6.41
C PRO A 6 -5.96 -12.48 7.12
N VAL A 7 -4.95 -12.36 7.98
CA VAL A 7 -4.72 -11.12 8.71
C VAL A 7 -4.13 -10.09 7.76
N GLN A 8 -3.04 -10.47 7.12
CA GLN A 8 -2.38 -9.58 6.18
C GLN A 8 -3.34 -9.26 5.04
N LEU A 9 -4.14 -10.25 4.66
CA LEU A 9 -5.12 -10.06 3.60
C LEU A 9 -6.11 -8.97 4.01
N GLU A 10 -6.72 -9.15 5.18
CA GLU A 10 -7.66 -8.16 5.68
C GLU A 10 -7.01 -6.79 5.66
N LEU A 11 -5.72 -6.76 6.00
CA LEU A 11 -4.99 -5.50 5.98
C LEU A 11 -5.03 -4.93 4.57
N LEU A 12 -4.70 -5.74 3.58
CA LEU A 12 -4.74 -5.29 2.19
C LEU A 12 -6.08 -4.64 1.90
N ASN A 13 -7.15 -5.26 2.38
CA ASN A 13 -8.48 -4.73 2.16
C ASN A 13 -8.62 -3.34 2.81
N LYS A 14 -8.27 -3.26 4.08
CA LYS A 14 -8.34 -1.99 4.78
C LYS A 14 -7.45 -1.00 4.06
N LEU A 15 -6.33 -1.52 3.57
CA LEU A 15 -5.42 -0.70 2.84
C LEU A 15 -6.01 -0.31 1.49
N HIS A 16 -6.65 -1.28 0.82
CA HIS A 16 -7.26 -0.98 -0.47
C HIS A 16 -8.55 -0.21 -0.24
N LEU A 17 -8.93 -0.05 1.01
CA LEU A 17 -10.15 0.67 1.34
C LEU A 17 -9.82 2.02 1.98
N GLU A 18 -8.55 2.19 2.36
CA GLU A 18 -8.12 3.44 2.99
C GLU A 18 -7.28 4.26 2.00
N THR A 19 -6.33 3.61 1.34
CA THR A 19 -5.51 4.31 0.35
C THR A 19 -6.05 3.99 -1.03
N LYS A 20 -6.81 2.90 -1.08
CA LYS A 20 -7.42 2.47 -2.33
C LYS A 20 -6.47 2.66 -3.50
N LEU A 21 -5.15 2.62 -3.25
CA LEU A 21 -4.22 2.79 -4.35
C LEU A 21 -3.99 1.47 -5.09
N ASN A 22 -5.09 0.84 -5.47
CA ASN A 22 -5.04 -0.42 -6.20
C ASN A 22 -4.43 -1.52 -5.36
N ALA A 23 -5.15 -2.63 -5.20
CA ALA A 23 -4.69 -3.75 -4.41
C ALA A 23 -3.22 -4.06 -4.71
N GLU A 24 -2.96 -4.74 -5.83
CA GLU A 24 -1.60 -5.10 -6.21
C GLU A 24 -0.60 -4.10 -5.60
N TYR A 25 -0.81 -2.83 -5.90
CA TYR A 25 0.06 -1.79 -5.36
C TYR A 25 -0.15 -1.69 -3.86
N THR A 26 -1.40 -1.61 -3.42
CA THR A 26 -1.68 -1.51 -1.99
C THR A 26 -0.84 -2.56 -1.27
N PHE A 27 -0.76 -3.75 -1.86
CA PHE A 27 0.06 -4.80 -1.27
C PHE A 27 1.50 -4.32 -1.28
N MET A 28 1.94 -3.78 -2.43
CA MET A 28 3.29 -3.25 -2.51
C MET A 28 3.54 -2.41 -1.27
N LEU A 29 2.48 -1.79 -0.78
CA LEU A 29 2.55 -0.95 0.40
C LEU A 29 2.48 -1.81 1.68
N ALA A 30 1.72 -2.89 1.62
CA ALA A 30 1.57 -3.77 2.76
C ALA A 30 2.91 -4.40 3.05
N GLU A 31 3.79 -4.37 2.05
CA GLU A 31 5.11 -4.94 2.20
C GLU A 31 6.14 -3.82 2.40
N GLN A 32 5.98 -2.73 1.66
CA GLN A 32 6.90 -1.61 1.78
C GLN A 32 6.63 -0.88 3.08
N SER A 33 5.55 -1.28 3.75
CA SER A 33 5.18 -0.65 5.03
C SER A 33 5.38 -1.64 6.19
N ASN A 34 6.20 -2.65 5.96
CA ASN A 34 6.48 -3.65 6.99
C ASN A 34 5.19 -4.29 7.52
N TRP A 35 4.11 -4.15 6.76
CA TRP A 35 2.83 -4.73 7.16
C TRP A 35 2.37 -4.20 8.52
N ASN A 36 2.55 -2.91 8.77
CA ASN A 36 2.12 -2.34 10.04
C ASN A 36 0.65 -2.00 10.01
N TYR A 37 0.34 -0.94 9.26
CA TYR A 37 -1.01 -0.45 9.10
C TYR A 37 -0.94 1.06 9.21
N GLU A 38 -0.94 1.55 10.45
CA GLU A 38 -0.81 2.98 10.69
C GLU A 38 0.22 3.55 9.72
N VAL A 39 1.38 2.90 9.64
CA VAL A 39 2.41 3.35 8.73
C VAL A 39 1.97 3.07 7.30
N ALA A 40 1.36 1.92 7.08
CA ALA A 40 0.88 1.58 5.76
C ALA A 40 0.11 2.78 5.23
N ILE A 41 -1.03 3.07 5.86
CA ILE A 41 -1.83 4.22 5.52
C ILE A 41 -0.89 5.38 5.25
N LYS A 42 -0.09 5.70 6.26
CA LYS A 42 0.89 6.77 6.14
C LYS A 42 1.69 6.55 4.86
N GLY A 43 2.11 5.30 4.67
CA GLY A 43 2.85 4.92 3.48
C GLY A 43 2.19 5.52 2.24
N PHE A 44 0.96 5.10 1.98
CA PHE A 44 0.24 5.63 0.83
C PHE A 44 0.42 7.13 0.81
N GLN A 45 -0.13 7.76 1.82
CA GLN A 45 -0.03 9.22 1.94
C GLN A 45 1.39 9.64 2.32
N SER A 46 2.37 8.75 2.11
CA SER A 46 3.77 9.05 2.43
C SER A 46 4.49 9.49 1.15
N SER A 47 4.93 8.52 0.37
CA SER A 47 5.64 8.80 -0.88
C SER A 47 4.86 9.83 -1.70
N MET A 48 3.66 9.45 -2.13
CA MET A 48 2.81 10.34 -2.92
C MET A 48 3.67 11.30 -3.76
N ASN A 49 4.39 10.74 -4.72
CA ASN A 49 5.25 11.53 -5.58
C ASN A 49 5.80 10.65 -6.69
N GLY A 50 5.41 9.38 -6.67
CA GLY A 50 5.87 8.42 -7.67
C GLY A 50 4.76 7.43 -8.02
N ILE A 51 3.81 7.25 -7.10
CA ILE A 51 2.72 6.32 -7.34
C ILE A 51 2.00 6.70 -8.65
N PRO A 52 1.86 5.78 -9.56
CA PRO A 52 1.22 6.05 -10.89
C PRO A 52 -0.30 6.15 -10.81
N ARG A 53 -0.91 6.32 -11.99
CA ARG A 53 -2.36 6.41 -12.09
C ARG A 53 -2.96 5.01 -12.03
N GLU A 54 -2.11 4.01 -12.23
CA GLU A 54 -2.55 2.63 -12.20
C GLU A 54 -2.65 2.15 -10.77
N ALA A 55 -1.73 2.63 -9.94
CA ALA A 55 -1.73 2.26 -8.53
C ALA A 55 -2.75 3.10 -7.80
N PHE A 56 -2.78 4.38 -8.12
CA PHE A 56 -3.71 5.30 -7.49
C PHE A 56 -5.00 5.36 -8.31
N VAL A 57 -5.99 4.59 -7.87
CA VAL A 57 -7.27 4.52 -8.54
C VAL A 57 -8.30 5.44 -7.87
N GLN A 58 -8.30 6.71 -8.28
CA GLN A 58 -9.25 7.68 -7.74
C GLN A 58 -8.98 7.96 -6.26
N PHE A 59 -7.85 7.48 -5.75
CA PHE A 59 -7.50 7.70 -4.35
C PHE A 59 -6.04 8.10 -4.22
N ASP B 1 15.03 -5.82 -9.18
CA ASP B 1 15.01 -4.74 -10.21
C ASP B 1 14.26 -3.53 -9.66
N SER B 2 14.82 -2.92 -8.62
CA SER B 2 14.19 -1.75 -8.01
C SER B 2 12.72 -2.02 -7.70
N GLY B 3 11.97 -0.96 -7.47
CA GLY B 3 10.55 -1.10 -7.16
C GLY B 3 10.04 0.12 -6.40
N PHE B 4 8.78 0.47 -6.64
CA PHE B 4 8.18 1.63 -5.98
C PHE B 4 8.30 1.50 -4.46
N SER B 5 8.10 2.61 -3.74
CA SER B 5 8.19 2.60 -2.28
C SER B 5 7.20 3.61 -1.68
N PHE B 6 6.75 3.33 -0.46
CA PHE B 6 5.80 4.20 0.23
C PHE B 6 6.43 4.83 1.47
N GLY B 7 5.98 4.39 2.64
CA GLY B 7 6.49 4.90 3.90
C GLY B 7 7.99 4.71 4.00
N SER B 8 8.44 4.11 5.10
CA SER B 8 9.86 3.86 5.32
C SER B 8 10.23 2.45 4.91
N LYS B 9 11.53 2.15 4.91
CA LYS B 9 12.00 0.82 4.54
C LYS B 9 13.44 0.62 5.01
N ARG A 3 1.33 -18.47 0.77
CA ARG A 3 0.10 -17.65 0.60
C ARG A 3 0.07 -16.55 1.65
N LEU A 4 -0.93 -15.68 1.58
CA LEU A 4 -1.06 -14.58 2.52
C LEU A 4 -1.87 -15.04 3.73
N ASN A 5 -1.68 -14.34 4.86
CA ASN A 5 -2.42 -14.71 6.08
C ASN A 5 -3.70 -13.87 6.17
N PRO A 6 -4.82 -14.48 6.46
CA PRO A 6 -6.11 -13.76 6.56
C PRO A 6 -5.96 -12.42 7.27
N VAL A 7 -4.94 -12.30 8.10
CA VAL A 7 -4.71 -11.04 8.81
C VAL A 7 -4.11 -10.02 7.86
N GLN A 8 -3.02 -10.41 7.21
CA GLN A 8 -2.37 -9.52 6.26
C GLN A 8 -3.34 -9.22 5.12
N LEU A 9 -4.16 -10.21 4.78
CA LEU A 9 -5.15 -10.03 3.71
C LEU A 9 -6.13 -8.93 4.13
N GLU A 10 -6.74 -9.10 5.30
CA GLU A 10 -7.67 -8.11 5.79
C GLU A 10 -7.01 -6.74 5.75
N LEU A 11 -5.72 -6.71 6.09
CA LEU A 11 -4.97 -5.47 6.07
C LEU A 11 -5.02 -4.89 4.64
N LEU A 12 -4.72 -5.72 3.65
CA LEU A 12 -4.77 -5.26 2.26
C LEU A 12 -6.12 -4.61 1.99
N ASN A 13 -7.18 -5.24 2.47
CA ASN A 13 -8.52 -4.70 2.27
C ASN A 13 -8.62 -3.29 2.86
N LYS A 14 -8.26 -3.16 4.13
CA LYS A 14 -8.31 -1.86 4.77
C LYS A 14 -7.41 -0.92 4.00
N LEU A 15 -6.29 -1.47 3.55
CA LEU A 15 -5.35 -0.68 2.79
C LEU A 15 -5.95 -0.30 1.43
N HIS A 16 -6.64 -1.24 0.80
CA HIS A 16 -7.26 -0.95 -0.48
C HIS A 16 -8.54 -0.17 -0.26
N LEU A 17 -8.92 0.00 1.00
CA LEU A 17 -10.13 0.72 1.33
C LEU A 17 -9.79 2.05 2.00
N GLU A 18 -8.52 2.24 2.33
CA GLU A 18 -8.06 3.48 2.96
C GLU A 18 -7.21 4.29 1.99
N THR A 19 -6.30 3.61 1.30
CA THR A 19 -5.45 4.28 0.32
C THR A 19 -5.97 3.96 -1.06
N LYS A 20 -6.78 2.91 -1.12
CA LYS A 20 -7.38 2.49 -2.38
C LYS A 20 -6.42 2.67 -3.56
N LEU A 21 -5.11 2.58 -3.31
CA LEU A 21 -4.17 2.74 -4.43
C LEU A 21 -3.96 1.42 -5.14
N ASN A 22 -5.06 0.79 -5.53
CA ASN A 22 -5.01 -0.46 -6.27
C ASN A 22 -4.40 -1.57 -5.42
N ALA A 23 -5.17 -2.65 -5.22
CA ALA A 23 -4.71 -3.77 -4.42
C ALA A 23 -3.25 -4.11 -4.72
N GLU A 24 -3.01 -4.76 -5.85
CA GLU A 24 -1.65 -5.13 -6.24
C GLU A 24 -0.64 -4.16 -5.63
N TYR A 25 -0.81 -2.89 -5.96
CA TYR A 25 0.07 -1.87 -5.42
C TYR A 25 -0.13 -1.76 -3.91
N THR A 26 -1.38 -1.65 -3.48
CA THR A 26 -1.66 -1.56 -2.05
C THR A 26 -0.83 -2.61 -1.32
N PHE A 27 -0.78 -3.81 -1.89
CA PHE A 27 0.02 -4.87 -1.29
C PHE A 27 1.47 -4.41 -1.31
N MET A 28 1.91 -3.86 -2.45
CA MET A 28 3.27 -3.35 -2.53
C MET A 28 3.53 -2.50 -1.29
N LEU A 29 2.47 -1.86 -0.82
CA LEU A 29 2.55 -1.02 0.36
C LEU A 29 2.47 -1.85 1.63
N ALA A 30 1.71 -2.95 1.57
CA ALA A 30 1.57 -3.82 2.73
C ALA A 30 2.90 -4.46 3.02
N GLU A 31 3.77 -4.46 2.01
CA GLU A 31 5.10 -5.03 2.17
C GLU A 31 6.13 -3.93 2.37
N GLN A 32 5.97 -2.84 1.63
CA GLN A 32 6.89 -1.72 1.75
C GLN A 32 6.63 -0.95 3.04
N SER A 33 5.54 -1.32 3.70
CA SER A 33 5.17 -0.66 4.96
C SER A 33 5.43 -1.58 6.16
N ASN A 34 6.16 -2.66 5.94
CA ASN A 34 6.47 -3.59 7.02
C ASN A 34 5.20 -4.29 7.52
N TRP A 35 4.12 -4.17 6.75
CA TRP A 35 2.85 -4.79 7.13
C TRP A 35 2.35 -4.25 8.47
N ASN A 36 2.68 -3.00 8.78
CA ASN A 36 2.24 -2.40 10.04
C ASN A 36 0.75 -2.08 9.99
N TYR A 37 0.44 -1.04 9.24
CA TYR A 37 -0.92 -0.56 9.07
C TYR A 37 -0.86 0.95 9.17
N GLU A 38 -0.85 1.46 10.38
CA GLU A 38 -0.74 2.90 10.60
C GLU A 38 0.28 3.47 9.63
N VAL A 39 1.44 2.83 9.55
CA VAL A 39 2.48 3.27 8.63
C VAL A 39 2.04 2.98 7.21
N ALA A 40 1.38 1.85 7.02
CA ALA A 40 0.89 1.51 5.70
C ALA A 40 0.10 2.69 5.16
N ILE A 41 -1.01 2.96 5.82
CA ILE A 41 -1.83 4.11 5.47
C ILE A 41 -0.91 5.28 5.18
N LYS A 42 -0.21 5.73 6.23
CA LYS A 42 0.73 6.82 6.07
C LYS A 42 1.63 6.53 4.87
N GLY A 43 1.93 5.25 4.69
CA GLY A 43 2.75 4.82 3.55
C GLY A 43 2.20 5.45 2.28
N PHE A 44 0.96 5.14 1.97
CA PHE A 44 0.34 5.72 0.80
C PHE A 44 0.53 7.21 0.88
N GLN A 45 0.03 7.76 1.98
CA GLN A 45 0.15 9.20 2.22
C GLN A 45 1.63 9.61 2.30
N SER A 46 2.53 8.62 2.22
CA SER A 46 3.96 8.90 2.31
C SER A 46 4.53 9.31 0.94
N SER A 47 4.98 8.32 0.18
CA SER A 47 5.55 8.59 -1.14
C SER A 47 4.72 9.63 -1.89
N MET A 48 3.43 9.36 -2.04
CA MET A 48 2.53 10.26 -2.75
C MET A 48 3.30 11.30 -3.56
N ASN A 49 4.10 10.81 -4.50
CA ASN A 49 4.90 11.68 -5.34
C ASN A 49 5.51 10.87 -6.48
N GLY A 50 5.19 9.58 -6.51
CA GLY A 50 5.70 8.68 -7.54
C GLY A 50 4.65 7.66 -7.93
N ILE A 51 3.75 7.35 -7.01
CA ILE A 51 2.69 6.37 -7.28
C ILE A 51 2.01 6.74 -8.61
N PRO A 52 1.91 5.81 -9.54
CA PRO A 52 1.30 6.06 -10.88
C PRO A 52 -0.22 6.15 -10.85
N ARG A 53 -0.80 6.32 -12.03
CA ARG A 53 -2.25 6.41 -12.16
C ARG A 53 -2.85 5.02 -12.12
N GLU A 54 -1.99 4.01 -12.27
CA GLU A 54 -2.43 2.63 -12.24
C GLU A 54 -2.55 2.15 -10.82
N ALA A 55 -1.63 2.60 -9.97
CA ALA A 55 -1.66 2.22 -8.57
C ALA A 55 -2.68 3.06 -7.84
N PHE A 56 -2.71 4.36 -8.15
CA PHE A 56 -3.65 5.27 -7.53
C PHE A 56 -4.93 5.32 -8.34
N VAL A 57 -5.92 4.54 -7.91
CA VAL A 57 -7.21 4.46 -8.59
C VAL A 57 -8.24 5.35 -7.92
N GLN A 58 -8.14 6.66 -8.17
CA GLN A 58 -9.09 7.63 -7.62
C GLN A 58 -8.78 7.94 -6.15
N PHE A 59 -7.66 7.43 -5.66
CA PHE A 59 -7.25 7.67 -4.28
C PHE A 59 -5.76 8.01 -4.20
N ASP B 1 14.04 1.15 -11.98
CA ASP B 1 13.37 1.21 -10.65
C ASP B 1 13.50 -0.15 -9.96
N SER B 2 12.39 -0.64 -9.42
CA SER B 2 12.40 -1.93 -8.72
C SER B 2 10.98 -2.39 -8.46
N GLY B 3 10.33 -1.79 -7.48
CA GLY B 3 8.97 -2.15 -7.12
C GLY B 3 8.28 -1.01 -6.37
N PHE B 4 8.67 0.21 -6.67
CA PHE B 4 8.09 1.38 -6.01
C PHE B 4 8.24 1.27 -4.49
N SER B 5 8.02 2.38 -3.79
CA SER B 5 8.14 2.39 -2.33
C SER B 5 7.21 3.42 -1.72
N PHE B 6 6.77 3.16 -0.48
CA PHE B 6 5.87 4.07 0.22
C PHE B 6 6.53 4.63 1.47
N GLY B 7 6.03 4.24 2.64
CA GLY B 7 6.58 4.72 3.90
C GLY B 7 8.09 4.54 3.94
N SER B 8 8.68 4.83 5.09
CA SER B 8 10.13 4.70 5.25
C SER B 8 10.53 3.23 5.26
N LYS B 9 11.72 2.94 4.73
CA LYS B 9 12.21 1.57 4.68
C LYS B 9 13.73 1.55 4.84
N ARG A 3 -2.09 -18.45 -0.17
CA ARG A 3 -1.29 -17.21 -0.38
C ARG A 3 -1.72 -16.16 0.63
N LEU A 4 -0.75 -15.60 1.36
CA LEU A 4 -1.04 -14.58 2.35
C LEU A 4 -1.98 -15.13 3.43
N ASN A 5 -2.00 -14.49 4.59
CA ASN A 5 -2.87 -14.94 5.68
C ASN A 5 -4.10 -14.05 5.75
N PRO A 6 -5.05 -14.39 6.60
CA PRO A 6 -6.30 -13.61 6.74
C PRO A 6 -6.08 -12.27 7.44
N VAL A 7 -5.08 -12.20 8.31
CA VAL A 7 -4.80 -10.97 9.02
C VAL A 7 -4.23 -9.95 8.03
N GLN A 8 -3.20 -10.38 7.32
CA GLN A 8 -2.58 -9.52 6.32
C GLN A 8 -3.57 -9.21 5.22
N LEU A 9 -4.23 -10.25 4.70
CA LEU A 9 -5.21 -10.07 3.65
C LEU A 9 -6.18 -8.96 4.06
N GLU A 10 -6.74 -9.10 5.26
CA GLU A 10 -7.65 -8.08 5.77
C GLU A 10 -6.99 -6.72 5.70
N LEU A 11 -5.74 -6.66 6.17
CA LEU A 11 -5.00 -5.40 6.13
C LEU A 11 -5.05 -4.84 4.71
N LEU A 12 -4.71 -5.68 3.72
CA LEU A 12 -4.75 -5.24 2.33
C LEU A 12 -6.09 -4.56 2.04
N ASN A 13 -7.17 -5.22 2.47
CA ASN A 13 -8.49 -4.66 2.24
C ASN A 13 -8.60 -3.25 2.83
N LYS A 14 -8.29 -3.13 4.11
CA LYS A 14 -8.34 -1.83 4.77
C LYS A 14 -7.41 -0.90 4.03
N LEU A 15 -6.32 -1.47 3.52
CA LEU A 15 -5.37 -0.69 2.79
C LEU A 15 -5.95 -0.29 1.43
N HIS A 16 -6.60 -1.22 0.74
CA HIS A 16 -7.19 -0.91 -0.55
C HIS A 16 -8.49 -0.15 -0.33
N LEU A 17 -8.87 0.02 0.93
CA LEU A 17 -10.10 0.73 1.25
C LEU A 17 -9.78 2.09 1.87
N GLU A 18 -8.53 2.25 2.29
CA GLU A 18 -8.10 3.51 2.90
C GLU A 18 -7.22 4.29 1.93
N THR A 19 -6.27 3.60 1.28
CA THR A 19 -5.42 4.26 0.29
C THR A 19 -5.97 3.97 -1.09
N LYS A 20 -6.73 2.89 -1.17
CA LYS A 20 -7.35 2.49 -2.42
C LYS A 20 -6.39 2.68 -3.59
N LEU A 21 -5.09 2.52 -3.36
CA LEU A 21 -4.14 2.68 -4.45
C LEU A 21 -3.93 1.37 -5.19
N ASN A 22 -5.03 0.75 -5.60
CA ASN A 22 -4.97 -0.50 -6.34
C ASN A 22 -4.39 -1.61 -5.48
N ALA A 23 -5.16 -2.69 -5.33
CA ALA A 23 -4.74 -3.82 -4.51
C ALA A 23 -3.28 -4.18 -4.77
N GLU A 24 -3.02 -4.87 -5.88
CA GLU A 24 -1.64 -5.27 -6.22
C GLU A 24 -0.65 -4.29 -5.61
N TYR A 25 -0.80 -3.02 -5.96
CA TYR A 25 0.08 -1.99 -5.43
C TYR A 25 -0.11 -1.88 -3.94
N THR A 26 -1.37 -1.76 -3.49
CA THR A 26 -1.65 -1.66 -2.06
C THR A 26 -0.82 -2.71 -1.34
N PHE A 27 -0.77 -3.91 -1.89
CA PHE A 27 0.03 -4.96 -1.30
C PHE A 27 1.48 -4.51 -1.29
N MET A 28 1.95 -4.01 -2.44
CA MET A 28 3.31 -3.50 -2.50
C MET A 28 3.57 -2.63 -1.29
N LEU A 29 2.49 -1.98 -0.83
CA LEU A 29 2.57 -1.12 0.33
C LEU A 29 2.47 -1.92 1.62
N ALA A 30 1.72 -3.01 1.59
CA ALA A 30 1.56 -3.84 2.76
C ALA A 30 2.89 -4.49 3.07
N GLU A 31 3.76 -4.51 2.07
CA GLU A 31 5.08 -5.08 2.25
C GLU A 31 6.12 -3.98 2.42
N GLN A 32 5.98 -2.90 1.65
CA GLN A 32 6.92 -1.79 1.75
C GLN A 32 6.64 -1.01 3.03
N SER A 33 5.55 -1.35 3.69
CA SER A 33 5.18 -0.69 4.94
C SER A 33 5.45 -1.57 6.15
N ASN A 34 6.18 -2.67 5.95
CA ASN A 34 6.50 -3.58 7.03
C ASN A 34 5.25 -4.30 7.53
N TRP A 35 4.17 -4.23 6.75
CA TRP A 35 2.92 -4.88 7.12
C TRP A 35 2.40 -4.35 8.45
N ASN A 36 2.64 -3.08 8.75
CA ASN A 36 2.16 -2.49 10.00
C ASN A 36 0.68 -2.16 9.91
N TYR A 37 0.40 -1.07 9.20
CA TYR A 37 -0.95 -0.58 9.00
C TYR A 37 -0.86 0.93 9.08
N GLU A 38 -0.84 1.45 10.31
CA GLU A 38 -0.72 2.88 10.52
C GLU A 38 0.32 3.44 9.55
N VAL A 39 1.48 2.79 9.51
CA VAL A 39 2.53 3.24 8.60
C VAL A 39 2.10 2.98 7.18
N ALA A 40 1.42 1.85 6.96
CA ALA A 40 0.95 1.55 5.62
C ALA A 40 0.18 2.75 5.11
N ILE A 41 -0.94 3.02 5.76
CA ILE A 41 -1.74 4.19 5.42
C ILE A 41 -0.82 5.35 5.13
N LYS A 42 -0.10 5.79 6.16
CA LYS A 42 0.85 6.87 6.00
C LYS A 42 1.73 6.56 4.79
N GLY A 43 2.05 5.29 4.62
CA GLY A 43 2.85 4.84 3.48
C GLY A 43 2.30 5.45 2.21
N PHE A 44 1.05 5.11 1.89
CA PHE A 44 0.43 5.68 0.71
C PHE A 44 0.61 7.17 0.76
N GLN A 45 0.08 7.73 1.83
CA GLN A 45 0.19 9.18 2.05
C GLN A 45 1.65 9.61 2.15
N SER A 46 2.56 8.63 2.16
CA SER A 46 4.00 8.93 2.26
C SER A 46 4.59 9.31 0.91
N SER A 47 5.10 8.32 0.20
CA SER A 47 5.72 8.54 -1.10
C SER A 47 4.82 9.38 -2.01
N MET A 48 3.56 9.52 -1.61
CA MET A 48 2.60 10.28 -2.39
C MET A 48 3.28 11.36 -3.21
N ASN A 49 3.74 10.99 -4.41
CA ASN A 49 4.42 11.91 -5.31
C ASN A 49 5.05 11.14 -6.47
N GLY A 50 4.99 9.81 -6.38
CA GLY A 50 5.56 8.95 -7.40
C GLY A 50 4.55 7.90 -7.86
N ILE A 51 3.74 7.42 -6.91
CA ILE A 51 2.73 6.42 -7.23
C ILE A 51 2.03 6.80 -8.54
N PRO A 52 1.94 5.88 -9.48
CA PRO A 52 1.30 6.16 -10.82
C PRO A 52 -0.21 6.21 -10.77
N ARG A 53 -0.81 6.38 -11.94
CA ARG A 53 -2.26 6.44 -12.06
C ARG A 53 -2.83 5.03 -12.04
N GLU A 54 -1.96 4.06 -12.22
CA GLU A 54 -2.37 2.66 -12.21
C GLU A 54 -2.50 2.17 -10.77
N ALA A 55 -1.57 2.60 -9.94
CA ALA A 55 -1.59 2.22 -8.54
C ALA A 55 -2.62 3.05 -7.81
N PHE A 56 -2.63 4.35 -8.12
CA PHE A 56 -3.58 5.26 -7.50
C PHE A 56 -4.85 5.33 -8.33
N VAL A 57 -5.85 4.56 -7.92
CA VAL A 57 -7.12 4.50 -8.63
C VAL A 57 -8.17 5.40 -7.99
N GLN A 58 -8.08 6.70 -8.27
CA GLN A 58 -9.02 7.68 -7.75
C GLN A 58 -8.74 8.00 -6.28
N PHE A 59 -7.63 7.49 -5.76
CA PHE A 59 -7.26 7.75 -4.37
C PHE A 59 -5.78 8.11 -4.26
N ASP B 1 9.03 -1.33 -14.55
CA ASP B 1 10.39 -1.92 -14.45
C ASP B 1 11.28 -1.01 -13.61
N SER B 2 10.71 -0.45 -12.55
CA SER B 2 11.45 0.44 -11.66
C SER B 2 10.97 0.29 -10.23
N GLY B 3 10.20 -0.76 -9.96
CA GLY B 3 9.68 -1.00 -8.62
C GLY B 3 9.07 0.27 -8.04
N PHE B 4 8.74 0.22 -6.75
CA PHE B 4 8.15 1.38 -6.09
C PHE B 4 8.23 1.21 -4.56
N SER B 5 8.13 2.32 -3.84
CA SER B 5 8.20 2.29 -2.38
C SER B 5 7.25 3.33 -1.77
N PHE B 6 6.78 3.05 -0.55
CA PHE B 6 5.87 3.97 0.14
C PHE B 6 6.53 4.58 1.37
N GLY B 7 6.02 4.22 2.54
CA GLY B 7 6.55 4.72 3.80
C GLY B 7 8.07 4.78 3.77
N SER B 8 8.65 5.52 4.71
CA SER B 8 10.09 5.66 4.78
C SER B 8 10.74 4.37 5.27
N LYS B 9 10.00 3.27 5.18
CA LYS B 9 10.51 1.98 5.62
C LYS B 9 11.07 2.08 7.03
N ARG A 3 0.67 -16.76 -0.99
CA ARG A 3 0.63 -17.26 0.40
C ARG A 3 0.52 -16.08 1.36
N LEU A 4 -0.71 -15.70 1.68
CA LEU A 4 -0.95 -14.57 2.58
C LEU A 4 -1.79 -15.03 3.77
N ASN A 5 -1.67 -14.31 4.89
CA ASN A 5 -2.43 -14.65 6.09
C ASN A 5 -3.72 -13.82 6.15
N PRO A 6 -4.84 -14.44 6.44
CA PRO A 6 -6.14 -13.71 6.51
C PRO A 6 -6.00 -12.36 7.20
N VAL A 7 -5.01 -12.23 8.07
CA VAL A 7 -4.79 -10.97 8.78
C VAL A 7 -4.21 -9.95 7.81
N GLN A 8 -3.11 -10.33 7.18
CA GLN A 8 -2.47 -9.46 6.22
C GLN A 8 -3.45 -9.15 5.08
N LEU A 9 -4.19 -10.17 4.67
CA LEU A 9 -5.17 -9.99 3.61
C LEU A 9 -6.15 -8.90 4.01
N GLU A 10 -6.74 -9.05 5.18
CA GLU A 10 -7.67 -8.05 5.68
C GLU A 10 -7.01 -6.68 5.62
N LEU A 11 -5.74 -6.63 5.99
CA LEU A 11 -5.00 -5.37 5.95
C LEU A 11 -5.01 -4.83 4.52
N LEU A 12 -4.69 -5.69 3.56
CA LEU A 12 -4.71 -5.27 2.16
C LEU A 12 -6.04 -4.61 1.84
N ASN A 13 -7.12 -5.20 2.34
CA ASN A 13 -8.46 -4.66 2.10
C ASN A 13 -8.57 -3.25 2.68
N LYS A 14 -8.19 -3.11 3.95
CA LYS A 14 -8.26 -1.81 4.59
C LYS A 14 -7.36 -0.87 3.82
N LEU A 15 -6.28 -1.41 3.30
CA LEU A 15 -5.34 -0.61 2.54
C LEU A 15 -5.96 -0.23 1.19
N HIS A 16 -6.75 -1.13 0.62
CA HIS A 16 -7.41 -0.84 -0.65
C HIS A 16 -8.70 -0.09 -0.40
N LEU A 17 -9.06 0.05 0.87
CA LEU A 17 -10.28 0.75 1.25
C LEU A 17 -9.91 2.06 1.96
N GLU A 18 -8.63 2.21 2.29
CA GLU A 18 -8.15 3.43 2.94
C GLU A 18 -7.27 4.21 1.98
N THR A 19 -6.34 3.52 1.32
CA THR A 19 -5.50 4.17 0.33
C THR A 19 -6.12 3.95 -1.03
N LYS A 20 -7.04 2.99 -1.08
CA LYS A 20 -7.72 2.64 -2.31
C LYS A 20 -6.75 2.75 -3.47
N LEU A 21 -5.50 2.39 -3.22
CA LEU A 21 -4.48 2.45 -4.25
C LEU A 21 -4.17 1.04 -4.79
N ASN A 22 -4.91 0.66 -5.82
CA ASN A 22 -4.75 -0.63 -6.47
C ASN A 22 -4.22 -1.70 -5.52
N ALA A 23 -5.05 -2.72 -5.25
CA ALA A 23 -4.65 -3.80 -4.37
C ALA A 23 -3.21 -4.20 -4.63
N GLU A 24 -2.92 -4.63 -5.87
CA GLU A 24 -1.56 -5.03 -6.22
C GLU A 24 -0.55 -4.11 -5.54
N TYR A 25 -0.68 -2.82 -5.80
CA TYR A 25 0.21 -1.85 -5.20
C TYR A 25 -0.01 -1.81 -3.70
N THR A 26 -1.28 -1.68 -3.28
CA THR A 26 -1.58 -1.64 -1.87
C THR A 26 -0.77 -2.73 -1.16
N PHE A 27 -0.63 -3.87 -1.83
CA PHE A 27 0.16 -4.95 -1.27
C PHE A 27 1.62 -4.52 -1.25
N MET A 28 2.12 -4.05 -2.40
CA MET A 28 3.49 -3.56 -2.45
C MET A 28 3.72 -2.67 -1.25
N LEU A 29 2.64 -2.07 -0.78
CA LEU A 29 2.68 -1.18 0.38
C LEU A 29 2.56 -1.97 1.68
N ALA A 30 1.80 -3.06 1.63
CA ALA A 30 1.62 -3.90 2.80
C ALA A 30 2.94 -4.53 3.14
N GLU A 31 3.84 -4.53 2.16
CA GLU A 31 5.16 -5.10 2.36
C GLU A 31 6.19 -3.99 2.55
N GLN A 32 6.06 -2.92 1.77
CA GLN A 32 6.98 -1.80 1.86
C GLN A 32 6.69 -0.98 3.11
N SER A 33 5.59 -1.33 3.78
CA SER A 33 5.20 -0.63 5.01
C SER A 33 5.43 -1.49 6.24
N ASN A 34 6.18 -2.59 6.07
CA ASN A 34 6.47 -3.48 7.18
C ASN A 34 5.21 -4.19 7.67
N TRP A 35 4.16 -4.15 6.86
CA TRP A 35 2.90 -4.80 7.21
C TRP A 35 2.35 -4.26 8.54
N ASN A 36 2.62 -2.98 8.82
CA ASN A 36 2.14 -2.38 10.05
C ASN A 36 0.66 -2.06 9.94
N TYR A 37 0.37 -1.00 9.18
CA TYR A 37 -0.98 -0.52 8.96
C TYR A 37 -0.92 0.99 9.03
N GLU A 38 -0.94 1.52 10.25
CA GLU A 38 -0.83 2.96 10.44
C GLU A 38 0.23 3.51 9.50
N VAL A 39 1.39 2.86 9.47
CA VAL A 39 2.45 3.29 8.58
C VAL A 39 2.04 3.01 7.15
N ALA A 40 1.38 1.88 6.93
CA ALA A 40 0.92 1.56 5.59
C ALA A 40 0.16 2.75 5.06
N ILE A 41 -0.98 3.02 5.68
CA ILE A 41 -1.79 4.18 5.31
C ILE A 41 -0.86 5.35 5.01
N LYS A 42 -0.06 5.70 6.02
CA LYS A 42 0.91 6.76 5.87
C LYS A 42 1.72 6.47 4.62
N GLY A 43 2.20 5.23 4.52
CA GLY A 43 2.98 4.79 3.37
C GLY A 43 2.35 5.34 2.08
N PHE A 44 1.11 4.96 1.83
CA PHE A 44 0.43 5.46 0.64
C PHE A 44 0.62 6.95 0.58
N GLN A 45 -0.06 7.60 1.50
CA GLN A 45 0.04 9.07 1.58
C GLN A 45 1.45 9.51 1.99
N SER A 46 2.43 8.60 1.88
CA SER A 46 3.82 8.92 2.23
C SER A 46 4.60 9.31 0.98
N SER A 47 4.95 8.30 0.19
CA SER A 47 5.70 8.52 -1.04
C SER A 47 4.88 9.30 -2.04
N MET A 48 3.57 9.39 -1.79
CA MET A 48 2.66 10.11 -2.67
C MET A 48 3.38 11.20 -3.45
N ASN A 49 3.97 10.79 -4.58
CA ASN A 49 4.71 11.69 -5.44
C ASN A 49 5.30 10.91 -6.60
N GLY A 50 5.13 9.59 -6.54
CA GLY A 50 5.63 8.69 -7.59
C GLY A 50 4.59 7.66 -7.98
N ILE A 51 3.76 7.26 -7.01
CA ILE A 51 2.72 6.26 -7.28
C ILE A 51 1.97 6.66 -8.57
N PRO A 52 1.85 5.76 -9.52
CA PRO A 52 1.16 6.07 -10.81
C PRO A 52 -0.36 6.18 -10.68
N ARG A 53 -1.00 6.45 -11.81
CA ARG A 53 -2.45 6.56 -11.84
C ARG A 53 -3.08 5.18 -11.77
N GLU A 54 -2.27 4.16 -12.01
CA GLU A 54 -2.73 2.79 -11.97
C GLU A 54 -2.76 2.30 -10.53
N ALA A 55 -1.69 2.60 -9.80
CA ALA A 55 -1.61 2.19 -8.40
C ALA A 55 -2.61 2.99 -7.58
N PHE A 56 -2.67 4.29 -7.86
CA PHE A 56 -3.59 5.18 -7.17
C PHE A 56 -4.85 5.35 -8.00
N VAL A 57 -5.89 4.62 -7.62
CA VAL A 57 -7.17 4.67 -8.34
C VAL A 57 -8.17 5.58 -7.64
N GLN A 58 -8.05 6.88 -7.91
CA GLN A 58 -8.95 7.88 -7.33
C GLN A 58 -8.63 8.15 -5.87
N PHE A 59 -7.52 7.60 -5.39
CA PHE A 59 -7.11 7.80 -3.99
C PHE A 59 -5.60 8.02 -3.90
N ASP B 1 12.22 -6.60 -5.89
CA ASP B 1 13.29 -6.30 -4.89
C ASP B 1 13.60 -4.80 -4.91
N SER B 2 13.42 -4.18 -6.07
CA SER B 2 13.67 -2.75 -6.21
C SER B 2 12.49 -2.06 -6.88
N GLY B 3 11.28 -2.46 -6.51
CA GLY B 3 10.07 -1.89 -7.09
C GLY B 3 9.67 -0.62 -6.34
N PHE B 4 8.52 -0.06 -6.72
CA PHE B 4 8.04 1.16 -6.08
C PHE B 4 8.13 1.03 -4.56
N SER B 5 8.18 2.18 -3.86
CA SER B 5 8.29 2.18 -2.40
C SER B 5 7.36 3.22 -1.78
N PHE B 6 6.87 2.94 -0.56
CA PHE B 6 5.98 3.87 0.13
C PHE B 6 6.65 4.46 1.36
N GLY B 7 6.01 4.29 2.52
CA GLY B 7 6.54 4.80 3.77
C GLY B 7 8.04 4.59 3.86
N SER B 8 8.71 5.45 4.62
CA SER B 8 10.15 5.35 4.79
C SER B 8 10.83 5.02 3.46
N LYS B 9 11.03 3.73 3.21
CA LYS B 9 11.66 3.29 1.97
C LYS B 9 11.09 4.04 0.78
N ARG A 3 -1.10 -17.89 -0.15
CA ARG A 3 -0.19 -16.84 -0.67
C ARG A 3 -0.22 -15.63 0.27
N LEU A 4 -1.02 -15.74 1.33
CA LEU A 4 -1.14 -14.64 2.29
C LEU A 4 -1.95 -15.10 3.50
N ASN A 5 -1.81 -14.40 4.62
CA ASN A 5 -2.55 -14.76 5.83
C ASN A 5 -3.83 -13.91 5.92
N PRO A 6 -4.96 -14.54 6.15
CA PRO A 6 -6.26 -13.81 6.26
C PRO A 6 -6.12 -12.48 7.00
N VAL A 7 -5.13 -12.38 7.88
CA VAL A 7 -4.91 -11.16 8.63
C VAL A 7 -4.32 -10.10 7.71
N GLN A 8 -3.22 -10.47 7.05
CA GLN A 8 -2.58 -9.55 6.14
C GLN A 8 -3.53 -9.23 5.00
N LEU A 9 -4.28 -10.24 4.56
CA LEU A 9 -5.24 -10.03 3.48
C LEU A 9 -6.21 -8.94 3.88
N GLU A 10 -6.84 -9.10 5.05
CA GLU A 10 -7.75 -8.08 5.53
C GLU A 10 -7.08 -6.72 5.50
N LEU A 11 -5.83 -6.69 5.95
CA LEU A 11 -5.07 -5.45 5.95
C LEU A 11 -5.07 -4.88 4.53
N LEU A 12 -4.69 -5.70 3.55
CA LEU A 12 -4.68 -5.25 2.16
C LEU A 12 -6.00 -4.55 1.86
N ASN A 13 -7.10 -5.17 2.28
CA ASN A 13 -8.42 -4.59 2.04
C ASN A 13 -8.52 -3.23 2.73
N LYS A 14 -8.21 -3.21 4.02
CA LYS A 14 -8.25 -1.97 4.77
C LYS A 14 -7.36 -0.97 4.06
N LEU A 15 -6.31 -1.52 3.45
CA LEU A 15 -5.38 -0.69 2.73
C LEU A 15 -5.96 -0.29 1.37
N HIS A 16 -6.68 -1.20 0.73
CA HIS A 16 -7.30 -0.88 -0.56
C HIS A 16 -8.60 -0.13 -0.30
N LEU A 17 -8.90 0.08 0.97
CA LEU A 17 -10.11 0.81 1.36
C LEU A 17 -9.73 2.15 1.98
N GLU A 18 -8.48 2.25 2.43
CA GLU A 18 -7.99 3.50 3.03
C GLU A 18 -7.15 4.26 2.01
N THR A 19 -6.19 3.55 1.39
CA THR A 19 -5.36 4.19 0.38
C THR A 19 -6.01 3.95 -0.96
N LYS A 20 -6.92 2.97 -0.98
CA LYS A 20 -7.63 2.62 -2.19
C LYS A 20 -6.72 2.74 -3.39
N LEU A 21 -5.46 2.36 -3.21
CA LEU A 21 -4.49 2.43 -4.30
C LEU A 21 -4.18 1.02 -4.81
N ASN A 22 -4.95 0.60 -5.81
CA ASN A 22 -4.77 -0.71 -6.45
C ASN A 22 -4.23 -1.75 -5.47
N ALA A 23 -5.02 -2.79 -5.23
CA ALA A 23 -4.61 -3.86 -4.34
C ALA A 23 -3.16 -4.25 -4.60
N GLU A 24 -2.87 -4.67 -5.84
CA GLU A 24 -1.51 -5.06 -6.19
C GLU A 24 -0.51 -4.12 -5.53
N TYR A 25 -0.67 -2.83 -5.78
CA TYR A 25 0.23 -1.85 -5.19
C TYR A 25 -0.02 -1.78 -3.70
N THR A 26 -1.29 -1.67 -3.30
CA THR A 26 -1.59 -1.61 -1.88
C THR A 26 -0.80 -2.69 -1.16
N PHE A 27 -0.66 -3.84 -1.81
CA PHE A 27 0.13 -4.92 -1.24
C PHE A 27 1.58 -4.48 -1.20
N MET A 28 2.09 -4.00 -2.34
CA MET A 28 3.47 -3.52 -2.38
C MET A 28 3.69 -2.64 -1.16
N LEU A 29 2.60 -2.00 -0.74
CA LEU A 29 2.64 -1.14 0.42
C LEU A 29 2.53 -1.93 1.72
N ALA A 30 1.78 -3.02 1.68
CA ALA A 30 1.60 -3.85 2.84
C ALA A 30 2.94 -4.48 3.18
N GLU A 31 3.83 -4.50 2.20
CA GLU A 31 5.14 -5.05 2.39
C GLU A 31 6.17 -3.94 2.54
N GLN A 32 6.05 -2.90 1.72
CA GLN A 32 6.97 -1.78 1.78
C GLN A 32 6.72 -0.96 3.04
N SER A 33 5.62 -1.28 3.72
CA SER A 33 5.26 -0.57 4.95
C SER A 33 5.45 -1.45 6.18
N ASN A 34 6.14 -2.57 6.01
CA ASN A 34 6.39 -3.48 7.12
C ASN A 34 5.11 -4.16 7.60
N TRP A 35 4.08 -4.14 6.76
CA TRP A 35 2.80 -4.76 7.12
C TRP A 35 2.27 -4.20 8.43
N ASN A 36 2.60 -2.95 8.73
CA ASN A 36 2.13 -2.33 9.97
C ASN A 36 0.65 -2.00 9.88
N TYR A 37 0.36 -0.93 9.16
CA TYR A 37 -0.99 -0.44 8.97
C TYR A 37 -0.92 1.07 9.02
N GLU A 38 -0.93 1.60 10.24
CA GLU A 38 -0.83 3.03 10.43
C GLU A 38 0.22 3.59 9.47
N VAL A 39 1.40 2.95 9.46
CA VAL A 39 2.45 3.39 8.56
C VAL A 39 2.03 3.10 7.13
N ALA A 40 1.42 1.93 6.92
CA ALA A 40 0.95 1.58 5.60
C ALA A 40 0.17 2.76 5.04
N ILE A 41 -0.97 3.04 5.67
CA ILE A 41 -1.79 4.17 5.27
C ILE A 41 -0.86 5.34 4.97
N LYS A 42 -0.16 5.80 5.99
CA LYS A 42 0.78 6.90 5.81
C LYS A 42 1.66 6.57 4.61
N GLY A 43 2.11 5.32 4.54
CA GLY A 43 2.94 4.89 3.42
C GLY A 43 2.41 5.45 2.12
N PHE A 44 1.17 5.09 1.79
CA PHE A 44 0.56 5.62 0.59
C PHE A 44 0.69 7.12 0.64
N GLN A 45 0.03 7.68 1.63
CA GLN A 45 0.07 9.14 1.84
C GLN A 45 1.53 9.61 1.96
N SER A 46 2.46 8.66 2.06
CA SER A 46 3.88 8.99 2.20
C SER A 46 4.53 9.27 0.85
N SER A 47 5.10 8.23 0.26
CA SER A 47 5.76 8.35 -1.04
C SER A 47 4.90 9.10 -2.04
N MET A 48 3.65 9.33 -1.68
CA MET A 48 2.72 10.02 -2.57
C MET A 48 3.43 11.12 -3.35
N ASN A 49 4.04 10.72 -4.47
CA ASN A 49 4.76 11.66 -5.33
C ASN A 49 5.29 10.92 -6.56
N GLY A 50 5.15 9.59 -6.54
CA GLY A 50 5.62 8.77 -7.65
C GLY A 50 4.56 7.75 -8.06
N ILE A 51 3.82 7.23 -7.07
CA ILE A 51 2.79 6.25 -7.34
C ILE A 51 2.01 6.66 -8.60
N PRO A 52 1.83 5.76 -9.55
CA PRO A 52 1.11 6.06 -10.82
C PRO A 52 -0.41 6.13 -10.66
N ARG A 53 -1.08 6.33 -11.80
CA ARG A 53 -2.53 6.41 -11.82
C ARG A 53 -3.11 5.01 -11.74
N GLU A 54 -2.26 4.03 -12.04
CA GLU A 54 -2.67 2.64 -11.99
C GLU A 54 -2.72 2.15 -10.56
N ALA A 55 -1.72 2.55 -9.80
CA ALA A 55 -1.65 2.16 -8.40
C ALA A 55 -2.65 2.97 -7.60
N PHE A 56 -2.74 4.26 -7.92
CA PHE A 56 -3.66 5.16 -7.24
C PHE A 56 -4.93 5.29 -8.06
N VAL A 57 -5.96 4.57 -7.64
CA VAL A 57 -7.25 4.58 -8.33
C VAL A 57 -8.24 5.51 -7.65
N GLN A 58 -8.18 6.80 -8.02
CA GLN A 58 -9.09 7.80 -7.47
C GLN A 58 -8.76 8.10 -6.01
N PHE A 59 -7.65 7.56 -5.52
CA PHE A 59 -7.23 7.79 -4.13
C PHE A 59 -5.74 8.08 -4.07
N ASP B 1 12.48 -6.39 -4.38
CA ASP B 1 13.63 -5.48 -4.09
C ASP B 1 13.60 -4.29 -5.04
N SER B 2 13.46 -4.57 -6.33
CA SER B 2 13.41 -3.51 -7.33
C SER B 2 11.97 -3.21 -7.72
N GLY B 3 11.54 -1.98 -7.45
CA GLY B 3 10.17 -1.57 -7.76
C GLY B 3 9.77 -0.34 -6.96
N PHE B 4 8.48 -0.02 -6.97
CA PHE B 4 7.99 1.14 -6.23
C PHE B 4 8.23 0.96 -4.73
N SER B 5 8.07 2.05 -3.96
CA SER B 5 8.28 1.99 -2.52
C SER B 5 7.41 3.02 -1.79
N PHE B 6 6.98 2.67 -0.58
CA PHE B 6 6.14 3.57 0.22
C PHE B 6 6.86 3.98 1.50
N GLY B 7 6.11 4.63 2.39
CA GLY B 7 6.65 5.08 3.67
C GLY B 7 8.14 5.42 3.56
N SER B 8 8.94 4.89 4.48
CA SER B 8 10.37 5.16 4.48
C SER B 8 11.11 4.07 5.24
N LYS B 9 10.36 3.11 5.79
CA LYS B 9 10.96 2.02 6.54
C LYS B 9 11.86 2.57 7.65
N ARG A 3 -0.50 -18.21 0.30
CA ARG A 3 -1.52 -17.29 -0.30
C ARG A 3 -1.87 -16.19 0.70
N LEU A 4 -0.83 -15.60 1.30
CA LEU A 4 -1.03 -14.54 2.27
C LEU A 4 -1.86 -15.04 3.45
N ASN A 5 -1.69 -14.39 4.61
CA ASN A 5 -2.44 -14.78 5.80
C ASN A 5 -3.71 -13.94 5.91
N PRO A 6 -4.83 -14.56 6.19
CA PRO A 6 -6.13 -13.84 6.32
C PRO A 6 -5.98 -12.50 7.03
N VAL A 7 -4.96 -12.39 7.88
CA VAL A 7 -4.73 -11.16 8.62
C VAL A 7 -4.15 -10.12 7.68
N GLN A 8 -3.04 -10.48 7.04
CA GLN A 8 -2.39 -9.59 6.10
C GLN A 8 -3.37 -9.27 4.97
N LEU A 9 -4.18 -10.25 4.60
CA LEU A 9 -5.16 -10.05 3.54
C LEU A 9 -6.14 -8.96 3.96
N GLU A 10 -6.73 -9.14 5.14
CA GLU A 10 -7.66 -8.15 5.66
C GLU A 10 -6.99 -6.79 5.64
N LEU A 11 -5.69 -6.77 5.95
CA LEU A 11 -4.95 -5.53 5.94
C LEU A 11 -5.00 -4.94 4.53
N LEU A 12 -4.67 -5.74 3.53
CA LEU A 12 -4.71 -5.28 2.15
C LEU A 12 -6.05 -4.61 1.87
N ASN A 13 -7.12 -5.22 2.36
CA ASN A 13 -8.46 -4.67 2.16
C ASN A 13 -8.57 -3.30 2.83
N LYS A 14 -8.25 -3.24 4.11
CA LYS A 14 -8.30 -1.98 4.83
C LYS A 14 -7.42 -0.99 4.11
N LEU A 15 -6.33 -1.51 3.58
CA LEU A 15 -5.41 -0.69 2.85
C LEU A 15 -6.02 -0.28 1.51
N HIS A 16 -6.64 -1.23 0.82
CA HIS A 16 -7.27 -0.93 -0.46
C HIS A 16 -8.56 -0.17 -0.22
N LEU A 17 -8.90 0.02 1.05
CA LEU A 17 -10.12 0.73 1.41
C LEU A 17 -9.77 2.08 2.03
N GLU A 18 -8.53 2.24 2.43
CA GLU A 18 -8.08 3.50 3.03
C GLU A 18 -7.25 4.30 2.03
N THR A 19 -6.31 3.63 1.37
CA THR A 19 -5.50 4.31 0.36
C THR A 19 -6.05 3.99 -1.00
N LYS A 20 -6.79 2.89 -1.05
CA LYS A 20 -7.41 2.46 -2.29
C LYS A 20 -6.46 2.65 -3.47
N LEU A 21 -5.15 2.60 -3.23
CA LEU A 21 -4.22 2.76 -4.35
C LEU A 21 -4.00 1.44 -5.07
N ASN A 22 -5.10 0.81 -5.47
CA ASN A 22 -5.05 -0.45 -6.20
C ASN A 22 -4.42 -1.55 -5.35
N ALA A 23 -5.15 -2.65 -5.20
CA ALA A 23 -4.67 -3.78 -4.42
C ALA A 23 -3.21 -4.09 -4.72
N GLU A 24 -2.96 -4.76 -5.83
CA GLU A 24 -1.58 -5.11 -6.22
C GLU A 24 -0.60 -4.12 -5.60
N TYR A 25 -0.79 -2.84 -5.92
CA TYR A 25 0.07 -1.81 -5.37
C TYR A 25 -0.13 -1.70 -3.86
N THR A 26 -1.39 -1.62 -3.43
CA THR A 26 -1.66 -1.54 -2.00
C THR A 26 -0.82 -2.59 -1.28
N PHE A 27 -0.74 -3.78 -1.86
CA PHE A 27 0.08 -4.81 -1.27
C PHE A 27 1.52 -4.34 -1.28
N MET A 28 1.95 -3.79 -2.42
CA MET A 28 3.30 -3.25 -2.51
C MET A 28 3.55 -2.42 -1.27
N LEU A 29 2.49 -1.81 -0.78
CA LEU A 29 2.56 -0.96 0.41
C LEU A 29 2.48 -1.81 1.68
N ALA A 30 1.73 -2.91 1.61
CA ALA A 30 1.59 -3.78 2.76
C ALA A 30 2.92 -4.42 3.05
N GLU A 31 3.80 -4.37 2.06
CA GLU A 31 5.13 -4.93 2.20
C GLU A 31 6.16 -3.83 2.41
N GLN A 32 5.98 -2.72 1.70
CA GLN A 32 6.89 -1.59 1.82
C GLN A 32 6.61 -0.83 3.10
N SER A 33 5.53 -1.22 3.78
CA SER A 33 5.15 -0.56 5.03
C SER A 33 5.41 -1.46 6.24
N ASN A 34 6.13 -2.56 6.03
CA ASN A 34 6.45 -3.49 7.11
C ASN A 34 5.20 -4.21 7.61
N TRP A 35 4.12 -4.12 6.82
CA TRP A 35 2.87 -4.78 7.19
C TRP A 35 2.35 -4.28 8.54
N ASN A 36 2.53 -2.99 8.81
CA ASN A 36 2.05 -2.43 10.07
C ASN A 36 0.58 -2.09 9.99
N TYR A 37 0.29 -1.01 9.27
CA TYR A 37 -1.05 -0.49 9.09
C TYR A 37 -0.96 1.01 9.19
N GLU A 38 -0.96 1.50 10.43
CA GLU A 38 -0.82 2.92 10.66
C GLU A 38 0.21 3.50 9.70
N VAL A 39 1.37 2.86 9.64
CA VAL A 39 2.41 3.31 8.73
C VAL A 39 1.97 3.04 7.30
N ALA A 40 1.33 1.91 7.09
CA ALA A 40 0.85 1.58 5.76
C ALA A 40 0.09 2.78 5.23
N ILE A 41 -1.06 3.06 5.84
CA ILE A 41 -1.86 4.21 5.49
C ILE A 41 -0.93 5.39 5.24
N LYS A 42 -0.15 5.71 6.26
CA LYS A 42 0.82 6.79 6.15
C LYS A 42 1.63 6.56 4.90
N GLY A 43 2.05 5.31 4.70
CA GLY A 43 2.82 4.93 3.52
C GLY A 43 2.17 5.50 2.27
N PHE A 44 0.94 5.08 2.01
CA PHE A 44 0.22 5.58 0.85
C PHE A 44 0.40 7.08 0.80
N GLN A 45 -0.14 7.74 1.81
CA GLN A 45 -0.03 9.19 1.88
C GLN A 45 1.39 9.62 2.27
N SER A 46 2.35 8.71 2.06
CA SER A 46 3.76 9.01 2.37
C SER A 46 4.49 9.44 1.10
N SER A 47 4.93 8.45 0.33
CA SER A 47 5.64 8.72 -0.92
C SER A 47 4.90 9.76 -1.74
N MET A 48 3.69 9.40 -2.18
CA MET A 48 2.86 10.30 -2.98
C MET A 48 3.73 11.24 -3.80
N ASN A 49 4.43 10.68 -4.77
CA ASN A 49 5.31 11.46 -5.65
C ASN A 49 5.84 10.58 -6.75
N GLY A 50 5.46 9.30 -6.71
CA GLY A 50 5.91 8.34 -7.72
C GLY A 50 4.80 7.35 -8.04
N ILE A 51 3.82 7.23 -7.14
CA ILE A 51 2.71 6.29 -7.37
C ILE A 51 2.00 6.68 -8.67
N PRO A 52 1.83 5.77 -9.60
CA PRO A 52 1.18 6.05 -10.91
C PRO A 52 -0.34 6.14 -10.83
N ARG A 53 -0.96 6.32 -11.99
CA ARG A 53 -2.40 6.41 -12.07
C ARG A 53 -3.01 5.01 -12.03
N GLU A 54 -2.16 4.02 -12.21
CA GLU A 54 -2.59 2.64 -12.18
C GLU A 54 -2.69 2.15 -10.75
N ALA A 55 -1.76 2.63 -9.92
CA ALA A 55 -1.75 2.25 -8.52
C ALA A 55 -2.77 3.09 -7.78
N PHE A 56 -2.80 4.39 -8.10
CA PHE A 56 -3.73 5.30 -7.46
C PHE A 56 -5.02 5.37 -8.28
N VAL A 57 -6.00 4.60 -7.85
CA VAL A 57 -7.29 4.53 -8.54
C VAL A 57 -8.33 5.47 -7.89
N GLN A 58 -8.23 6.75 -8.23
CA GLN A 58 -9.17 7.75 -7.70
C GLN A 58 -8.91 8.04 -6.22
N PHE A 59 -7.82 7.53 -5.70
CA PHE A 59 -7.47 7.75 -4.29
C PHE A 59 -6.00 8.14 -4.17
N ASP B 1 6.50 1.63 -11.12
CA ASP B 1 7.12 0.86 -12.23
C ASP B 1 8.45 0.28 -11.76
N SER B 2 8.72 -0.96 -12.17
CA SER B 2 9.97 -1.61 -11.78
C SER B 2 10.04 -1.79 -10.26
N GLY B 3 10.17 -0.68 -9.55
CA GLY B 3 10.24 -0.73 -8.09
C GLY B 3 9.73 0.58 -7.48
N PHE B 4 8.75 0.46 -6.59
CA PHE B 4 8.17 1.62 -5.94
C PHE B 4 8.27 1.49 -4.42
N SER B 5 8.10 2.60 -3.71
CA SER B 5 8.18 2.59 -2.25
C SER B 5 7.19 3.59 -1.64
N PHE B 6 6.74 3.31 -0.42
CA PHE B 6 5.79 4.19 0.27
C PHE B 6 6.42 4.80 1.52
N GLY B 7 5.94 4.38 2.68
CA GLY B 7 6.43 4.89 3.95
C GLY B 7 7.95 4.73 4.05
N SER B 8 8.40 3.95 5.03
CA SER B 8 9.82 3.73 5.22
C SER B 8 10.35 2.70 4.23
N LYS B 9 11.44 2.03 4.60
CA LYS B 9 12.03 1.01 3.73
C LYS B 9 12.37 1.61 2.38
N ARG A 3 0.17 -17.14 -0.53
CA ARG A 3 0.68 -17.62 0.79
C ARG A 3 0.40 -16.55 1.85
N LEU A 4 -0.54 -15.65 1.55
CA LEU A 4 -0.89 -14.59 2.49
C LEU A 4 -1.82 -15.13 3.57
N ASN A 5 -1.83 -14.44 4.72
CA ASN A 5 -2.70 -14.86 5.83
C ASN A 5 -3.96 -14.00 5.85
N PRO A 6 -4.94 -14.37 6.62
CA PRO A 6 -6.22 -13.60 6.69
C PRO A 6 -6.06 -12.27 7.41
N VAL A 7 -5.06 -12.18 8.29
CA VAL A 7 -4.81 -10.93 9.01
C VAL A 7 -4.23 -9.92 8.04
N GLN A 8 -3.22 -10.36 7.31
CA GLN A 8 -2.57 -9.51 6.33
C GLN A 8 -3.55 -9.19 5.21
N LEU A 9 -4.17 -10.23 4.66
CA LEU A 9 -5.15 -10.05 3.60
C LEU A 9 -6.14 -8.97 4.01
N GLU A 10 -6.73 -9.13 5.19
CA GLU A 10 -7.68 -8.14 5.69
C GLU A 10 -7.02 -6.77 5.66
N LEU A 11 -5.79 -6.69 6.15
CA LEU A 11 -5.06 -5.43 6.15
C LEU A 11 -5.07 -4.85 4.73
N LEU A 12 -4.72 -5.68 3.74
CA LEU A 12 -4.73 -5.21 2.36
C LEU A 12 -6.08 -4.56 2.07
N ASN A 13 -7.14 -5.23 2.50
CA ASN A 13 -8.49 -4.71 2.29
C ASN A 13 -8.60 -3.29 2.84
N LYS A 14 -8.23 -3.10 4.09
CA LYS A 14 -8.28 -1.79 4.70
C LYS A 14 -7.38 -0.87 3.92
N LEU A 15 -6.26 -1.42 3.48
CA LEU A 15 -5.32 -0.65 2.73
C LEU A 15 -5.93 -0.25 1.38
N HIS A 16 -6.60 -1.19 0.73
CA HIS A 16 -7.23 -0.88 -0.56
C HIS A 16 -8.52 -0.12 -0.33
N LEU A 17 -8.93 -0.01 0.94
CA LEU A 17 -10.16 0.69 1.27
C LEU A 17 -9.84 2.01 1.97
N GLU A 18 -8.55 2.21 2.26
CA GLU A 18 -8.11 3.45 2.91
C GLU A 18 -7.25 4.26 1.95
N THR A 19 -6.32 3.59 1.29
CA THR A 19 -5.47 4.28 0.32
C THR A 19 -6.00 4.00 -1.07
N LYS A 20 -6.79 2.94 -1.17
CA LYS A 20 -7.39 2.55 -2.43
C LYS A 20 -6.40 2.75 -3.58
N LEU A 21 -5.11 2.56 -3.32
CA LEU A 21 -4.13 2.72 -4.38
C LEU A 21 -3.91 1.41 -5.13
N ASN A 22 -5.02 0.79 -5.53
CA ASN A 22 -4.97 -0.46 -6.27
C ASN A 22 -4.38 -1.58 -5.42
N ALA A 23 -5.15 -2.66 -5.29
CA ALA A 23 -4.71 -3.81 -4.48
C ALA A 23 -3.26 -4.14 -4.76
N GLU A 24 -2.99 -4.83 -5.87
CA GLU A 24 -1.62 -5.22 -6.22
C GLU A 24 -0.62 -4.23 -5.61
N TYR A 25 -0.79 -2.96 -5.93
CA TYR A 25 0.10 -1.95 -5.40
C TYR A 25 -0.10 -1.84 -3.89
N THR A 26 -1.36 -1.74 -3.46
CA THR A 26 -1.64 -1.65 -2.02
C THR A 26 -0.80 -2.70 -1.30
N PHE A 27 -0.74 -3.90 -1.87
CA PHE A 27 0.07 -4.94 -1.28
C PHE A 27 1.52 -4.48 -1.29
N MET A 28 1.96 -3.96 -2.45
CA MET A 28 3.32 -3.44 -2.54
C MET A 28 3.59 -2.58 -1.31
N LEU A 29 2.52 -1.96 -0.81
CA LEU A 29 2.60 -1.11 0.35
C LEU A 29 2.52 -1.93 1.64
N ALA A 30 1.77 -3.01 1.59
CA ALA A 30 1.62 -3.87 2.75
C ALA A 30 2.96 -4.52 3.04
N GLU A 31 3.82 -4.52 2.03
CA GLU A 31 5.14 -5.10 2.19
C GLU A 31 6.18 -4.00 2.37
N GLN A 32 6.02 -2.90 1.64
CA GLN A 32 6.94 -1.78 1.75
C GLN A 32 6.68 -1.04 3.06
N SER A 33 5.59 -1.41 3.72
CA SER A 33 5.22 -0.79 4.99
C SER A 33 5.41 -1.76 6.15
N ASN A 34 6.22 -2.79 5.94
CA ASN A 34 6.50 -3.78 6.98
C ASN A 34 5.20 -4.38 7.53
N TRP A 35 4.11 -4.22 6.77
CA TRP A 35 2.82 -4.76 7.20
C TRP A 35 2.39 -4.21 8.56
N ASN A 36 2.65 -2.94 8.81
CA ASN A 36 2.27 -2.33 10.08
C ASN A 36 0.78 -1.98 10.06
N TYR A 37 0.45 -1.00 9.23
CA TYR A 37 -0.90 -0.50 9.07
C TYR A 37 -0.81 1.01 9.13
N GLU A 38 -0.81 1.52 10.36
CA GLU A 38 -0.69 2.97 10.55
C GLU A 38 0.33 3.52 9.58
N VAL A 39 1.50 2.88 9.51
CA VAL A 39 2.53 3.31 8.60
C VAL A 39 2.10 3.02 7.17
N ALA A 40 1.45 1.88 6.98
CA ALA A 40 0.97 1.52 5.65
C ALA A 40 0.18 2.70 5.12
N ILE A 41 -0.95 2.97 5.77
CA ILE A 41 -1.77 4.12 5.42
C ILE A 41 -0.86 5.29 5.11
N LYS A 42 -0.15 5.75 6.14
CA LYS A 42 0.79 6.85 5.95
C LYS A 42 1.66 6.55 4.75
N GLY A 43 2.02 5.27 4.60
CA GLY A 43 2.83 4.84 3.47
C GLY A 43 2.28 5.44 2.19
N PHE A 44 1.00 5.17 1.92
CA PHE A 44 0.37 5.74 0.75
C PHE A 44 0.55 7.24 0.83
N GLN A 45 0.04 7.78 1.91
CA GLN A 45 0.14 9.22 2.16
C GLN A 45 1.61 9.64 2.28
N SER A 46 2.53 8.69 2.13
CA SER A 46 3.95 8.98 2.26
C SER A 46 4.57 9.36 0.91
N SER A 47 5.06 8.34 0.20
CA SER A 47 5.70 8.55 -1.10
C SER A 47 4.81 9.36 -2.03
N MET A 48 3.55 9.52 -1.65
CA MET A 48 2.60 10.25 -2.47
C MET A 48 3.30 11.33 -3.29
N ASN A 49 3.74 10.95 -4.49
CA ASN A 49 4.42 11.87 -5.39
C ASN A 49 5.10 11.07 -6.50
N GLY A 50 5.00 9.75 -6.42
CA GLY A 50 5.59 8.87 -7.42
C GLY A 50 4.58 7.80 -7.85
N ILE A 51 3.71 7.40 -6.93
CA ILE A 51 2.71 6.39 -7.23
C ILE A 51 2.01 6.76 -8.55
N PRO A 52 1.92 5.84 -9.49
CA PRO A 52 1.30 6.11 -10.83
C PRO A 52 -0.22 6.19 -10.78
N ARG A 53 -0.82 6.36 -11.95
CA ARG A 53 -2.26 6.44 -12.07
C ARG A 53 -2.86 5.04 -12.02
N GLU A 54 -1.99 4.05 -12.20
CA GLU A 54 -2.43 2.66 -12.18
C GLU A 54 -2.54 2.18 -10.73
N ALA A 55 -1.58 2.60 -9.92
CA ALA A 55 -1.59 2.22 -8.52
C ALA A 55 -2.60 3.07 -7.78
N PHE A 56 -2.62 4.36 -8.10
CA PHE A 56 -3.55 5.29 -7.46
C PHE A 56 -4.83 5.38 -8.29
N VAL A 57 -5.84 4.62 -7.86
CA VAL A 57 -7.12 4.58 -8.56
C VAL A 57 -8.14 5.51 -7.89
N GLN A 58 -8.10 6.79 -8.27
CA GLN A 58 -9.02 7.78 -7.73
C GLN A 58 -8.75 8.07 -6.25
N PHE A 59 -7.62 7.56 -5.76
CA PHE A 59 -7.26 7.77 -4.35
C PHE A 59 -5.78 8.13 -4.24
N ASP B 1 16.16 -4.34 -8.30
CA ASP B 1 16.05 -2.95 -7.80
C ASP B 1 14.67 -2.74 -7.19
N SER B 2 14.09 -3.82 -6.68
CA SER B 2 12.76 -3.75 -6.07
C SER B 2 11.76 -3.11 -7.02
N GLY B 3 11.47 -1.83 -6.79
CA GLY B 3 10.52 -1.11 -7.65
C GLY B 3 10.02 0.15 -6.95
N PHE B 4 8.71 0.22 -6.72
CA PHE B 4 8.12 1.38 -6.07
C PHE B 4 8.25 1.25 -4.55
N SER B 5 8.08 2.37 -3.84
CA SER B 5 8.18 2.37 -2.39
C SER B 5 7.22 3.39 -1.78
N PHE B 6 6.76 3.11 -0.54
CA PHE B 6 5.84 4.02 0.15
C PHE B 6 6.50 4.63 1.38
N GLY B 7 5.99 4.27 2.55
CA GLY B 7 6.52 4.79 3.80
C GLY B 7 8.05 4.84 3.77
N SER B 8 8.69 3.82 4.33
CA SER B 8 10.14 3.76 4.36
C SER B 8 10.61 2.36 4.73
N LYS B 9 11.25 1.68 3.80
CA LYS B 9 11.76 0.33 4.04
C LYS B 9 12.78 -0.07 2.99
N ARG A 3 1.31 -17.93 0.13
CA ARG A 3 -0.05 -17.87 0.76
C ARG A 3 -0.06 -16.77 1.82
N LEU A 4 -0.96 -15.79 1.63
CA LEU A 4 -1.07 -14.69 2.58
C LEU A 4 -1.89 -15.11 3.79
N ASN A 5 -1.74 -14.37 4.89
CA ASN A 5 -2.49 -14.69 6.11
C ASN A 5 -3.77 -13.84 6.19
N PRO A 6 -4.89 -14.45 6.45
CA PRO A 6 -6.18 -13.72 6.55
C PRO A 6 -6.03 -12.37 7.24
N VAL A 7 -5.04 -12.24 8.11
CA VAL A 7 -4.82 -10.99 8.82
C VAL A 7 -4.21 -9.97 7.85
N GLN A 8 -3.12 -10.37 7.21
CA GLN A 8 -2.46 -9.49 6.26
C GLN A 8 -3.42 -9.20 5.10
N LEU A 9 -4.20 -10.21 4.72
CA LEU A 9 -5.17 -10.04 3.64
C LEU A 9 -6.14 -8.93 4.02
N GLU A 10 -6.76 -9.07 5.18
CA GLU A 10 -7.70 -8.06 5.65
C GLU A 10 -7.04 -6.69 5.57
N LEU A 11 -5.77 -6.64 6.01
CA LEU A 11 -5.02 -5.39 5.96
C LEU A 11 -5.04 -4.85 4.54
N LEU A 12 -4.70 -5.69 3.56
CA LEU A 12 -4.71 -5.25 2.17
C LEU A 12 -6.06 -4.60 1.87
N ASN A 13 -7.13 -5.23 2.35
CA ASN A 13 -8.47 -4.72 2.13
C ASN A 13 -8.60 -3.30 2.68
N LYS A 14 -8.22 -3.12 3.94
CA LYS A 14 -8.28 -1.80 4.56
C LYS A 14 -7.37 -0.87 3.79
N LEU A 15 -6.29 -1.43 3.28
CA LEU A 15 -5.35 -0.65 2.52
C LEU A 15 -5.95 -0.24 1.17
N HIS A 16 -6.79 -1.12 0.61
CA HIS A 16 -7.44 -0.81 -0.67
C HIS A 16 -8.73 -0.06 -0.41
N LEU A 17 -9.11 0.04 0.86
CA LEU A 17 -10.33 0.74 1.23
C LEU A 17 -9.98 2.03 1.97
N GLU A 18 -8.69 2.20 2.28
CA GLU A 18 -8.22 3.39 2.96
C GLU A 18 -7.32 4.19 2.02
N THR A 19 -6.38 3.51 1.37
CA THR A 19 -5.52 4.19 0.40
C THR A 19 -6.19 4.06 -0.96
N LYS A 20 -7.11 3.10 -1.03
CA LYS A 20 -7.82 2.83 -2.27
C LYS A 20 -6.86 2.91 -3.43
N LEU A 21 -5.64 2.42 -3.19
CA LEU A 21 -4.62 2.42 -4.23
C LEU A 21 -4.40 0.99 -4.73
N ASN A 22 -5.13 0.65 -5.80
CA ASN A 22 -5.08 -0.67 -6.43
C ASN A 22 -4.36 -1.71 -5.56
N ALA A 23 -5.11 -2.71 -5.11
CA ALA A 23 -4.56 -3.78 -4.27
C ALA A 23 -3.11 -4.07 -4.61
N GLU A 24 -2.87 -4.65 -5.79
CA GLU A 24 -1.51 -4.97 -6.21
C GLU A 24 -0.49 -4.05 -5.54
N TYR A 25 -0.61 -2.76 -5.82
CA TYR A 25 0.29 -1.79 -5.22
C TYR A 25 0.09 -1.76 -3.70
N THR A 26 -1.17 -1.72 -3.27
CA THR A 26 -1.45 -1.68 -1.84
C THR A 26 -0.66 -2.80 -1.16
N PHE A 27 -0.56 -3.94 -1.83
CA PHE A 27 0.21 -5.04 -1.28
C PHE A 27 1.66 -4.61 -1.22
N MET A 28 2.18 -4.14 -2.36
CA MET A 28 3.56 -3.64 -2.38
C MET A 28 3.75 -2.74 -1.18
N LEU A 29 2.65 -2.13 -0.76
CA LEU A 29 2.65 -1.24 0.38
C LEU A 29 2.53 -2.01 1.69
N ALA A 30 1.79 -3.11 1.64
CA ALA A 30 1.62 -3.93 2.82
C ALA A 30 2.95 -4.55 3.17
N GLU A 31 3.85 -4.55 2.20
CA GLU A 31 5.17 -5.10 2.42
C GLU A 31 6.21 -3.98 2.54
N GLN A 32 6.06 -2.95 1.71
CA GLN A 32 6.99 -1.83 1.75
C GLN A 32 6.73 -0.98 2.99
N SER A 33 5.62 -1.27 3.67
CA SER A 33 5.26 -0.53 4.87
C SER A 33 5.45 -1.38 6.12
N ASN A 34 6.14 -2.51 5.99
CA ASN A 34 6.40 -3.39 7.13
C ASN A 34 5.13 -4.10 7.59
N TRP A 35 4.12 -4.14 6.75
CA TRP A 35 2.86 -4.80 7.10
C TRP A 35 2.29 -4.24 8.41
N ASN A 36 2.63 -3.00 8.72
CA ASN A 36 2.12 -2.38 9.95
C ASN A 36 0.64 -2.07 9.81
N TYR A 37 0.36 -0.98 9.11
CA TYR A 37 -0.99 -0.51 8.89
C TYR A 37 -0.93 1.00 8.96
N GLU A 38 -0.95 1.53 10.18
CA GLU A 38 -0.84 2.97 10.37
C GLU A 38 0.20 3.52 9.41
N VAL A 39 1.37 2.89 9.39
CA VAL A 39 2.43 3.34 8.50
C VAL A 39 1.99 3.05 7.07
N ALA A 40 1.38 1.88 6.85
CA ALA A 40 0.91 1.54 5.52
C ALA A 40 0.13 2.73 4.98
N ILE A 41 -1.02 2.99 5.60
CA ILE A 41 -1.83 4.14 5.22
C ILE A 41 -0.91 5.31 4.91
N LYS A 42 -0.12 5.67 5.92
CA LYS A 42 0.84 6.74 5.75
C LYS A 42 1.66 6.45 4.51
N GLY A 43 2.16 5.22 4.42
CA GLY A 43 2.95 4.79 3.27
C GLY A 43 2.33 5.33 2.00
N PHE A 44 1.10 4.95 1.72
CA PHE A 44 0.42 5.43 0.53
C PHE A 44 0.59 6.92 0.48
N GLN A 45 -0.10 7.57 1.40
CA GLN A 45 -0.03 9.03 1.48
C GLN A 45 1.37 9.50 1.91
N SER A 46 2.36 8.61 1.81
CA SER A 46 3.74 8.97 2.16
C SER A 46 4.54 9.30 0.90
N SER A 47 4.95 8.25 0.19
CA SER A 47 5.71 8.41 -1.04
C SER A 47 4.89 9.16 -2.08
N MET A 48 3.60 9.33 -1.79
CA MET A 48 2.70 10.03 -2.69
C MET A 48 3.44 11.13 -3.46
N ASN A 49 4.02 10.74 -4.58
CA ASN A 49 4.77 11.66 -5.43
C ASN A 49 5.35 10.89 -6.59
N GLY A 50 5.18 9.57 -6.57
CA GLY A 50 5.68 8.69 -7.62
C GLY A 50 4.63 7.66 -8.02
N ILE A 51 3.84 7.21 -7.04
CA ILE A 51 2.81 6.22 -7.32
C ILE A 51 2.03 6.63 -8.57
N PRO A 52 1.86 5.75 -9.53
CA PRO A 52 1.15 6.07 -10.80
C PRO A 52 -0.36 6.16 -10.63
N ARG A 53 -1.04 6.45 -11.74
CA ARG A 53 -2.49 6.55 -11.72
C ARG A 53 -3.10 5.16 -11.61
N GLU A 54 -2.28 4.15 -11.85
CA GLU A 54 -2.73 2.77 -11.76
C GLU A 54 -2.76 2.33 -10.30
N ALA A 55 -1.67 2.60 -9.60
CA ALA A 55 -1.58 2.25 -8.20
C ALA A 55 -2.59 3.05 -7.40
N PHE A 56 -2.64 4.35 -7.70
CA PHE A 56 -3.56 5.26 -7.02
C PHE A 56 -4.82 5.46 -7.88
N VAL A 57 -5.88 4.78 -7.49
CA VAL A 57 -7.15 4.87 -8.22
C VAL A 57 -8.14 5.78 -7.51
N GLN A 58 -8.19 7.03 -7.95
CA GLN A 58 -9.11 8.03 -7.38
C GLN A 58 -8.79 8.33 -5.92
N PHE A 59 -7.64 7.87 -5.45
CA PHE A 59 -7.24 8.11 -4.06
C PHE A 59 -5.76 8.50 -3.98
N ASP B 1 14.72 0.56 -8.50
CA ASP B 1 15.23 0.76 -9.88
C ASP B 1 14.35 0.00 -10.86
N SER B 2 13.40 -0.77 -10.34
CA SER B 2 12.50 -1.54 -11.18
C SER B 2 11.24 -1.90 -10.42
N GLY B 3 10.73 -0.96 -9.63
CA GLY B 3 9.52 -1.20 -8.85
C GLY B 3 9.04 0.09 -8.19
N PHE B 4 8.56 -0.03 -6.96
CA PHE B 4 8.06 1.13 -6.23
C PHE B 4 8.21 0.92 -4.72
N SER B 5 8.09 2.00 -3.95
CA SER B 5 8.23 1.91 -2.50
C SER B 5 7.40 2.99 -1.80
N PHE B 6 6.84 2.65 -0.63
CA PHE B 6 6.03 3.60 0.13
C PHE B 6 6.76 4.02 1.40
N GLY B 7 6.03 4.68 2.30
CA GLY B 7 6.60 5.13 3.57
C GLY B 7 8.06 5.55 3.41
N SER B 8 8.81 5.47 4.50
CA SER B 8 10.22 5.84 4.48
C SER B 8 11.11 4.60 4.40
N LYS B 9 11.23 4.04 3.20
CA LYS B 9 12.06 2.86 3.02
C LYS B 9 13.46 3.25 2.57
N ARG A 3 -0.77 -18.35 0.10
CA ARG A 3 -1.36 -17.16 -0.58
C ARG A 3 -1.70 -16.10 0.47
N LEU A 4 -0.67 -15.57 1.13
CA LEU A 4 -0.87 -14.54 2.14
C LEU A 4 -1.78 -15.09 3.25
N ASN A 5 -1.70 -14.47 4.43
CA ASN A 5 -2.52 -14.90 5.55
C ASN A 5 -3.80 -14.07 5.59
N PRO A 6 -4.81 -14.53 6.28
CA PRO A 6 -6.12 -13.82 6.37
C PRO A 6 -6.01 -12.50 7.13
N VAL A 7 -5.04 -12.41 8.04
CA VAL A 7 -4.86 -11.18 8.80
C VAL A 7 -4.31 -10.12 7.88
N GLN A 8 -3.24 -10.46 7.18
CA GLN A 8 -2.62 -9.54 6.25
C GLN A 8 -3.60 -9.22 5.13
N LEU A 9 -4.21 -10.26 4.55
CA LEU A 9 -5.18 -10.06 3.50
C LEU A 9 -6.18 -9.00 3.94
N GLU A 10 -6.74 -9.18 5.13
CA GLU A 10 -7.69 -8.21 5.66
C GLU A 10 -7.06 -6.83 5.63
N LEU A 11 -5.80 -6.75 6.09
CA LEU A 11 -5.09 -5.48 6.09
C LEU A 11 -5.10 -4.90 4.68
N LEU A 12 -4.69 -5.71 3.69
CA LEU A 12 -4.71 -5.25 2.31
C LEU A 12 -6.05 -4.60 2.01
N ASN A 13 -7.11 -5.25 2.50
CA ASN A 13 -8.46 -4.74 2.30
C ASN A 13 -8.60 -3.33 2.86
N LYS A 14 -8.26 -3.17 4.14
CA LYS A 14 -8.33 -1.88 4.78
C LYS A 14 -7.41 -0.93 4.05
N LEU A 15 -6.31 -1.49 3.57
CA LEU A 15 -5.35 -0.70 2.84
C LEU A 15 -5.93 -0.31 1.48
N HIS A 16 -6.59 -1.25 0.80
CA HIS A 16 -7.18 -0.95 -0.49
C HIS A 16 -8.47 -0.17 -0.29
N LEU A 17 -8.88 -0.04 0.97
CA LEU A 17 -10.11 0.68 1.27
C LEU A 17 -9.78 2.02 1.93
N GLU A 18 -8.51 2.19 2.32
CA GLU A 18 -8.08 3.44 2.95
C GLU A 18 -7.21 4.24 1.99
N THR A 19 -6.28 3.58 1.32
CA THR A 19 -5.43 4.26 0.35
C THR A 19 -5.97 3.98 -1.04
N LYS A 20 -6.73 2.89 -1.13
CA LYS A 20 -7.35 2.50 -2.38
C LYS A 20 -6.39 2.71 -3.56
N LEU A 21 -5.08 2.55 -3.32
CA LEU A 21 -4.12 2.73 -4.41
C LEU A 21 -3.92 1.42 -5.16
N ASN A 22 -5.02 0.77 -5.52
CA ASN A 22 -4.96 -0.48 -6.27
C ASN A 22 -4.37 -1.60 -5.41
N ALA A 23 -5.14 -2.68 -5.25
CA ALA A 23 -4.71 -3.81 -4.45
C ALA A 23 -3.25 -4.15 -4.72
N GLU A 24 -2.99 -4.86 -5.82
CA GLU A 24 -1.62 -5.25 -6.17
C GLU A 24 -0.62 -4.26 -5.58
N TYR A 25 -0.80 -2.99 -5.92
CA TYR A 25 0.08 -1.97 -5.40
C TYR A 25 -0.10 -1.84 -3.89
N THR A 26 -1.36 -1.73 -3.46
CA THR A 26 -1.63 -1.63 -2.03
C THR A 26 -0.80 -2.67 -1.29
N PHE A 27 -0.75 -3.88 -1.84
CA PHE A 27 0.04 -4.93 -1.24
C PHE A 27 1.49 -4.49 -1.25
N MET A 28 1.96 -3.98 -2.39
CA MET A 28 3.33 -3.48 -2.46
C MET A 28 3.58 -2.60 -1.25
N LEU A 29 2.50 -1.95 -0.79
CA LEU A 29 2.57 -1.08 0.37
C LEU A 29 2.49 -1.88 1.66
N ALA A 30 1.73 -2.97 1.64
CA ALA A 30 1.59 -3.80 2.81
C ALA A 30 2.92 -4.43 3.13
N GLU A 31 3.78 -4.47 2.11
CA GLU A 31 5.11 -5.04 2.30
C GLU A 31 6.14 -3.93 2.46
N GLN A 32 5.99 -2.87 1.67
CA GLN A 32 6.91 -1.75 1.75
C GLN A 32 6.65 -0.95 3.02
N SER A 33 5.57 -1.30 3.72
CA SER A 33 5.21 -0.62 4.96
C SER A 33 5.46 -1.50 6.17
N ASN A 34 6.13 -2.64 5.96
CA ASN A 34 6.44 -3.55 7.06
C ASN A 34 5.17 -4.26 7.57
N TRP A 35 4.10 -4.17 6.79
CA TRP A 35 2.83 -4.80 7.17
C TRP A 35 2.32 -4.26 8.50
N ASN A 36 2.61 -2.99 8.79
CA ASN A 36 2.15 -2.39 10.03
C ASN A 36 0.68 -2.04 9.95
N TYR A 37 0.40 -0.96 9.23
CA TYR A 37 -0.95 -0.46 9.05
C TYR A 37 -0.85 1.05 9.11
N GLU A 38 -0.83 1.58 10.33
CA GLU A 38 -0.69 3.01 10.52
C GLU A 38 0.34 3.56 9.54
N VAL A 39 1.51 2.91 9.51
CA VAL A 39 2.55 3.33 8.60
C VAL A 39 2.11 3.05 7.18
N ALA A 40 1.44 1.92 6.98
CA ALA A 40 0.95 1.59 5.67
C ALA A 40 0.18 2.79 5.13
N ILE A 41 -0.94 3.08 5.78
CA ILE A 41 -1.75 4.23 5.43
C ILE A 41 -0.82 5.39 5.10
N LYS A 42 -0.10 5.87 6.10
CA LYS A 42 0.85 6.95 5.89
C LYS A 42 1.71 6.60 4.68
N GLY A 43 2.07 5.32 4.58
CA GLY A 43 2.87 4.85 3.45
C GLY A 43 2.31 5.43 2.17
N PHE A 44 1.04 5.15 1.90
CA PHE A 44 0.41 5.70 0.71
C PHE A 44 0.61 7.19 0.75
N GLN A 45 0.11 7.77 1.82
CA GLN A 45 0.23 9.21 2.02
C GLN A 45 1.71 9.62 2.18
N SER A 46 2.61 8.64 2.07
CA SER A 46 4.05 8.92 2.22
C SER A 46 4.69 9.28 0.89
N SER A 47 5.18 8.26 0.18
CA SER A 47 5.84 8.46 -1.10
C SER A 47 4.99 9.31 -2.03
N MET A 48 3.72 9.47 -1.69
CA MET A 48 2.80 10.25 -2.52
C MET A 48 3.55 11.30 -3.33
N ASN A 49 4.00 10.90 -4.51
CA ASN A 49 4.74 11.78 -5.40
C ASN A 49 5.36 10.97 -6.53
N GLY A 50 5.13 9.66 -6.48
CA GLY A 50 5.67 8.76 -7.49
C GLY A 50 4.64 7.72 -7.91
N ILE A 51 3.75 7.36 -6.97
CA ILE A 51 2.71 6.38 -7.26
C ILE A 51 2.01 6.76 -8.57
N PRO A 52 1.89 5.84 -9.50
CA PRO A 52 1.26 6.12 -10.82
C PRO A 52 -0.26 6.20 -10.78
N ARG A 53 -0.85 6.40 -11.95
CA ARG A 53 -2.30 6.49 -12.09
C ARG A 53 -2.90 5.10 -12.05
N GLU A 54 -2.05 4.09 -12.20
CA GLU A 54 -2.49 2.72 -12.18
C GLU A 54 -2.63 2.23 -10.75
N ALA A 55 -1.68 2.63 -9.92
CA ALA A 55 -1.71 2.25 -8.52
C ALA A 55 -2.73 3.09 -7.80
N PHE A 56 -2.74 4.39 -8.09
CA PHE A 56 -3.68 5.31 -7.47
C PHE A 56 -4.96 5.39 -8.30
N VAL A 57 -5.95 4.61 -7.89
CA VAL A 57 -7.23 4.55 -8.59
C VAL A 57 -8.27 5.47 -7.94
N GLN A 58 -8.15 6.77 -8.22
CA GLN A 58 -9.08 7.76 -7.69
C GLN A 58 -8.81 8.06 -6.21
N PHE A 59 -7.70 7.53 -5.70
CA PHE A 59 -7.33 7.77 -4.30
C PHE A 59 -5.86 8.15 -4.19
N ASP B 1 13.95 -7.12 -5.71
CA ASP B 1 13.11 -6.17 -4.93
C ASP B 1 13.68 -4.76 -5.05
N SER B 2 13.09 -3.97 -5.95
CA SER B 2 13.55 -2.61 -6.17
C SER B 2 12.53 -1.83 -7.00
N GLY B 3 11.25 -2.18 -6.84
CA GLY B 3 10.20 -1.51 -7.58
C GLY B 3 9.78 -0.21 -6.90
N PHE B 4 8.48 -0.03 -6.72
CA PHE B 4 7.96 1.17 -6.06
C PHE B 4 8.03 1.03 -4.55
N SER B 5 8.11 2.16 -3.84
CA SER B 5 8.18 2.15 -2.38
C SER B 5 7.26 3.21 -1.78
N PHE B 6 6.80 2.97 -0.56
CA PHE B 6 5.91 3.91 0.12
C PHE B 6 6.58 4.51 1.36
N GLY B 7 6.05 4.19 2.53
CA GLY B 7 6.60 4.71 3.78
C GLY B 7 8.09 4.37 3.89
N SER B 8 8.61 4.44 5.11
CA SER B 8 10.01 4.15 5.34
C SER B 8 10.34 2.71 4.93
N LYS B 9 11.58 2.48 4.50
CA LYS B 9 12.00 1.15 4.09
C LYS B 9 13.50 0.98 4.27
N ARG A 3 -0.25 -16.80 -1.26
CA ARG A 3 0.60 -17.27 -0.13
C ARG A 3 0.44 -16.31 1.04
N LEU A 4 -0.62 -15.51 1.00
CA LEU A 4 -0.88 -14.54 2.07
C LEU A 4 -1.81 -15.13 3.11
N ASN A 5 -1.82 -14.55 4.31
CA ASN A 5 -2.68 -15.03 5.38
C ASN A 5 -3.98 -14.23 5.39
N PRO A 6 -4.87 -14.51 6.31
CA PRO A 6 -6.17 -13.79 6.39
C PRO A 6 -6.05 -12.47 7.15
N VAL A 7 -5.08 -12.39 8.05
CA VAL A 7 -4.88 -11.16 8.82
C VAL A 7 -4.29 -10.10 7.90
N GLN A 8 -3.24 -10.51 7.18
CA GLN A 8 -2.58 -9.61 6.25
C GLN A 8 -3.56 -9.27 5.12
N LEU A 9 -4.19 -10.30 4.55
CA LEU A 9 -5.15 -10.08 3.48
C LEU A 9 -6.14 -9.01 3.92
N GLU A 10 -6.71 -9.19 5.11
CA GLU A 10 -7.64 -8.21 5.63
C GLU A 10 -7.00 -6.84 5.62
N LEU A 11 -5.76 -6.77 6.11
CA LEU A 11 -5.03 -5.51 6.12
C LEU A 11 -5.05 -4.91 4.70
N LEU A 12 -4.72 -5.73 3.71
CA LEU A 12 -4.73 -5.25 2.33
C LEU A 12 -6.06 -4.59 2.03
N ASN A 13 -7.15 -5.23 2.44
CA ASN A 13 -8.48 -4.69 2.22
C ASN A 13 -8.60 -3.29 2.83
N LYS A 14 -8.26 -3.19 4.11
CA LYS A 14 -8.32 -1.90 4.78
C LYS A 14 -7.41 -0.95 4.06
N LEU A 15 -6.30 -1.49 3.57
CA LEU A 15 -5.35 -0.70 2.85
C LEU A 15 -5.92 -0.29 1.49
N HIS A 16 -6.60 -1.23 0.82
CA HIS A 16 -7.20 -0.93 -0.47
C HIS A 16 -8.48 -0.16 -0.27
N LEU A 17 -8.88 0.01 1.00
CA LEU A 17 -10.10 0.73 1.31
C LEU A 17 -9.77 2.08 1.94
N GLU A 18 -8.51 2.25 2.35
CA GLU A 18 -8.08 3.49 2.97
C GLU A 18 -7.21 4.29 2.00
N THR A 19 -6.27 3.61 1.35
CA THR A 19 -5.42 4.29 0.37
C THR A 19 -5.97 4.00 -1.02
N LYS A 20 -6.74 2.92 -1.10
CA LYS A 20 -7.36 2.52 -2.35
C LYS A 20 -6.40 2.72 -3.52
N LEU A 21 -5.10 2.58 -3.29
CA LEU A 21 -4.16 2.75 -4.40
C LEU A 21 -3.96 1.43 -5.13
N ASN A 22 -5.07 0.81 -5.51
CA ASN A 22 -5.03 -0.45 -6.26
C ASN A 22 -4.45 -1.56 -5.40
N ALA A 23 -5.21 -2.63 -5.24
CA ALA A 23 -4.78 -3.77 -4.44
C ALA A 23 -3.32 -4.12 -4.71
N GLU A 24 -3.07 -4.80 -5.83
CA GLU A 24 -1.70 -5.18 -6.20
C GLU A 24 -0.69 -4.21 -5.59
N TYR A 25 -0.84 -2.93 -5.93
CA TYR A 25 0.05 -1.93 -5.40
C TYR A 25 -0.14 -1.81 -3.89
N THR A 26 -1.40 -1.71 -3.45
CA THR A 26 -1.66 -1.62 -2.02
C THR A 26 -0.82 -2.66 -1.29
N PHE A 27 -0.79 -3.87 -1.83
CA PHE A 27 0.02 -4.92 -1.24
C PHE A 27 1.46 -4.46 -1.26
N MET A 28 1.90 -3.92 -2.41
CA MET A 28 3.25 -3.42 -2.51
C MET A 28 3.53 -2.55 -1.30
N LEU A 29 2.46 -1.92 -0.81
CA LEU A 29 2.56 -1.06 0.36
C LEU A 29 2.49 -1.88 1.65
N ALA A 30 1.73 -2.97 1.61
CA ALA A 30 1.60 -3.82 2.78
C ALA A 30 2.94 -4.46 3.06
N GLU A 31 3.79 -4.47 2.04
CA GLU A 31 5.11 -5.05 2.20
C GLU A 31 6.15 -3.95 2.39
N GLN A 32 5.98 -2.85 1.66
CA GLN A 32 6.91 -1.73 1.77
C GLN A 32 6.63 -0.96 3.05
N SER A 33 5.54 -1.34 3.72
CA SER A 33 5.18 -0.68 4.98
C SER A 33 5.44 -1.56 6.18
N ASN A 34 6.13 -2.68 5.97
CA ASN A 34 6.44 -3.60 7.06
C ASN A 34 5.18 -4.29 7.56
N TRP A 35 4.10 -4.19 6.80
CA TRP A 35 2.83 -4.80 7.17
C TRP A 35 2.32 -4.27 8.51
N ASN A 36 2.59 -3.00 8.80
CA ASN A 36 2.14 -2.41 10.05
C ASN A 36 0.66 -2.04 9.95
N TYR A 37 0.41 -0.96 9.24
CA TYR A 37 -0.92 -0.43 9.03
C TYR A 37 -0.81 1.07 9.10
N GLU A 38 -0.80 1.60 10.31
CA GLU A 38 -0.65 3.03 10.52
C GLU A 38 0.39 3.57 9.55
N VAL A 39 1.55 2.91 9.51
CA VAL A 39 2.60 3.31 8.60
C VAL A 39 2.16 3.05 7.17
N ALA A 40 1.45 1.93 6.98
CA ALA A 40 0.97 1.60 5.66
C ALA A 40 0.20 2.80 5.13
N ILE A 41 -0.93 3.08 5.77
CA ILE A 41 -1.74 4.25 5.42
C ILE A 41 -0.81 5.40 5.10
N LYS A 42 -0.10 5.88 6.13
CA LYS A 42 0.85 6.96 5.93
C LYS A 42 1.72 6.63 4.72
N GLY A 43 2.06 5.35 4.59
CA GLY A 43 2.86 4.89 3.47
C GLY A 43 2.31 5.46 2.18
N PHE A 44 1.05 5.18 1.91
CA PHE A 44 0.41 5.73 0.73
C PHE A 44 0.59 7.23 0.76
N GLN A 45 0.10 7.80 1.84
CA GLN A 45 0.21 9.25 2.04
C GLN A 45 1.69 9.66 2.16
N SER A 46 2.58 8.68 2.09
CA SER A 46 4.02 8.96 2.21
C SER A 46 4.63 9.32 0.86
N SER A 47 5.15 8.30 0.17
CA SER A 47 5.78 8.51 -1.13
C SER A 47 4.87 9.30 -2.06
N MET A 48 3.61 9.46 -1.66
CA MET A 48 2.64 10.19 -2.45
C MET A 48 3.32 11.28 -3.28
N ASN A 49 3.77 10.90 -4.47
CA ASN A 49 4.45 11.82 -5.36
C ASN A 49 5.09 11.04 -6.52
N GLY A 50 5.04 9.71 -6.40
CA GLY A 50 5.61 8.84 -7.43
C GLY A 50 4.59 7.79 -7.86
N ILE A 51 3.77 7.34 -6.92
CA ILE A 51 2.75 6.34 -7.22
C ILE A 51 2.08 6.68 -8.56
N PRO A 52 1.97 5.74 -9.47
CA PRO A 52 1.37 5.99 -10.82
C PRO A 52 -0.16 6.09 -10.79
N ARG A 53 -0.72 6.27 -11.99
CA ARG A 53 -2.16 6.37 -12.14
C ARG A 53 -2.78 4.98 -12.10
N GLU A 54 -1.93 3.97 -12.22
CA GLU A 54 -2.38 2.59 -12.20
C GLU A 54 -2.54 2.11 -10.77
N ALA A 55 -1.64 2.59 -9.92
CA ALA A 55 -1.67 2.21 -8.51
C ALA A 55 -2.71 3.07 -7.80
N PHE A 56 -2.70 4.36 -8.11
CA PHE A 56 -3.63 5.29 -7.51
C PHE A 56 -4.91 5.35 -8.34
N VAL A 57 -5.90 4.58 -7.90
CA VAL A 57 -7.18 4.51 -8.59
C VAL A 57 -8.23 5.41 -7.96
N GLN A 58 -8.10 6.72 -8.21
CA GLN A 58 -9.05 7.70 -7.67
C GLN A 58 -8.78 8.02 -6.21
N PHE A 59 -7.66 7.51 -5.70
CA PHE A 59 -7.29 7.76 -4.30
C PHE A 59 -5.81 8.13 -4.19
N ASP B 1 17.64 -3.10 -9.76
CA ASP B 1 16.59 -2.05 -9.87
C ASP B 1 15.47 -2.35 -8.89
N SER B 2 15.32 -1.49 -7.89
CA SER B 2 14.27 -1.67 -6.89
C SER B 2 12.92 -1.22 -7.43
N GLY B 3 11.85 -1.77 -6.88
CA GLY B 3 10.51 -1.41 -7.32
C GLY B 3 10.02 -0.15 -6.63
N PHE B 4 8.71 0.08 -6.65
CA PHE B 4 8.14 1.26 -6.02
C PHE B 4 8.25 1.16 -4.50
N SER B 5 8.11 2.29 -3.81
CA SER B 5 8.20 2.32 -2.35
C SER B 5 7.24 3.34 -1.75
N PHE B 6 6.81 3.08 -0.51
CA PHE B 6 5.88 3.99 0.17
C PHE B 6 6.52 4.58 1.42
N GLY B 7 5.98 4.23 2.59
CA GLY B 7 6.50 4.73 3.85
C GLY B 7 8.02 4.62 3.92
N SER B 8 8.64 5.41 4.79
CA SER B 8 10.07 5.39 4.94
C SER B 8 10.50 4.26 5.86
N LYS B 9 11.07 3.20 5.27
CA LYS B 9 11.51 2.05 6.05
C LYS B 9 12.62 2.46 7.02
N ARG A 3 0.79 -16.92 -1.52
CA ARG A 3 0.01 -17.38 -0.34
C ARG A 3 0.09 -16.34 0.77
N LEU A 4 -1.01 -15.60 0.94
CA LEU A 4 -1.07 -14.57 1.98
C LEU A 4 -1.93 -15.02 3.15
N ASN A 5 -1.71 -14.44 4.32
CA ASN A 5 -2.49 -14.81 5.51
C ASN A 5 -3.78 -13.99 5.55
N PRO A 6 -4.85 -14.54 6.09
CA PRO A 6 -6.15 -13.82 6.17
C PRO A 6 -6.03 -12.51 6.95
N VAL A 7 -5.05 -12.43 7.84
CA VAL A 7 -4.86 -11.21 8.62
C VAL A 7 -4.26 -10.15 7.71
N GLN A 8 -3.18 -10.53 7.02
CA GLN A 8 -2.54 -9.59 6.11
C GLN A 8 -3.50 -9.24 4.99
N LEU A 9 -4.19 -10.25 4.45
CA LEU A 9 -5.16 -10.01 3.39
C LEU A 9 -6.15 -8.95 3.85
N GLU A 10 -6.71 -9.16 5.03
CA GLU A 10 -7.65 -8.18 5.58
C GLU A 10 -7.01 -6.80 5.57
N LEU A 11 -5.75 -6.74 6.00
CA LEU A 11 -5.02 -5.50 6.02
C LEU A 11 -5.04 -4.89 4.61
N LEU A 12 -4.68 -5.71 3.61
CA LEU A 12 -4.68 -5.23 2.24
C LEU A 12 -6.02 -4.56 1.93
N ASN A 13 -7.11 -5.19 2.38
CA ASN A 13 -8.43 -4.64 2.16
C ASN A 13 -8.56 -3.27 2.79
N LYS A 14 -8.22 -3.18 4.07
CA LYS A 14 -8.29 -1.91 4.77
C LYS A 14 -7.38 -0.94 4.06
N LEU A 15 -6.28 -1.47 3.56
CA LEU A 15 -5.34 -0.65 2.84
C LEU A 15 -5.93 -0.25 1.48
N HIS A 16 -6.60 -1.18 0.82
CA HIS A 16 -7.21 -0.88 -0.46
C HIS A 16 -8.51 -0.11 -0.25
N LEU A 17 -8.88 0.05 1.01
CA LEU A 17 -10.12 0.76 1.33
C LEU A 17 -9.79 2.11 1.97
N GLU A 18 -8.52 2.27 2.38
CA GLU A 18 -8.09 3.53 2.99
C GLU A 18 -7.22 4.32 2.03
N THR A 19 -6.29 3.65 1.35
CA THR A 19 -5.44 4.33 0.38
C THR A 19 -5.99 4.02 -1.00
N LYS A 20 -6.75 2.94 -1.08
CA LYS A 20 -7.37 2.53 -2.32
C LYS A 20 -6.41 2.70 -3.50
N LEU A 21 -5.11 2.59 -3.26
CA LEU A 21 -4.17 2.74 -4.36
C LEU A 21 -3.96 1.41 -5.08
N ASN A 22 -5.07 0.79 -5.46
CA ASN A 22 -5.02 -0.47 -6.19
C ASN A 22 -4.41 -1.58 -5.33
N ALA A 23 -5.16 -2.66 -5.16
CA ALA A 23 -4.69 -3.79 -4.36
C ALA A 23 -3.24 -4.12 -4.66
N GLU A 24 -2.99 -4.80 -5.78
CA GLU A 24 -1.62 -5.17 -6.16
C GLU A 24 -0.62 -4.18 -5.57
N TYR A 25 -0.80 -2.91 -5.88
CA TYR A 25 0.08 -1.89 -5.37
C TYR A 25 -0.11 -1.77 -3.86
N THR A 26 -1.36 -1.68 -3.41
CA THR A 26 -1.62 -1.59 -1.98
C THR A 26 -0.79 -2.64 -1.25
N PHE A 27 -0.75 -3.84 -1.82
CA PHE A 27 0.06 -4.89 -1.23
C PHE A 27 1.50 -4.44 -1.24
N MET A 28 1.94 -3.90 -2.39
CA MET A 28 3.30 -3.38 -2.47
C MET A 28 3.57 -2.51 -1.26
N LEU A 29 2.50 -1.88 -0.77
CA LEU A 29 2.60 -1.01 0.39
C LEU A 29 2.52 -1.83 1.68
N ALA A 30 1.78 -2.93 1.64
CA ALA A 30 1.64 -3.78 2.80
C ALA A 30 2.98 -4.41 3.09
N GLU A 31 3.83 -4.44 2.07
CA GLU A 31 5.15 -5.01 2.23
C GLU A 31 6.19 -3.91 2.43
N GLN A 32 6.01 -2.81 1.71
CA GLN A 32 6.94 -1.68 1.82
C GLN A 32 6.65 -0.93 3.11
N SER A 33 5.56 -1.31 3.78
CA SER A 33 5.18 -0.66 5.03
C SER A 33 5.45 -1.56 6.24
N ASN A 34 6.15 -2.66 6.01
CA ASN A 34 6.46 -3.60 7.10
C ASN A 34 5.21 -4.30 7.61
N TRP A 35 4.12 -4.17 6.85
CA TRP A 35 2.85 -4.80 7.23
C TRP A 35 2.35 -4.27 8.57
N ASN A 36 2.60 -3.00 8.86
CA ASN A 36 2.15 -2.42 10.12
C ASN A 36 0.67 -2.07 10.04
N TYR A 37 0.39 -1.01 9.30
CA TYR A 37 -0.96 -0.51 9.11
C TYR A 37 -0.87 1.01 9.18
N GLU A 38 -0.86 1.53 10.40
CA GLU A 38 -0.74 2.97 10.60
C GLU A 38 0.30 3.52 9.64
N VAL A 39 1.47 2.87 9.59
CA VAL A 39 2.51 3.30 8.68
C VAL A 39 2.07 3.04 7.25
N ALA A 40 1.41 1.90 7.04
CA ALA A 40 0.93 1.58 5.71
C ALA A 40 0.15 2.77 5.18
N ILE A 41 -0.96 3.06 5.84
CA ILE A 41 -1.78 4.22 5.49
C ILE A 41 -0.85 5.38 5.20
N LYS A 42 -0.16 5.86 6.24
CA LYS A 42 0.77 6.96 6.06
C LYS A 42 1.68 6.63 4.87
N GLY A 43 1.96 5.33 4.70
CA GLY A 43 2.80 4.89 3.59
C GLY A 43 2.25 5.48 2.30
N PHE A 44 1.00 5.18 1.99
CA PHE A 44 0.38 5.74 0.80
C PHE A 44 0.57 7.23 0.85
N GLN A 45 0.05 7.81 1.92
CA GLN A 45 0.16 9.24 2.12
C GLN A 45 1.64 9.67 2.23
N SER A 46 2.54 8.69 2.22
CA SER A 46 3.98 8.98 2.33
C SER A 46 4.54 9.43 0.99
N SER A 47 5.01 8.46 0.20
CA SER A 47 5.59 8.77 -1.10
C SER A 47 4.74 9.79 -1.86
N MET A 48 3.48 9.44 -2.10
CA MET A 48 2.56 10.31 -2.81
C MET A 48 3.32 11.32 -3.67
N ASN A 49 4.03 10.81 -4.66
CA ASN A 49 4.81 11.65 -5.56
C ASN A 49 5.43 10.80 -6.66
N GLY A 50 5.18 9.50 -6.61
CA GLY A 50 5.71 8.58 -7.61
C GLY A 50 4.66 7.54 -7.99
N ILE A 51 3.73 7.29 -7.08
CA ILE A 51 2.67 6.31 -7.34
C ILE A 51 1.96 6.67 -8.65
N PRO A 52 1.85 5.74 -9.58
CA PRO A 52 1.20 6.01 -10.90
C PRO A 52 -0.32 6.10 -10.83
N ARG A 53 -0.93 6.26 -12.01
CA ARG A 53 -2.37 6.35 -12.10
C ARG A 53 -2.97 4.96 -12.01
N GLU A 54 -2.13 3.95 -12.22
CA GLU A 54 -2.57 2.57 -12.17
C GLU A 54 -2.66 2.11 -10.72
N ALA A 55 -1.71 2.56 -9.92
CA ALA A 55 -1.70 2.19 -8.51
C ALA A 55 -2.72 3.05 -7.78
N PHE A 56 -2.73 4.34 -8.10
CA PHE A 56 -3.65 5.26 -7.47
C PHE A 56 -4.93 5.36 -8.30
N VAL A 57 -5.93 4.59 -7.88
CA VAL A 57 -7.21 4.55 -8.59
C VAL A 57 -8.23 5.49 -7.96
N GLN A 58 -8.10 6.78 -8.27
CA GLN A 58 -9.01 7.80 -7.76
C GLN A 58 -8.78 8.09 -6.28
N PHE A 59 -7.68 7.57 -5.74
CA PHE A 59 -7.36 7.79 -4.33
C PHE A 59 -5.88 8.17 -4.17
N ASP B 1 8.26 -3.61 -14.08
CA ASP B 1 7.42 -3.21 -12.90
C ASP B 1 8.28 -2.46 -11.89
N SER B 2 8.09 -1.16 -11.82
CA SER B 2 8.86 -0.33 -10.89
C SER B 2 8.62 -0.78 -9.45
N GLY B 3 9.71 -1.04 -8.73
CA GLY B 3 9.61 -1.48 -7.35
C GLY B 3 8.83 -0.46 -6.52
N PHE B 4 9.06 0.82 -6.78
CA PHE B 4 8.37 1.87 -6.03
C PHE B 4 8.53 1.67 -4.53
N SER B 5 8.13 2.68 -3.76
CA SER B 5 8.22 2.61 -2.31
C SER B 5 7.25 3.60 -1.66
N PHE B 6 6.80 3.27 -0.45
CA PHE B 6 5.86 4.14 0.27
C PHE B 6 6.51 4.71 1.53
N GLY B 7 6.00 4.30 2.69
CA GLY B 7 6.52 4.78 3.96
C GLY B 7 8.05 4.85 3.95
N SER B 8 8.69 3.73 4.29
CA SER B 8 10.14 3.68 4.32
C SER B 8 10.64 2.26 4.07
N LYS B 9 11.87 2.14 3.58
CA LYS B 9 12.44 0.84 3.29
C LYS B 9 13.92 0.97 2.93
N ARG A 3 -2.87 -17.26 -1.28
CA ARG A 3 -1.80 -17.28 -0.24
C ARG A 3 -2.07 -16.16 0.78
N LEU A 4 -0.99 -15.65 1.37
CA LEU A 4 -1.11 -14.58 2.35
C LEU A 4 -1.92 -15.05 3.56
N ASN A 5 -1.72 -14.39 4.69
CA ASN A 5 -2.44 -14.76 5.91
C ASN A 5 -3.71 -13.92 6.04
N PRO A 6 -4.84 -14.53 6.32
CA PRO A 6 -6.13 -13.81 6.46
C PRO A 6 -5.97 -12.47 7.19
N VAL A 7 -4.94 -12.36 8.03
CA VAL A 7 -4.72 -11.13 8.76
C VAL A 7 -4.14 -10.09 7.82
N GLN A 8 -3.05 -10.47 7.15
CA GLN A 8 -2.41 -9.57 6.21
C GLN A 8 -3.38 -9.26 5.08
N LEU A 9 -4.19 -10.24 4.70
CA LEU A 9 -5.17 -10.04 3.64
C LEU A 9 -6.14 -8.95 4.07
N GLU A 10 -6.72 -9.12 5.26
CA GLU A 10 -7.65 -8.13 5.78
C GLU A 10 -6.99 -6.76 5.72
N LEU A 11 -5.70 -6.72 6.08
CA LEU A 11 -4.96 -5.47 6.03
C LEU A 11 -5.02 -4.90 4.63
N LEU A 12 -4.70 -5.72 3.63
CA LEU A 12 -4.76 -5.28 2.24
C LEU A 12 -6.10 -4.60 1.98
N ASN A 13 -7.17 -5.21 2.47
CA ASN A 13 -8.50 -4.66 2.28
C ASN A 13 -8.60 -3.26 2.90
N LYS A 14 -8.27 -3.16 4.18
CA LYS A 14 -8.31 -1.88 4.86
C LYS A 14 -7.42 -0.93 4.10
N LEU A 15 -6.34 -1.47 3.58
CA LEU A 15 -5.40 -0.67 2.82
C LEU A 15 -6.02 -0.28 1.48
N HIS A 16 -6.63 -1.23 0.79
CA HIS A 16 -7.25 -0.93 -0.49
C HIS A 16 -8.53 -0.15 -0.25
N LEU A 17 -8.88 0.04 1.01
CA LEU A 17 -10.09 0.77 1.35
C LEU A 17 -9.73 2.12 1.95
N GLU A 18 -8.47 2.28 2.35
CA GLU A 18 -8.01 3.54 2.93
C GLU A 18 -7.17 4.32 1.92
N THR A 19 -6.23 3.64 1.27
CA THR A 19 -5.41 4.30 0.26
C THR A 19 -5.98 3.97 -1.10
N LYS A 20 -6.72 2.88 -1.15
CA LYS A 20 -7.36 2.45 -2.37
C LYS A 20 -6.41 2.61 -3.57
N LEU A 21 -5.10 2.55 -3.33
CA LEU A 21 -4.16 2.71 -4.44
C LEU A 21 -3.95 1.38 -5.16
N ASN A 22 -5.06 0.76 -5.56
CA ASN A 22 -5.00 -0.49 -6.30
C ASN A 22 -4.41 -1.61 -5.44
N ALA A 23 -5.17 -2.68 -5.28
CA ALA A 23 -4.72 -3.82 -4.46
C ALA A 23 -3.27 -4.16 -4.75
N GLU A 24 -3.01 -4.86 -5.85
CA GLU A 24 -1.65 -5.24 -6.21
C GLU A 24 -0.65 -4.26 -5.61
N TYR A 25 -0.82 -2.99 -5.93
CA TYR A 25 0.06 -1.96 -5.41
C TYR A 25 -0.14 -1.85 -3.90
N THR A 26 -1.39 -1.72 -3.48
CA THR A 26 -1.67 -1.62 -2.04
C THR A 26 -0.86 -2.67 -1.30
N PHE A 27 -0.80 -3.88 -1.88
CA PHE A 27 -0.01 -4.92 -1.27
C PHE A 27 1.45 -4.49 -1.27
N MET A 28 1.91 -3.97 -2.42
CA MET A 28 3.28 -3.47 -2.49
C MET A 28 3.53 -2.59 -1.27
N LEU A 29 2.46 -1.95 -0.81
CA LEU A 29 2.54 -1.08 0.35
C LEU A 29 2.45 -1.89 1.64
N ALA A 30 1.69 -2.97 1.60
CA ALA A 30 1.53 -3.82 2.77
C ALA A 30 2.87 -4.45 3.09
N GLU A 31 3.74 -4.47 2.08
CA GLU A 31 5.06 -5.04 2.27
C GLU A 31 6.10 -3.93 2.45
N GLN A 32 5.94 -2.86 1.68
CA GLN A 32 6.87 -1.74 1.77
C GLN A 32 6.60 -0.95 3.04
N SER A 33 5.52 -1.30 3.72
CA SER A 33 5.14 -0.63 4.96
C SER A 33 5.40 -1.50 6.18
N ASN A 34 6.14 -2.58 5.99
CA ASN A 34 6.46 -3.48 7.10
C ASN A 34 5.20 -4.22 7.59
N TRP A 35 4.14 -4.17 6.78
CA TRP A 35 2.89 -4.84 7.13
C TRP A 35 2.32 -4.32 8.45
N ASN A 36 2.55 -3.04 8.76
CA ASN A 36 2.04 -2.47 9.99
C ASN A 36 0.56 -2.13 9.85
N TYR A 37 0.31 -1.01 9.20
CA TYR A 37 -1.03 -0.51 8.96
C TYR A 37 -0.94 1.00 9.06
N GLU A 38 -0.94 1.51 10.28
CA GLU A 38 -0.81 2.94 10.51
C GLU A 38 0.24 3.50 9.56
N VAL A 39 1.41 2.85 9.53
CA VAL A 39 2.46 3.30 8.63
C VAL A 39 2.04 3.05 7.21
N ALA A 40 1.37 1.92 6.98
CA ALA A 40 0.90 1.61 5.65
C ALA A 40 0.13 2.81 5.13
N ILE A 41 -1.01 3.07 5.74
CA ILE A 41 -1.83 4.22 5.39
C ILE A 41 -0.90 5.39 5.10
N LYS A 42 -0.10 5.75 6.11
CA LYS A 42 0.87 6.82 5.95
C LYS A 42 1.67 6.55 4.68
N GLY A 43 2.15 5.31 4.57
CA GLY A 43 2.91 4.88 3.40
C GLY A 43 2.28 5.44 2.14
N PHE A 44 1.04 5.05 1.89
CA PHE A 44 0.33 5.54 0.71
C PHE A 44 0.52 7.03 0.65
N GLN A 45 -0.05 7.70 1.65
CA GLN A 45 0.05 9.15 1.71
C GLN A 45 1.46 9.58 2.16
N SER A 46 2.45 8.71 1.93
CA SER A 46 3.84 9.00 2.29
C SER A 46 4.63 9.39 1.05
N SER A 47 4.93 8.38 0.24
CA SER A 47 5.69 8.59 -0.99
C SER A 47 4.88 9.41 -1.98
N MET A 48 3.58 9.54 -1.71
CA MET A 48 2.69 10.29 -2.60
C MET A 48 3.46 11.34 -3.39
N ASN A 49 3.94 10.92 -4.56
CA ASN A 49 4.70 11.80 -5.44
C ASN A 49 5.35 10.96 -6.55
N GLY A 50 5.15 9.65 -6.45
CA GLY A 50 5.72 8.72 -7.43
C GLY A 50 4.67 7.69 -7.83
N ILE A 51 3.77 7.36 -6.92
CA ILE A 51 2.73 6.38 -7.21
C ILE A 51 2.04 6.77 -8.53
N PRO A 52 1.92 5.84 -9.46
CA PRO A 52 1.29 6.12 -10.79
C PRO A 52 -0.23 6.20 -10.74
N ARG A 53 -0.82 6.40 -11.91
CA ARG A 53 -2.27 6.49 -12.02
C ARG A 53 -2.87 5.08 -12.02
N GLU A 54 -2.00 4.09 -12.19
CA GLU A 54 -2.43 2.70 -12.20
C GLU A 54 -2.56 2.19 -10.77
N ALA A 55 -1.63 2.62 -9.93
CA ALA A 55 -1.65 2.22 -8.54
C ALA A 55 -2.66 3.07 -7.80
N PHE A 56 -2.67 4.36 -8.10
CA PHE A 56 -3.61 5.27 -7.46
C PHE A 56 -4.89 5.36 -8.28
N VAL A 57 -5.89 4.61 -7.85
CA VAL A 57 -7.17 4.57 -8.54
C VAL A 57 -8.19 5.48 -7.85
N GLN A 58 -8.28 6.72 -8.35
CA GLN A 58 -9.21 7.71 -7.79
C GLN A 58 -8.95 7.98 -6.32
N PHE A 59 -7.79 7.53 -5.82
CA PHE A 59 -7.44 7.75 -4.42
C PHE A 59 -5.98 8.15 -4.28
N ASP B 1 9.60 -6.75 -6.54
CA ASP B 1 10.51 -6.05 -7.49
C ASP B 1 11.12 -4.84 -6.79
N SER B 2 10.42 -4.33 -5.77
CA SER B 2 10.90 -3.17 -5.03
C SER B 2 11.00 -1.95 -5.96
N GLY B 3 10.35 -2.04 -7.11
CA GLY B 3 10.37 -0.95 -8.07
C GLY B 3 9.87 0.34 -7.43
N PHE B 4 8.77 0.25 -6.70
CA PHE B 4 8.18 1.41 -6.03
C PHE B 4 8.21 1.23 -4.51
N SER B 5 8.19 2.35 -3.78
CA SER B 5 8.23 2.30 -2.33
C SER B 5 7.27 3.33 -1.72
N PHE B 6 6.80 3.07 -0.50
CA PHE B 6 5.87 3.98 0.17
C PHE B 6 6.51 4.61 1.40
N GLY B 7 5.95 4.31 2.57
CA GLY B 7 6.48 4.85 3.82
C GLY B 7 8.00 4.85 3.83
N SER B 8 8.57 6.03 4.01
CA SER B 8 10.03 6.17 4.03
C SER B 8 10.63 5.28 5.11
N LYS B 9 11.88 4.87 4.91
CA LYS B 9 12.56 4.01 5.88
C LYS B 9 13.99 3.73 5.44
N ARG A 3 0.59 -18.86 0.45
CA ARG A 3 -0.28 -17.69 0.08
C ARG A 3 -0.31 -16.71 1.25
N LEU A 4 -0.83 -15.52 1.00
CA LEU A 4 -0.92 -14.50 2.03
C LEU A 4 -1.72 -15.02 3.22
N ASN A 5 -1.53 -14.41 4.39
CA ASN A 5 -2.24 -14.85 5.59
C ASN A 5 -3.54 -14.04 5.72
N PRO A 6 -4.42 -14.43 6.60
CA PRO A 6 -5.73 -13.74 6.78
C PRO A 6 -5.58 -12.36 7.44
N VAL A 7 -4.70 -12.25 8.42
CA VAL A 7 -4.49 -10.97 9.07
C VAL A 7 -4.06 -9.94 8.04
N GLN A 8 -3.04 -10.30 7.30
CA GLN A 8 -2.53 -9.43 6.25
C GLN A 8 -3.63 -9.15 5.23
N LEU A 9 -4.23 -10.20 4.70
CA LEU A 9 -5.31 -10.05 3.73
C LEU A 9 -6.26 -8.97 4.20
N GLU A 10 -6.73 -9.10 5.44
CA GLU A 10 -7.65 -8.11 5.99
C GLU A 10 -7.00 -6.73 5.89
N LEU A 11 -5.73 -6.66 6.27
CA LEU A 11 -5.01 -5.40 6.19
C LEU A 11 -5.06 -4.88 4.76
N LEU A 12 -4.76 -5.75 3.80
CA LEU A 12 -4.80 -5.35 2.40
C LEU A 12 -6.14 -4.68 2.09
N ASN A 13 -7.22 -5.27 2.59
CA ASN A 13 -8.55 -4.70 2.35
C ASN A 13 -8.63 -3.30 2.91
N LYS A 14 -8.28 -3.14 4.19
CA LYS A 14 -8.31 -1.84 4.80
C LYS A 14 -7.40 -0.92 4.03
N LEU A 15 -6.31 -1.49 3.55
CA LEU A 15 -5.36 -0.72 2.78
C LEU A 15 -5.97 -0.31 1.43
N HIS A 16 -6.60 -1.27 0.75
CA HIS A 16 -7.21 -0.95 -0.53
C HIS A 16 -8.50 -0.18 -0.30
N LEU A 17 -8.87 -0.02 0.97
CA LEU A 17 -10.09 0.71 1.31
C LEU A 17 -9.74 2.05 1.94
N GLU A 18 -8.47 2.22 2.31
CA GLU A 18 -8.01 3.48 2.91
C GLU A 18 -7.16 4.26 1.93
N THR A 19 -6.25 3.57 1.26
CA THR A 19 -5.40 4.22 0.27
C THR A 19 -5.95 3.92 -1.11
N LYS A 20 -6.72 2.84 -1.19
CA LYS A 20 -7.34 2.44 -2.43
C LYS A 20 -6.39 2.63 -3.61
N LEU A 21 -5.08 2.50 -3.39
CA LEU A 21 -4.14 2.66 -4.50
C LEU A 21 -3.92 1.34 -5.23
N ASN A 22 -5.01 0.73 -5.66
CA ASN A 22 -4.93 -0.52 -6.40
C ASN A 22 -4.34 -1.63 -5.54
N ALA A 23 -5.12 -2.70 -5.36
CA ALA A 23 -4.69 -3.83 -4.54
C ALA A 23 -3.23 -4.18 -4.80
N GLU A 24 -2.96 -4.83 -5.94
CA GLU A 24 -1.59 -5.21 -6.29
C GLU A 24 -0.59 -4.23 -5.68
N TYR A 25 -0.75 -2.95 -6.03
CA TYR A 25 0.13 -1.94 -5.50
C TYR A 25 -0.07 -1.82 -3.99
N THR A 26 -1.33 -1.73 -3.57
CA THR A 26 -1.61 -1.64 -2.14
C THR A 26 -0.79 -2.68 -1.41
N PHE A 27 -0.75 -3.89 -1.98
CA PHE A 27 0.04 -4.95 -1.38
C PHE A 27 1.50 -4.50 -1.35
N MET A 28 1.98 -3.97 -2.48
CA MET A 28 3.35 -3.47 -2.52
C MET A 28 3.57 -2.61 -1.29
N LEU A 29 2.50 -1.96 -0.85
CA LEU A 29 2.55 -1.11 0.33
C LEU A 29 2.43 -1.93 1.61
N ALA A 30 1.68 -3.02 1.54
CA ALA A 30 1.51 -3.88 2.69
C ALA A 30 2.84 -4.52 3.02
N GLU A 31 3.73 -4.54 2.03
CA GLU A 31 5.04 -5.10 2.22
C GLU A 31 6.08 -4.01 2.41
N GLN A 32 5.95 -2.92 1.65
CA GLN A 32 6.87 -1.80 1.75
C GLN A 32 6.61 -1.04 3.04
N SER A 33 5.49 -1.37 3.70
CA SER A 33 5.12 -0.70 4.94
C SER A 33 5.37 -1.61 6.15
N ASN A 34 6.08 -2.70 5.93
CA ASN A 34 6.39 -3.63 7.02
C ASN A 34 5.12 -4.31 7.55
N TRP A 35 4.03 -4.21 6.78
CA TRP A 35 2.77 -4.81 7.17
C TRP A 35 2.28 -4.25 8.52
N ASN A 36 2.59 -3.00 8.80
CA ASN A 36 2.17 -2.38 10.05
C ASN A 36 0.70 -2.04 10.01
N TYR A 37 0.39 -1.00 9.24
CA TYR A 37 -0.96 -0.50 9.06
C TYR A 37 -0.87 1.00 9.12
N GLU A 38 -0.86 1.54 10.33
CA GLU A 38 -0.73 2.97 10.52
C GLU A 38 0.31 3.52 9.54
N VAL A 39 1.47 2.85 9.48
CA VAL A 39 2.52 3.27 8.57
C VAL A 39 2.08 2.98 7.15
N ALA A 40 1.37 1.86 6.96
CA ALA A 40 0.88 1.53 5.64
C ALA A 40 0.10 2.71 5.11
N ILE A 41 -1.02 2.98 5.74
CA ILE A 41 -1.85 4.14 5.38
C ILE A 41 -0.92 5.30 5.09
N LYS A 42 -0.22 5.78 6.11
CA LYS A 42 0.73 6.86 5.93
C LYS A 42 1.61 6.53 4.73
N GLY A 43 1.97 5.25 4.60
CA GLY A 43 2.79 4.81 3.49
C GLY A 43 2.26 5.41 2.20
N PHE A 44 1.00 5.11 1.90
CA PHE A 44 0.39 5.67 0.71
C PHE A 44 0.57 7.17 0.77
N GLN A 45 0.05 7.73 1.86
CA GLN A 45 0.18 9.17 2.08
C GLN A 45 1.64 9.58 2.25
N SER A 46 2.55 8.62 2.11
CA SER A 46 3.99 8.89 2.26
C SER A 46 4.62 9.27 0.93
N SER A 47 5.12 8.27 0.22
CA SER A 47 5.77 8.49 -1.07
C SER A 47 4.89 9.32 -1.99
N MET A 48 3.60 9.41 -1.65
CA MET A 48 2.63 10.15 -2.45
C MET A 48 3.32 11.26 -3.25
N ASN A 49 3.93 10.87 -4.36
CA ASN A 49 4.63 11.81 -5.23
C ASN A 49 5.22 11.06 -6.42
N GLY A 50 5.11 9.73 -6.39
CA GLY A 50 5.64 8.90 -7.46
C GLY A 50 4.61 7.86 -7.90
N ILE A 51 3.79 7.40 -6.95
CA ILE A 51 2.77 6.41 -7.26
C ILE A 51 2.07 6.80 -8.57
N PRO A 52 1.95 5.89 -9.52
CA PRO A 52 1.31 6.19 -10.83
C PRO A 52 -0.21 6.27 -10.77
N ARG A 53 -0.81 6.48 -11.93
CA ARG A 53 -2.25 6.57 -12.04
C ARG A 53 -2.85 5.17 -12.05
N GLU A 54 -1.99 4.18 -12.23
CA GLU A 54 -2.42 2.79 -12.24
C GLU A 54 -2.54 2.27 -10.83
N ALA A 55 -1.59 2.66 -9.99
CA ALA A 55 -1.59 2.24 -8.62
C ALA A 55 -2.62 3.07 -7.85
N PHE A 56 -2.63 4.37 -8.13
CA PHE A 56 -3.56 5.27 -7.47
C PHE A 56 -4.85 5.37 -8.28
N VAL A 57 -5.84 4.59 -7.87
CA VAL A 57 -7.13 4.57 -8.56
C VAL A 57 -8.15 5.47 -7.87
N GLN A 58 -8.25 6.70 -8.36
CA GLN A 58 -9.18 7.67 -7.80
C GLN A 58 -8.92 7.93 -6.31
N PHE A 59 -7.76 7.50 -5.83
CA PHE A 59 -7.41 7.70 -4.43
C PHE A 59 -5.95 8.10 -4.28
N ASP B 1 4.48 -0.97 -13.86
CA ASP B 1 5.90 -1.18 -13.47
C ASP B 1 5.98 -2.39 -12.54
N SER B 2 6.79 -2.25 -11.49
CA SER B 2 6.96 -3.34 -10.54
C SER B 2 7.81 -2.88 -9.35
N GLY B 3 8.60 -1.83 -9.56
CA GLY B 3 9.47 -1.31 -8.51
C GLY B 3 8.91 0.01 -7.96
N PHE B 4 8.57 0.00 -6.67
CA PHE B 4 8.03 1.20 -6.03
C PHE B 4 8.09 1.05 -4.50
N SER B 5 8.12 2.19 -3.80
CA SER B 5 8.19 2.17 -2.34
C SER B 5 7.27 3.24 -1.73
N PHE B 6 6.80 2.99 -0.50
CA PHE B 6 5.91 3.93 0.18
C PHE B 6 6.57 4.52 1.41
N GLY B 7 6.03 4.19 2.58
CA GLY B 7 6.57 4.69 3.84
C GLY B 7 8.09 4.74 3.82
N SER B 8 8.72 3.71 4.40
CA SER B 8 10.17 3.64 4.44
C SER B 8 10.63 2.50 5.33
N LYS B 9 11.62 1.74 4.84
CA LYS B 9 12.15 0.60 5.59
C LYS B 9 13.39 1.02 6.37
N ARG A 3 0.48 -16.70 -1.20
CA ARG A 3 0.52 -17.09 0.23
C ARG A 3 0.38 -15.84 1.10
N LEU A 4 -0.68 -15.81 1.91
CA LEU A 4 -0.92 -14.67 2.80
C LEU A 4 -1.79 -15.08 3.98
N ASN A 5 -1.68 -14.33 5.07
CA ASN A 5 -2.47 -14.64 6.26
C ASN A 5 -3.76 -13.80 6.28
N PRO A 6 -4.88 -14.40 6.57
CA PRO A 6 -6.17 -13.67 6.60
C PRO A 6 -6.04 -12.30 7.26
N VAL A 7 -5.06 -12.16 8.14
CA VAL A 7 -4.85 -10.89 8.83
C VAL A 7 -4.23 -9.89 7.86
N GLN A 8 -3.14 -10.31 7.23
CA GLN A 8 -2.48 -9.46 6.26
C GLN A 8 -3.43 -9.18 5.10
N LEU A 9 -4.18 -10.19 4.70
CA LEU A 9 -5.15 -10.03 3.62
C LEU A 9 -6.12 -8.91 3.98
N GLU A 10 -6.76 -9.05 5.14
CA GLU A 10 -7.70 -8.04 5.59
C GLU A 10 -7.03 -6.68 5.55
N LEU A 11 -5.75 -6.64 5.95
CA LEU A 11 -5.00 -5.41 5.92
C LEU A 11 -5.00 -4.85 4.49
N LEU A 12 -4.66 -5.71 3.53
CA LEU A 12 -4.66 -5.29 2.12
C LEU A 12 -5.99 -4.61 1.80
N ASN A 13 -7.08 -5.22 2.25
CA ASN A 13 -8.40 -4.66 2.00
C ASN A 13 -8.54 -3.29 2.65
N LYS A 14 -8.19 -3.20 3.93
CA LYS A 14 -8.26 -1.93 4.63
C LYS A 14 -7.37 -0.95 3.90
N LEU A 15 -6.30 -1.48 3.33
CA LEU A 15 -5.38 -0.65 2.60
C LEU A 15 -5.98 -0.23 1.27
N HIS A 16 -6.74 -1.12 0.64
CA HIS A 16 -7.38 -0.80 -0.63
C HIS A 16 -8.67 -0.04 -0.34
N LEU A 17 -8.99 0.10 0.94
CA LEU A 17 -10.19 0.81 1.34
C LEU A 17 -9.82 2.13 2.02
N GLU A 18 -8.54 2.26 2.38
CA GLU A 18 -8.05 3.48 3.02
C GLU A 18 -7.20 4.26 2.03
N THR A 19 -6.26 3.56 1.38
CA THR A 19 -5.42 4.21 0.38
C THR A 19 -6.07 4.00 -0.97
N LYS A 20 -6.97 3.02 -1.01
CA LYS A 20 -7.68 2.69 -2.23
C LYS A 20 -6.74 2.80 -3.43
N LEU A 21 -5.50 2.38 -3.23
CA LEU A 21 -4.51 2.43 -4.30
C LEU A 21 -4.21 1.02 -4.82
N ASN A 22 -4.95 0.63 -5.86
CA ASN A 22 -4.79 -0.68 -6.49
C ASN A 22 -4.28 -1.74 -5.52
N ALA A 23 -5.08 -2.78 -5.30
CA ALA A 23 -4.68 -3.85 -4.40
C ALA A 23 -3.24 -4.27 -4.67
N GLU A 24 -2.93 -4.63 -5.91
CA GLU A 24 -1.57 -5.03 -6.26
C GLU A 24 -0.56 -4.13 -5.56
N TYR A 25 -0.67 -2.83 -5.83
CA TYR A 25 0.22 -1.87 -5.20
C TYR A 25 -0.03 -1.82 -3.71
N THR A 26 -1.31 -1.71 -3.32
CA THR A 26 -1.62 -1.66 -1.90
C THR A 26 -0.80 -2.74 -1.18
N PHE A 27 -0.66 -3.88 -1.83
CA PHE A 27 0.13 -4.96 -1.26
C PHE A 27 1.59 -4.50 -1.26
N MET A 28 2.06 -4.01 -2.41
CA MET A 28 3.43 -3.51 -2.48
C MET A 28 3.67 -2.64 -1.26
N LEU A 29 2.60 -2.03 -0.79
CA LEU A 29 2.64 -1.16 0.38
C LEU A 29 2.55 -1.97 1.67
N ALA A 30 1.79 -3.06 1.63
CA ALA A 30 1.63 -3.90 2.80
C ALA A 30 2.96 -4.53 3.12
N GLU A 31 3.85 -4.52 2.12
CA GLU A 31 5.18 -5.07 2.32
C GLU A 31 6.21 -3.97 2.48
N GLN A 32 6.05 -2.89 1.71
CA GLN A 32 6.97 -1.77 1.80
C GLN A 32 6.69 -0.94 3.04
N SER A 33 5.60 -1.29 3.73
CA SER A 33 5.22 -0.57 4.94
C SER A 33 5.46 -1.42 6.19
N ASN A 34 6.18 -2.53 6.04
CA ASN A 34 6.48 -3.40 7.16
C ASN A 34 5.22 -4.13 7.64
N TRP A 35 4.17 -4.12 6.82
CA TRP A 35 2.93 -4.79 7.18
C TRP A 35 2.38 -4.24 8.51
N ASN A 36 2.65 -2.98 8.80
CA ASN A 36 2.16 -2.38 10.04
C ASN A 36 0.68 -2.07 9.94
N TYR A 37 0.38 -1.03 9.19
CA TYR A 37 -0.98 -0.54 8.98
C TYR A 37 -0.92 0.96 9.04
N GLU A 38 -0.94 1.50 10.26
CA GLU A 38 -0.84 2.94 10.45
C GLU A 38 0.20 3.49 9.48
N VAL A 39 1.38 2.87 9.46
CA VAL A 39 2.42 3.32 8.56
C VAL A 39 2.00 3.01 7.13
N ALA A 40 1.37 1.85 6.92
CA ALA A 40 0.91 1.49 5.60
C ALA A 40 0.11 2.67 5.05
N ILE A 41 -1.02 2.94 5.69
CA ILE A 41 -1.85 4.07 5.30
C ILE A 41 -0.94 5.25 5.00
N LYS A 42 -0.23 5.70 6.01
CA LYS A 42 0.71 6.80 5.83
C LYS A 42 1.59 6.50 4.62
N GLY A 43 2.07 5.26 4.55
CA GLY A 43 2.90 4.84 3.43
C GLY A 43 2.36 5.41 2.14
N PHE A 44 1.13 5.05 1.81
CA PHE A 44 0.51 5.59 0.61
C PHE A 44 0.62 7.09 0.68
N GLN A 45 -0.04 7.63 1.69
CA GLN A 45 -0.03 9.07 1.91
C GLN A 45 1.41 9.57 2.07
N SER A 46 2.36 8.64 2.05
CA SER A 46 3.78 9.01 2.20
C SER A 46 4.44 9.27 0.85
N SER A 47 5.02 8.23 0.27
CA SER A 47 5.70 8.35 -1.01
C SER A 47 4.85 9.09 -2.03
N MET A 48 3.58 9.30 -1.69
CA MET A 48 2.66 9.99 -2.59
C MET A 48 3.38 11.09 -3.38
N ASN A 49 4.01 10.68 -4.47
CA ASN A 49 4.74 11.61 -5.33
C ASN A 49 5.29 10.87 -6.54
N GLY A 50 5.17 9.54 -6.51
CA GLY A 50 5.66 8.70 -7.60
C GLY A 50 4.61 7.68 -8.01
N ILE A 51 3.86 7.17 -7.04
CA ILE A 51 2.82 6.18 -7.32
C ILE A 51 2.06 6.60 -8.58
N PRO A 52 1.88 5.70 -9.53
CA PRO A 52 1.17 6.01 -10.80
C PRO A 52 -0.33 6.14 -10.65
N ARG A 53 -1.00 6.41 -11.77
CA ARG A 53 -2.45 6.53 -11.77
C ARG A 53 -3.09 5.16 -11.71
N GLU A 54 -2.28 4.14 -12.00
CA GLU A 54 -2.75 2.76 -11.97
C GLU A 54 -2.79 2.27 -10.54
N ALA A 55 -1.73 2.56 -9.80
CA ALA A 55 -1.64 2.16 -8.41
C ALA A 55 -2.63 2.96 -7.59
N PHE A 56 -2.68 4.27 -7.87
CA PHE A 56 -3.58 5.17 -7.17
C PHE A 56 -4.84 5.38 -8.01
N VAL A 57 -5.89 4.67 -7.64
CA VAL A 57 -7.16 4.76 -8.36
C VAL A 57 -8.10 5.76 -7.71
N GLN A 58 -8.02 7.02 -8.17
CA GLN A 58 -8.87 8.09 -7.65
C GLN A 58 -8.68 8.29 -6.15
N PHE A 59 -7.62 7.72 -5.60
CA PHE A 59 -7.35 7.85 -4.16
C PHE A 59 -5.87 8.13 -3.93
N ASP B 1 12.80 1.68 -8.01
CA ASP B 1 13.61 1.23 -9.18
C ASP B 1 13.11 -0.13 -9.64
N SER B 2 13.24 -1.14 -8.77
CA SER B 2 12.82 -2.48 -9.11
C SER B 2 11.30 -2.59 -9.05
N GLY B 3 10.64 -1.44 -8.87
CA GLY B 3 9.17 -1.42 -8.80
C GLY B 3 8.68 -0.11 -8.20
N PHE B 4 8.49 -0.10 -6.88
CA PHE B 4 8.03 1.11 -6.20
C PHE B 4 8.30 1.01 -4.69
N SER B 5 8.05 2.10 -3.96
CA SER B 5 8.29 2.10 -2.52
C SER B 5 7.38 3.10 -1.79
N PHE B 6 6.97 2.74 -0.58
CA PHE B 6 6.10 3.60 0.22
C PHE B 6 6.79 4.02 1.52
N GLY B 7 6.03 4.62 2.42
CA GLY B 7 6.54 5.06 3.71
C GLY B 7 8.04 5.30 3.66
N SER B 8 8.76 4.78 4.65
CA SER B 8 10.22 4.94 4.71
C SER B 8 10.91 3.62 4.38
N LYS B 9 12.05 3.70 3.71
CA LYS B 9 12.80 2.51 3.34
C LYS B 9 14.22 2.87 2.91
N ARG A 3 0.51 -16.19 -1.76
CA ARG A 3 0.28 -16.68 -0.38
C ARG A 3 0.18 -15.49 0.57
N LEU A 4 -0.81 -15.53 1.47
CA LEU A 4 -1.01 -14.45 2.42
C LEU A 4 -1.75 -14.95 3.65
N ASN A 5 -1.58 -14.25 4.77
CA ASN A 5 -2.25 -14.65 6.00
C ASN A 5 -3.55 -13.86 6.17
N PRO A 6 -4.63 -14.51 6.51
CA PRO A 6 -5.94 -13.83 6.67
C PRO A 6 -5.80 -12.48 7.36
N VAL A 7 -4.76 -12.32 8.17
CA VAL A 7 -4.54 -11.06 8.86
C VAL A 7 -4.02 -10.02 7.87
N GLN A 8 -2.94 -10.36 7.19
CA GLN A 8 -2.38 -9.47 6.20
C GLN A 8 -3.41 -9.18 5.12
N LEU A 9 -4.21 -10.19 4.80
CA LEU A 9 -5.26 -10.04 3.81
C LEU A 9 -6.23 -8.96 4.27
N GLU A 10 -6.75 -9.11 5.48
CA GLU A 10 -7.66 -8.12 6.03
C GLU A 10 -7.02 -6.74 5.91
N LEU A 11 -5.71 -6.69 6.18
CA LEU A 11 -4.98 -5.44 6.08
C LEU A 11 -5.09 -4.91 4.66
N LEU A 12 -4.77 -5.75 3.67
CA LEU A 12 -4.88 -5.33 2.28
C LEU A 12 -6.26 -4.74 2.04
N ASN A 13 -7.26 -5.32 2.71
CA ASN A 13 -8.63 -4.84 2.58
C ASN A 13 -8.74 -3.40 3.06
N LYS A 14 -8.30 -3.15 4.29
CA LYS A 14 -8.35 -1.81 4.83
C LYS A 14 -7.45 -0.92 4.01
N LEU A 15 -6.34 -1.49 3.59
CA LEU A 15 -5.39 -0.75 2.79
C LEU A 15 -5.97 -0.47 1.41
N HIS A 16 -6.64 -1.47 0.83
CA HIS A 16 -7.25 -1.28 -0.47
C HIS A 16 -8.48 -0.42 -0.35
N LEU A 17 -8.96 -0.24 0.87
CA LEU A 17 -10.15 0.56 1.11
C LEU A 17 -9.82 1.90 1.76
N GLU A 18 -8.56 2.08 2.14
CA GLU A 18 -8.14 3.35 2.77
C GLU A 18 -7.27 4.16 1.82
N THR A 19 -6.28 3.52 1.20
CA THR A 19 -5.43 4.22 0.24
C THR A 19 -5.94 3.92 -1.15
N LYS A 20 -6.62 2.80 -1.27
CA LYS A 20 -7.21 2.37 -2.52
C LYS A 20 -6.26 2.59 -3.70
N LEU A 21 -4.96 2.69 -3.44
CA LEU A 21 -4.04 2.88 -4.56
C LEU A 21 -3.84 1.55 -5.28
N ASN A 22 -4.96 0.92 -5.63
CA ASN A 22 -4.95 -0.35 -6.33
C ASN A 22 -4.37 -1.46 -5.45
N ALA A 23 -5.16 -2.51 -5.25
CA ALA A 23 -4.73 -3.64 -4.42
C ALA A 23 -3.28 -4.01 -4.71
N GLU A 24 -3.05 -4.69 -5.84
CA GLU A 24 -1.69 -5.10 -6.21
C GLU A 24 -0.67 -4.12 -5.64
N TYR A 25 -0.82 -2.84 -6.00
CA TYR A 25 0.08 -1.83 -5.49
C TYR A 25 -0.10 -1.69 -3.99
N THR A 26 -1.36 -1.58 -3.54
CA THR A 26 -1.62 -1.47 -2.10
C THR A 26 -0.84 -2.56 -1.39
N PHE A 27 -0.75 -3.73 -2.00
CA PHE A 27 0.02 -4.81 -1.40
C PHE A 27 1.48 -4.38 -1.37
N MET A 28 1.97 -3.85 -2.50
CA MET A 28 3.35 -3.37 -2.53
C MET A 28 3.57 -2.52 -1.30
N LEU A 29 2.50 -1.84 -0.88
CA LEU A 29 2.55 -0.98 0.29
C LEU A 29 2.42 -1.80 1.58
N ALA A 30 1.67 -2.90 1.51
CA ALA A 30 1.48 -3.75 2.66
C ALA A 30 2.80 -4.39 3.02
N GLU A 31 3.69 -4.42 2.03
CA GLU A 31 5.00 -5.00 2.25
C GLU A 31 6.04 -3.90 2.45
N GLN A 32 5.93 -2.84 1.66
CA GLN A 32 6.86 -1.73 1.76
C GLN A 32 6.61 -0.96 3.05
N SER A 33 5.49 -1.25 3.68
CA SER A 33 5.12 -0.58 4.93
C SER A 33 5.43 -1.44 6.15
N ASN A 34 6.17 -2.52 5.95
CA ASN A 34 6.51 -3.41 7.05
C ASN A 34 5.30 -4.19 7.55
N TRP A 35 4.22 -4.16 6.75
CA TRP A 35 3.00 -4.88 7.12
C TRP A 35 2.42 -4.37 8.44
N ASN A 36 2.67 -3.10 8.77
CA ASN A 36 2.15 -2.54 10.01
C ASN A 36 0.68 -2.22 9.86
N TYR A 37 0.41 -1.06 9.32
CA TYR A 37 -0.94 -0.57 9.10
C TYR A 37 -0.88 0.94 9.19
N GLU A 38 -0.85 1.45 10.41
CA GLU A 38 -0.74 2.88 10.62
C GLU A 38 0.29 3.45 9.65
N VAL A 39 1.47 2.83 9.61
CA VAL A 39 2.50 3.28 8.69
C VAL A 39 2.05 3.04 7.26
N ALA A 40 1.39 1.91 7.04
CA ALA A 40 0.89 1.61 5.72
C ALA A 40 0.11 2.81 5.23
N ILE A 41 -1.06 3.03 5.84
CA ILE A 41 -1.87 4.19 5.52
C ILE A 41 -0.96 5.36 5.22
N LYS A 42 -0.16 5.74 6.22
CA LYS A 42 0.80 6.82 6.04
C LYS A 42 1.60 6.54 4.78
N GLY A 43 2.13 5.32 4.69
CA GLY A 43 2.90 4.89 3.53
C GLY A 43 2.26 5.42 2.27
N PHE A 44 1.03 4.99 2.00
CA PHE A 44 0.32 5.47 0.83
C PHE A 44 0.49 6.97 0.77
N GLN A 45 -0.09 7.64 1.76
CA GLN A 45 0.02 9.09 1.82
C GLN A 45 1.40 9.52 2.32
N SER A 46 2.42 8.70 2.01
CA SER A 46 3.80 9.00 2.41
C SER A 46 4.62 9.39 1.18
N SER A 47 4.98 8.38 0.39
CA SER A 47 5.77 8.60 -0.82
C SER A 47 5.05 9.54 -1.77
N MET A 48 3.72 9.49 -1.76
CA MET A 48 2.89 10.33 -2.63
C MET A 48 3.74 11.32 -3.42
N ASN A 49 4.42 10.80 -4.44
CA ASN A 49 5.27 11.63 -5.29
C ASN A 49 5.82 10.79 -6.44
N GLY A 50 5.47 9.51 -6.43
CA GLY A 50 5.93 8.59 -7.47
C GLY A 50 4.82 7.61 -7.85
N ILE A 51 3.96 7.28 -6.90
CA ILE A 51 2.86 6.35 -7.16
C ILE A 51 2.20 6.72 -8.50
N PRO A 52 1.94 5.77 -9.36
CA PRO A 52 1.33 6.03 -10.70
C PRO A 52 -0.18 6.16 -10.68
N ARG A 53 -0.74 6.42 -11.86
CA ARG A 53 -2.17 6.54 -12.02
C ARG A 53 -2.81 5.17 -11.99
N GLU A 54 -2.02 4.17 -12.33
CA GLU A 54 -2.50 2.79 -12.34
C GLU A 54 -2.78 2.34 -10.92
N ALA A 55 -1.86 2.67 -10.02
CA ALA A 55 -2.03 2.32 -8.62
C ALA A 55 -3.14 3.19 -8.05
N PHE A 56 -3.09 4.48 -8.37
CA PHE A 56 -4.09 5.42 -7.90
C PHE A 56 -5.40 5.20 -8.63
N VAL A 57 -6.22 4.32 -8.09
CA VAL A 57 -7.52 4.02 -8.69
C VAL A 57 -8.53 5.12 -8.35
N GLN A 58 -8.06 6.37 -8.34
CA GLN A 58 -8.91 7.51 -8.04
C GLN A 58 -8.99 7.75 -6.52
N PHE A 59 -7.85 7.60 -5.85
CA PHE A 59 -7.80 7.79 -4.40
C PHE A 59 -6.46 8.40 -4.00
N ASP B 1 16.30 0.46 -4.74
CA ASP B 1 14.82 0.66 -4.58
C ASP B 1 14.08 -0.46 -5.30
N SER B 2 14.16 -1.66 -4.75
CA SER B 2 13.50 -2.82 -5.35
C SER B 2 12.00 -2.55 -5.49
N GLY B 3 11.60 -2.02 -6.64
CA GLY B 3 10.20 -1.72 -6.90
C GLY B 3 9.77 -0.48 -6.14
N PHE B 4 8.63 0.09 -6.55
CA PHE B 4 8.12 1.29 -5.89
C PHE B 4 8.12 1.11 -4.38
N SER B 5 8.22 2.23 -3.65
CA SER B 5 8.24 2.19 -2.18
C SER B 5 7.31 3.26 -1.61
N PHE B 6 6.82 3.02 -0.40
CA PHE B 6 5.91 3.97 0.26
C PHE B 6 6.56 4.57 1.50
N GLY B 7 5.95 4.32 2.66
CA GLY B 7 6.47 4.85 3.92
C GLY B 7 7.99 4.81 3.96
N SER B 8 8.54 3.60 4.10
CA SER B 8 9.99 3.43 4.14
C SER B 8 10.35 1.96 4.29
N LYS B 9 11.65 1.66 4.23
CA LYS B 9 12.11 0.29 4.36
C LYS B 9 13.61 0.26 4.66
N ARG A 3 0.76 -17.32 -0.25
CA ARG A 3 0.22 -17.84 1.04
C ARG A 3 0.12 -16.70 2.04
N LEU A 4 -0.82 -15.79 1.80
CA LEU A 4 -1.01 -14.65 2.71
C LEU A 4 -1.85 -15.06 3.91
N ASN A 5 -1.72 -14.32 5.00
CA ASN A 5 -2.48 -14.64 6.22
C ASN A 5 -3.76 -13.79 6.25
N PRO A 6 -4.88 -14.39 6.57
CA PRO A 6 -6.17 -13.65 6.63
C PRO A 6 -6.02 -12.28 7.30
N VAL A 7 -5.02 -12.14 8.16
CA VAL A 7 -4.78 -10.88 8.84
C VAL A 7 -4.18 -9.89 7.85
N GLN A 8 -3.09 -10.30 7.23
CA GLN A 8 -2.42 -9.45 6.25
C GLN A 8 -3.39 -9.16 5.11
N LEU A 9 -4.17 -10.17 4.72
CA LEU A 9 -5.14 -10.01 3.66
C LEU A 9 -6.12 -8.89 4.03
N GLU A 10 -6.74 -9.01 5.20
CA GLU A 10 -7.67 -8.00 5.66
C GLU A 10 -6.99 -6.64 5.60
N LEU A 11 -5.71 -6.61 5.96
CA LEU A 11 -4.96 -5.36 5.92
C LEU A 11 -4.98 -4.82 4.49
N LEU A 12 -4.67 -5.69 3.52
CA LEU A 12 -4.69 -5.27 2.13
C LEU A 12 -6.02 -4.61 1.80
N ASN A 13 -7.11 -5.20 2.28
CA ASN A 13 -8.43 -4.65 2.04
C ASN A 13 -8.56 -3.25 2.63
N LYS A 14 -8.19 -3.11 3.90
CA LYS A 14 -8.26 -1.83 4.55
C LYS A 14 -7.35 -0.88 3.81
N LEU A 15 -6.27 -1.42 3.27
CA LEU A 15 -5.33 -0.62 2.53
C LEU A 15 -5.92 -0.24 1.17
N HIS A 16 -6.72 -1.12 0.58
CA HIS A 16 -7.36 -0.82 -0.68
C HIS A 16 -8.67 -0.09 -0.45
N LEU A 17 -9.03 0.05 0.82
CA LEU A 17 -10.26 0.74 1.19
C LEU A 17 -9.93 2.04 1.92
N GLU A 18 -8.65 2.20 2.28
CA GLU A 18 -8.21 3.41 2.96
C GLU A 18 -7.32 4.21 2.01
N THR A 19 -6.38 3.54 1.37
CA THR A 19 -5.53 4.22 0.39
C THR A 19 -6.17 4.04 -0.96
N LYS A 20 -7.05 3.04 -1.04
CA LYS A 20 -7.75 2.75 -2.28
C LYS A 20 -6.78 2.84 -3.45
N LEU A 21 -5.53 2.44 -3.20
CA LEU A 21 -4.51 2.48 -4.24
C LEU A 21 -4.22 1.06 -4.75
N ASN A 22 -4.92 0.70 -5.82
CA ASN A 22 -4.77 -0.61 -6.47
C ASN A 22 -4.23 -1.68 -5.51
N ALA A 23 -5.03 -2.71 -5.26
CA ALA A 23 -4.62 -3.79 -4.38
C ALA A 23 -3.17 -4.18 -4.64
N GLU A 24 -2.89 -4.66 -5.85
CA GLU A 24 -1.53 -5.06 -6.20
C GLU A 24 -0.52 -4.12 -5.54
N TYR A 25 -0.66 -2.83 -5.80
CA TYR A 25 0.22 -1.85 -5.21
C TYR A 25 0.00 -1.81 -3.70
N THR A 26 -1.26 -1.68 -3.28
CA THR A 26 -1.56 -1.64 -1.86
C THR A 26 -0.76 -2.73 -1.15
N PHE A 27 -0.60 -3.87 -1.83
CA PHE A 27 0.17 -4.96 -1.27
C PHE A 27 1.62 -4.53 -1.23
N MET A 28 2.14 -4.05 -2.37
CA MET A 28 3.51 -3.57 -2.42
C MET A 28 3.74 -2.68 -1.21
N LEU A 29 2.65 -2.07 -0.76
CA LEU A 29 2.69 -1.19 0.39
C LEU A 29 2.56 -1.99 1.69
N ALA A 30 1.82 -3.07 1.64
CA ALA A 30 1.63 -3.91 2.80
C ALA A 30 2.95 -4.54 3.15
N GLU A 31 3.85 -4.55 2.17
CA GLU A 31 5.17 -5.10 2.38
C GLU A 31 6.20 -4.00 2.55
N GLN A 32 6.07 -2.93 1.77
CA GLN A 32 6.99 -1.81 1.86
C GLN A 32 6.70 -1.01 3.12
N SER A 33 5.60 -1.34 3.79
CA SER A 33 5.21 -0.64 5.01
C SER A 33 5.45 -1.50 6.24
N ASN A 34 6.20 -2.60 6.07
CA ASN A 34 6.50 -3.49 7.19
C ASN A 34 5.24 -4.21 7.66
N TRP A 35 4.19 -4.17 6.85
CA TRP A 35 2.93 -4.83 7.19
C TRP A 35 2.37 -4.30 8.51
N ASN A 36 2.62 -3.02 8.80
CA ASN A 36 2.11 -2.43 10.04
C ASN A 36 0.63 -2.12 9.91
N TYR A 37 0.34 -1.06 9.17
CA TYR A 37 -1.02 -0.59 8.94
C TYR A 37 -0.96 0.92 9.02
N GLU A 38 -1.00 1.44 10.24
CA GLU A 38 -0.90 2.88 10.43
C GLU A 38 0.16 3.45 9.50
N VAL A 39 1.34 2.81 9.49
CA VAL A 39 2.40 3.26 8.60
C VAL A 39 2.00 2.99 7.17
N ALA A 40 1.35 1.85 6.94
CA ALA A 40 0.91 1.53 5.61
C ALA A 40 0.14 2.72 5.05
N ILE A 41 -0.98 3.01 5.69
CA ILE A 41 -1.79 4.16 5.33
C ILE A 41 -0.87 5.33 5.02
N LYS A 42 -0.07 5.70 6.03
CA LYS A 42 0.88 6.78 5.83
C LYS A 42 1.69 6.48 4.58
N GLY A 43 2.19 5.24 4.51
CA GLY A 43 2.96 4.79 3.35
C GLY A 43 2.34 5.33 2.08
N PHE A 44 1.09 4.95 1.82
CA PHE A 44 0.41 5.43 0.63
C PHE A 44 0.59 6.93 0.57
N GLN A 45 -0.07 7.59 1.50
CA GLN A 45 0.01 9.05 1.56
C GLN A 45 1.41 9.50 2.00
N SER A 46 2.40 8.61 1.85
CA SER A 46 3.79 8.95 2.22
C SER A 46 4.58 9.31 0.96
N SER A 47 4.94 8.29 0.19
CA SER A 47 5.69 8.49 -1.03
C SER A 47 4.87 9.25 -2.07
N MET A 48 3.57 9.36 -1.80
CA MET A 48 2.67 10.05 -2.71
C MET A 48 3.39 11.14 -3.49
N ASN A 49 3.98 10.74 -4.61
CA ASN A 49 4.71 11.65 -5.48
C ASN A 49 5.32 10.85 -6.62
N GLY A 50 5.13 9.54 -6.57
CA GLY A 50 5.66 8.63 -7.59
C GLY A 50 4.62 7.59 -7.99
N ILE A 51 3.77 7.21 -7.03
CA ILE A 51 2.74 6.22 -7.31
C ILE A 51 2.00 6.61 -8.59
N PRO A 52 1.85 5.70 -9.54
CA PRO A 52 1.17 6.00 -10.83
C PRO A 52 -0.35 6.14 -10.70
N ARG A 53 -0.98 6.45 -11.83
CA ARG A 53 -2.42 6.61 -11.87
C ARG A 53 -3.09 5.26 -11.77
N GLU A 54 -2.31 4.21 -12.00
CA GLU A 54 -2.85 2.85 -11.93
C GLU A 54 -2.87 2.38 -10.48
N ALA A 55 -1.77 2.62 -9.78
CA ALA A 55 -1.68 2.23 -8.38
C ALA A 55 -2.67 3.03 -7.56
N PHE A 56 -2.71 4.34 -7.83
CA PHE A 56 -3.62 5.24 -7.13
C PHE A 56 -4.89 5.43 -7.95
N VAL A 57 -5.94 4.72 -7.53
CA VAL A 57 -7.22 4.79 -8.23
C VAL A 57 -8.22 5.66 -7.48
N GLN A 58 -8.38 6.89 -7.97
CA GLN A 58 -9.31 7.86 -7.37
C GLN A 58 -8.97 8.18 -5.93
N PHE A 59 -7.77 7.80 -5.49
CA PHE A 59 -7.34 8.07 -4.12
C PHE A 59 -5.89 8.51 -4.10
N ASP B 1 6.98 0.86 -14.12
CA ASP B 1 7.48 0.95 -12.71
C ASP B 1 7.19 -0.36 -11.99
N SER B 2 7.90 -1.42 -12.37
CA SER B 2 7.70 -2.72 -11.75
C SER B 2 7.96 -2.64 -10.24
N GLY B 3 8.87 -1.75 -9.85
CA GLY B 3 9.20 -1.57 -8.44
C GLY B 3 8.70 -0.23 -7.93
N PHE B 4 8.50 -0.14 -6.62
CA PHE B 4 8.02 1.09 -6.00
C PHE B 4 8.07 0.99 -4.48
N SER B 5 8.25 2.14 -3.81
CA SER B 5 8.32 2.15 -2.34
C SER B 5 7.37 3.19 -1.75
N PHE B 6 6.88 2.94 -0.54
CA PHE B 6 5.96 3.88 0.13
C PHE B 6 6.61 4.51 1.35
N GLY B 7 6.02 4.28 2.52
CA GLY B 7 6.52 4.84 3.77
C GLY B 7 8.04 4.86 3.79
N SER B 8 8.64 3.83 4.39
CA SER B 8 10.09 3.75 4.47
C SER B 8 10.69 3.46 3.10
N LYS B 9 11.98 3.16 3.08
CA LYS B 9 12.67 2.86 1.82
C LYS B 9 12.52 4.01 0.85
N ARG A 3 -2.92 -18.32 -0.05
CA ARG A 3 -1.99 -17.19 -0.34
C ARG A 3 -2.19 -16.08 0.68
N LEU A 4 -1.08 -15.59 1.24
CA LEU A 4 -1.15 -14.53 2.24
C LEU A 4 -1.95 -14.99 3.45
N ASN A 5 -1.75 -14.35 4.60
CA ASN A 5 -2.48 -14.72 5.81
C ASN A 5 -3.75 -13.88 5.93
N PRO A 6 -4.88 -14.49 6.22
CA PRO A 6 -6.16 -13.78 6.35
C PRO A 6 -6.01 -12.44 7.08
N VAL A 7 -5.00 -12.34 7.93
CA VAL A 7 -4.76 -11.11 8.67
C VAL A 7 -4.18 -10.07 7.73
N GLN A 8 -3.08 -10.42 7.10
CA GLN A 8 -2.43 -9.52 6.15
C GLN A 8 -3.39 -9.21 5.02
N LEU A 9 -4.20 -10.20 4.64
CA LEU A 9 -5.18 -10.01 3.58
C LEU A 9 -6.15 -8.91 4.00
N GLU A 10 -6.74 -9.08 5.18
CA GLU A 10 -7.68 -8.08 5.69
C GLU A 10 -7.01 -6.72 5.64
N LEU A 11 -5.73 -6.68 5.99
CA LEU A 11 -4.98 -5.44 5.96
C LEU A 11 -5.05 -4.85 4.55
N LEU A 12 -4.70 -5.66 3.55
CA LEU A 12 -4.76 -5.19 2.16
C LEU A 12 -6.13 -4.56 1.93
N ASN A 13 -7.15 -5.17 2.49
CA ASN A 13 -8.51 -4.69 2.35
C ASN A 13 -8.62 -3.27 2.87
N LYS A 14 -8.26 -3.08 4.15
CA LYS A 14 -8.32 -1.76 4.74
C LYS A 14 -7.41 -0.84 3.96
N LEU A 15 -6.31 -1.40 3.50
CA LEU A 15 -5.37 -0.63 2.74
C LEU A 15 -5.96 -0.27 1.38
N HIS A 16 -6.66 -1.22 0.75
CA HIS A 16 -7.28 -0.94 -0.54
C HIS A 16 -8.58 -0.18 -0.34
N LEU A 17 -8.98 -0.03 0.92
CA LEU A 17 -10.22 0.68 1.23
C LEU A 17 -9.90 2.01 1.91
N GLU A 18 -8.63 2.21 2.26
CA GLU A 18 -8.20 3.44 2.91
C GLU A 18 -7.33 4.25 1.96
N THR A 19 -6.38 3.59 1.29
CA THR A 19 -5.53 4.28 0.32
C THR A 19 -6.04 3.97 -1.07
N LYS A 20 -6.83 2.90 -1.15
CA LYS A 20 -7.41 2.49 -2.41
C LYS A 20 -6.43 2.67 -3.57
N LEU A 21 -5.13 2.56 -3.30
CA LEU A 21 -4.16 2.72 -4.38
C LEU A 21 -3.94 1.40 -5.12
N ASN A 22 -5.05 0.77 -5.48
CA ASN A 22 -5.00 -0.49 -6.21
C ASN A 22 -4.40 -1.60 -5.35
N ALA A 23 -5.15 -2.69 -5.19
CA ALA A 23 -4.71 -3.82 -4.39
C ALA A 23 -3.25 -4.15 -4.66
N GLU A 24 -2.99 -4.86 -5.77
CA GLU A 24 -1.63 -5.24 -6.13
C GLU A 24 -0.63 -4.25 -5.54
N TYR A 25 -0.82 -2.97 -5.87
CA TYR A 25 0.06 -1.94 -5.34
C TYR A 25 -0.14 -1.81 -3.84
N THR A 26 -1.40 -1.70 -3.41
CA THR A 26 -1.67 -1.60 -1.99
C THR A 26 -0.83 -2.65 -1.26
N PHE A 27 -0.72 -3.82 -1.87
CA PHE A 27 0.08 -4.88 -1.30
C PHE A 27 1.53 -4.42 -1.27
N MET A 28 2.02 -3.92 -2.41
CA MET A 28 3.38 -3.40 -2.47
C MET A 28 3.61 -2.54 -1.23
N LEU A 29 2.53 -1.91 -0.78
CA LEU A 29 2.59 -1.06 0.40
C LEU A 29 2.49 -1.88 1.68
N ALA A 30 1.73 -2.97 1.63
CA ALA A 30 1.56 -3.82 2.78
C ALA A 30 2.89 -4.46 3.09
N GLU A 31 3.78 -4.44 2.11
CA GLU A 31 5.10 -5.00 2.28
C GLU A 31 6.13 -3.89 2.45
N GLN A 32 5.99 -2.83 1.68
CA GLN A 32 6.91 -1.71 1.76
C GLN A 32 6.64 -0.92 3.03
N SER A 33 5.56 -1.27 3.72
CA SER A 33 5.19 -0.59 4.96
C SER A 33 5.48 -1.46 6.18
N ASN A 34 6.18 -2.57 5.98
CA ASN A 34 6.52 -3.46 7.07
C ASN A 34 5.28 -4.22 7.57
N TRP A 35 4.20 -4.17 6.79
CA TRP A 35 2.96 -4.86 7.15
C TRP A 35 2.41 -4.34 8.48
N ASN A 36 2.63 -3.06 8.77
CA ASN A 36 2.12 -2.48 10.01
C ASN A 36 0.65 -2.14 9.87
N TYR A 37 0.39 -0.99 9.26
CA TYR A 37 -0.95 -0.49 9.06
C TYR A 37 -0.87 1.02 9.15
N GLU A 38 -0.86 1.52 10.38
CA GLU A 38 -0.73 2.94 10.62
C GLU A 38 0.31 3.51 9.65
N VAL A 39 1.46 2.86 9.57
CA VAL A 39 2.49 3.29 8.67
C VAL A 39 2.05 3.03 7.24
N ALA A 40 1.39 1.89 7.03
CA ALA A 40 0.90 1.57 5.71
C ALA A 40 0.15 2.77 5.19
N ILE A 41 -0.99 3.05 5.82
CA ILE A 41 -1.78 4.22 5.47
C ILE A 41 -0.83 5.38 5.20
N LYS A 42 -0.03 5.70 6.21
CA LYS A 42 0.97 6.75 6.08
C LYS A 42 1.75 6.50 4.80
N GLY A 43 2.17 5.25 4.63
CA GLY A 43 2.90 4.84 3.43
C GLY A 43 2.27 5.44 2.19
N PHE A 44 1.02 5.07 1.92
CA PHE A 44 0.34 5.61 0.77
C PHE A 44 0.55 7.11 0.76
N GLN A 45 -0.01 7.75 1.77
CA GLN A 45 0.12 9.20 1.88
C GLN A 45 1.55 9.58 2.29
N SER A 46 2.51 8.70 2.02
CA SER A 46 3.92 8.96 2.34
C SER A 46 4.67 9.35 1.07
N SER A 47 5.06 8.35 0.29
CA SER A 47 5.78 8.58 -0.95
C SER A 47 4.98 9.50 -1.86
N MET A 48 3.66 9.37 -1.78
CA MET A 48 2.75 10.17 -2.60
C MET A 48 3.49 11.23 -3.41
N ASN A 49 4.15 10.77 -4.48
CA ASN A 49 4.90 11.65 -5.34
C ASN A 49 5.46 10.85 -6.52
N GLY A 50 5.22 9.55 -6.49
CA GLY A 50 5.69 8.65 -7.55
C GLY A 50 4.62 7.64 -7.93
N ILE A 51 3.74 7.32 -6.97
CA ILE A 51 2.67 6.36 -7.25
C ILE A 51 1.97 6.74 -8.56
N PRO A 52 1.85 5.82 -9.49
CA PRO A 52 1.22 6.09 -10.82
C PRO A 52 -0.30 6.16 -10.77
N ARG A 53 -0.90 6.35 -11.94
CA ARG A 53 -2.35 6.42 -12.04
C ARG A 53 -2.94 5.01 -12.05
N GLU A 54 -2.06 4.03 -12.18
CA GLU A 54 -2.48 2.63 -12.18
C GLU A 54 -2.62 2.15 -10.75
N ALA A 55 -1.69 2.57 -9.92
CA ALA A 55 -1.71 2.20 -8.52
C ALA A 55 -2.73 3.05 -7.80
N PHE A 56 -2.74 4.33 -8.10
CA PHE A 56 -3.69 5.25 -7.48
C PHE A 56 -4.96 5.32 -8.32
N VAL A 57 -5.95 4.54 -7.90
CA VAL A 57 -7.23 4.47 -8.60
C VAL A 57 -8.27 5.39 -7.95
N GLN A 58 -8.17 6.68 -8.24
CA GLN A 58 -9.11 7.66 -7.71
C GLN A 58 -8.82 7.98 -6.23
N PHE A 59 -7.71 7.47 -5.73
CA PHE A 59 -7.33 7.71 -4.34
C PHE A 59 -5.85 8.07 -4.25
N ASP B 1 10.61 4.20 -13.46
CA ASP B 1 10.38 2.85 -14.05
C ASP B 1 11.31 1.84 -13.37
N SER B 2 11.15 1.70 -12.06
CA SER B 2 11.97 0.76 -11.29
C SER B 2 11.38 0.55 -9.91
N GLY B 3 10.49 -0.43 -9.79
CA GLY B 3 9.87 -0.74 -8.51
C GLY B 3 9.25 0.52 -7.90
N PHE B 4 8.78 0.40 -6.66
CA PHE B 4 8.17 1.53 -5.97
C PHE B 4 8.20 1.32 -4.46
N SER B 5 8.21 2.42 -3.71
CA SER B 5 8.22 2.35 -2.25
C SER B 5 7.27 3.38 -1.66
N PHE B 6 6.80 3.11 -0.45
CA PHE B 6 5.86 4.03 0.22
C PHE B 6 6.50 4.65 1.46
N GLY B 7 6.01 4.28 2.63
CA GLY B 7 6.53 4.82 3.88
C GLY B 7 8.05 4.92 3.83
N SER B 8 8.72 3.87 4.31
CA SER B 8 10.19 3.86 4.32
C SER B 8 10.71 2.58 3.67
N LYS B 9 11.67 1.92 4.34
CA LYS B 9 12.24 0.70 3.82
C LYS B 9 12.93 0.95 2.47
#